data_2BH8
# 
_entry.id   2BH8 
# 
_audit_conform.dict_name       mmcif_pdbx.dic 
_audit_conform.dict_version    5.391 
_audit_conform.dict_location   http://mmcif.pdb.org/dictionaries/ascii/mmcif_pdbx.dic 
# 
loop_
_database_2.database_id 
_database_2.database_code 
_database_2.pdbx_database_accession 
_database_2.pdbx_DOI 
PDB   2BH8         pdb_00002bh8 10.2210/pdb2bh8/pdb 
PDBE  EBI-22317    ?            ?                   
WWPDB D_1290022317 ?            ?                   
# 
loop_
_pdbx_audit_revision_history.ordinal 
_pdbx_audit_revision_history.data_content_type 
_pdbx_audit_revision_history.major_revision 
_pdbx_audit_revision_history.minor_revision 
_pdbx_audit_revision_history.revision_date 
1 'Structure model' 1 0 2005-02-07 
2 'Structure model' 1 1 2011-07-13 
3 'Structure model' 1 2 2018-01-24 
4 'Structure model' 1 3 2024-05-08 
# 
_pdbx_audit_revision_details.ordinal             1 
_pdbx_audit_revision_details.revision_ordinal    1 
_pdbx_audit_revision_details.data_content_type   'Structure model' 
_pdbx_audit_revision_details.provider            repository 
_pdbx_audit_revision_details.type                'Initial release' 
_pdbx_audit_revision_details.description         ? 
_pdbx_audit_revision_details.details             ? 
# 
loop_
_pdbx_audit_revision_group.ordinal 
_pdbx_audit_revision_group.revision_ordinal 
_pdbx_audit_revision_group.data_content_type 
_pdbx_audit_revision_group.group 
1 2 'Structure model' Advisory                    
2 2 'Structure model' 'Refinement description'    
3 2 'Structure model' 'Version format compliance' 
4 3 'Structure model' 'Source and taxonomy'       
5 4 'Structure model' 'Data collection'           
6 4 'Structure model' 'Database references'       
7 4 'Structure model' Other                       
# 
loop_
_pdbx_audit_revision_category.ordinal 
_pdbx_audit_revision_category.revision_ordinal 
_pdbx_audit_revision_category.data_content_type 
_pdbx_audit_revision_category.category 
1 3 'Structure model' entity_src_gen       
2 4 'Structure model' chem_comp_atom       
3 4 'Structure model' chem_comp_bond       
4 4 'Structure model' database_2           
5 4 'Structure model' pdbx_database_status 
# 
loop_
_pdbx_audit_revision_item.ordinal 
_pdbx_audit_revision_item.revision_ordinal 
_pdbx_audit_revision_item.data_content_type 
_pdbx_audit_revision_item.item 
1 3 'Structure model' '_entity_src_gen.pdbx_host_org_ncbi_taxonomy_id' 
2 3 'Structure model' '_entity_src_gen.pdbx_host_org_scientific_name'  
3 3 'Structure model' '_entity_src_gen.pdbx_host_org_strain'           
4 3 'Structure model' '_entity_src_gen.pdbx_host_org_variant'          
5 4 'Structure model' '_database_2.pdbx_DOI'                           
6 4 'Structure model' '_database_2.pdbx_database_accession'            
7 4 'Structure model' '_pdbx_database_status.status_code_sf'           
# 
_pdbx_database_status.status_code                     REL 
_pdbx_database_status.entry_id                        2BH8 
_pdbx_database_status.deposit_site                    PDBE 
_pdbx_database_status.process_site                    PDBE 
_pdbx_database_status.SG_entry                        . 
_pdbx_database_status.recvd_initial_deposition_date   2005-01-07 
_pdbx_database_status.pdb_format_compatible           Y 
_pdbx_database_status.status_code_sf                  REL 
_pdbx_database_status.status_code_mr                  ? 
_pdbx_database_status.status_code_cs                  ? 
_pdbx_database_status.methods_development_category    ? 
_pdbx_database_status.status_code_nmr_data            ? 
# 
loop_
_pdbx_database_related.db_name 
_pdbx_database_related.db_id 
_pdbx_database_related.content_type 
_pdbx_database_related.details 
PDB 1MJC unspecified .                                                                      
PDB 3MEF unspecified 'MAJOR COLD-SHOCK PROTEIN FROM ESCHERICHIA COLI SOLUTION NMRSTRUCTURE' 
# 
loop_
_audit_author.name 
_audit_author.pdbx_ordinal 
'De Bono, S.'    1 
'Riechmann, L.'  2 
'Girard, E.'     3 
'Williams, R.L.' 4 
'Winter, G.'     5 
# 
_citation.id                        primary 
_citation.title                     'A Segment of Cold Shock Protein Directs the Folding of a Combinatorial Protein' 
_citation.journal_abbrev            Proc.Natl.Acad.Sci.USA 
_citation.journal_volume            102 
_citation.page_first                1396 
_citation.page_last                 ? 
_citation.year                      2005 
_citation.journal_id_ASTM           PNASA6 
_citation.country                   US 
_citation.journal_id_ISSN           0027-8424 
_citation.journal_id_CSD            0040 
_citation.book_publisher            ? 
_citation.pdbx_database_id_PubMed   15671167 
_citation.pdbx_database_id_DOI      10.1073/PNAS.0407298102 
# 
loop_
_citation_author.citation_id 
_citation_author.name 
_citation_author.ordinal 
_citation_author.identifier_ORCID 
primary 'De Bono, S.'    1 ? 
primary 'Riechmann, L.'  2 ? 
primary 'Girard, E.'     3 ? 
primary 'Williams, R.L.' 4 ? 
primary 'Winter, G.'     5 ? 
# 
loop_
_entity.id 
_entity.type 
_entity.src_method 
_entity.pdbx_description 
_entity.formula_weight 
_entity.pdbx_number_of_molecules 
_entity.pdbx_ec 
_entity.pdbx_mutation 
_entity.pdbx_fragment 
_entity.details 
1 polymer man 1B11  10738.937 2   ? ? ? 
'1B11 IS A POLYPEPTIDE THAT INCLUDES SEGMENTS FROM CSPA AND THE S1 DOMAIN OF THE 30S RIBOSOMAL SUBUNIT OF ESCHERICHIA COLI' 
2 water   nat water 18.015    144 ? ? ? ? 
# 
_entity_poly.entity_id                      1 
_entity_poly.type                           'polypeptide(L)' 
_entity_poly.nstd_linkage                   no 
_entity_poly.nstd_monomer                   no 
_entity_poly.pdbx_seq_one_letter_code       
;MRGSHHHHGSRLQSGKMTGIVKWFNADKGFGFITPDDGSKDVFVHFSAGSSGAAVRGNPQQGDRVEGKIKSITDFGIFIG
LDGGIDGLVHLSDISWAQAEA
;
_entity_poly.pdbx_seq_one_letter_code_can   
;MRGSHHHHGSRLQSGKMTGIVKWFNADKGFGFITPDDGSKDVFVHFSAGSSGAAVRGNPQQGDRVEGKIKSITDFGIFIG
LDGGIDGLVHLSDISWAQAEA
;
_entity_poly.pdbx_strand_id                 A,B 
_entity_poly.pdbx_target_identifier         ? 
# 
_pdbx_entity_nonpoly.entity_id   2 
_pdbx_entity_nonpoly.name        water 
_pdbx_entity_nonpoly.comp_id     HOH 
# 
loop_
_entity_poly_seq.entity_id 
_entity_poly_seq.num 
_entity_poly_seq.mon_id 
_entity_poly_seq.hetero 
1 1   MET n 
1 2   ARG n 
1 3   GLY n 
1 4   SER n 
1 5   HIS n 
1 6   HIS n 
1 7   HIS n 
1 8   HIS n 
1 9   GLY n 
1 10  SER n 
1 11  ARG n 
1 12  LEU n 
1 13  GLN n 
1 14  SER n 
1 15  GLY n 
1 16  LYS n 
1 17  MET n 
1 18  THR n 
1 19  GLY n 
1 20  ILE n 
1 21  VAL n 
1 22  LYS n 
1 23  TRP n 
1 24  PHE n 
1 25  ASN n 
1 26  ALA n 
1 27  ASP n 
1 28  LYS n 
1 29  GLY n 
1 30  PHE n 
1 31  GLY n 
1 32  PHE n 
1 33  ILE n 
1 34  THR n 
1 35  PRO n 
1 36  ASP n 
1 37  ASP n 
1 38  GLY n 
1 39  SER n 
1 40  LYS n 
1 41  ASP n 
1 42  VAL n 
1 43  PHE n 
1 44  VAL n 
1 45  HIS n 
1 46  PHE n 
1 47  SER n 
1 48  ALA n 
1 49  GLY n 
1 50  SER n 
1 51  SER n 
1 52  GLY n 
1 53  ALA n 
1 54  ALA n 
1 55  VAL n 
1 56  ARG n 
1 57  GLY n 
1 58  ASN n 
1 59  PRO n 
1 60  GLN n 
1 61  GLN n 
1 62  GLY n 
1 63  ASP n 
1 64  ARG n 
1 65  VAL n 
1 66  GLU n 
1 67  GLY n 
1 68  LYS n 
1 69  ILE n 
1 70  LYS n 
1 71  SER n 
1 72  ILE n 
1 73  THR n 
1 74  ASP n 
1 75  PHE n 
1 76  GLY n 
1 77  ILE n 
1 78  PHE n 
1 79  ILE n 
1 80  GLY n 
1 81  LEU n 
1 82  ASP n 
1 83  GLY n 
1 84  GLY n 
1 85  ILE n 
1 86  ASP n 
1 87  GLY n 
1 88  LEU n 
1 89  VAL n 
1 90  HIS n 
1 91  LEU n 
1 92  SER n 
1 93  ASP n 
1 94  ILE n 
1 95  SER n 
1 96  TRP n 
1 97  ALA n 
1 98  GLN n 
1 99  ALA n 
1 100 GLU n 
1 101 ALA n 
# 
_entity_src_gen.entity_id                          1 
_entity_src_gen.pdbx_src_id                        1 
_entity_src_gen.pdbx_alt_source_flag               sample 
_entity_src_gen.pdbx_seq_type                      ? 
_entity_src_gen.pdbx_beg_seq_num                   ? 
_entity_src_gen.pdbx_end_seq_num                   ? 
_entity_src_gen.gene_src_common_name               ? 
_entity_src_gen.gene_src_genus                     ? 
_entity_src_gen.pdbx_gene_src_gene                 ? 
_entity_src_gen.gene_src_species                   ? 
_entity_src_gen.gene_src_strain                    K12 
_entity_src_gen.gene_src_tissue                    ? 
_entity_src_gen.gene_src_tissue_fraction           ? 
_entity_src_gen.gene_src_details                   ? 
_entity_src_gen.pdbx_gene_src_fragment             ? 
_entity_src_gen.pdbx_gene_src_scientific_name      'ESCHERICHIA COLI' 
_entity_src_gen.pdbx_gene_src_ncbi_taxonomy_id     83333 
_entity_src_gen.pdbx_gene_src_variant              ? 
_entity_src_gen.pdbx_gene_src_cell_line            ? 
_entity_src_gen.pdbx_gene_src_atcc                 ? 
_entity_src_gen.pdbx_gene_src_organ                ? 
_entity_src_gen.pdbx_gene_src_organelle            ? 
_entity_src_gen.pdbx_gene_src_cell                 ? 
_entity_src_gen.pdbx_gene_src_cellular_location    ? 
_entity_src_gen.host_org_common_name               ? 
_entity_src_gen.pdbx_host_org_scientific_name      'ESCHERICHIA COLI BL21(DE3)' 
_entity_src_gen.pdbx_host_org_ncbi_taxonomy_id     469008 
_entity_src_gen.host_org_genus                     ? 
_entity_src_gen.pdbx_host_org_gene                 ? 
_entity_src_gen.pdbx_host_org_organ                ? 
_entity_src_gen.host_org_species                   ? 
_entity_src_gen.pdbx_host_org_tissue               ? 
_entity_src_gen.pdbx_host_org_tissue_fraction      ? 
_entity_src_gen.pdbx_host_org_strain               ? 
_entity_src_gen.pdbx_host_org_variant              C41 
_entity_src_gen.pdbx_host_org_cell_line            ? 
_entity_src_gen.pdbx_host_org_atcc                 ? 
_entity_src_gen.pdbx_host_org_culture_collection   ? 
_entity_src_gen.pdbx_host_org_cell                 ? 
_entity_src_gen.pdbx_host_org_organelle            ? 
_entity_src_gen.pdbx_host_org_cellular_location    ? 
_entity_src_gen.pdbx_host_org_vector_type          ? 
_entity_src_gen.pdbx_host_org_vector               ? 
_entity_src_gen.host_org_details                   ? 
_entity_src_gen.expression_system_id               ? 
_entity_src_gen.plasmid_name                       PQE30 
_entity_src_gen.plasmid_details                    ? 
_entity_src_gen.pdbx_description                   ? 
# 
loop_
_chem_comp.id 
_chem_comp.type 
_chem_comp.mon_nstd_flag 
_chem_comp.name 
_chem_comp.pdbx_synonyms 
_chem_comp.formula 
_chem_comp.formula_weight 
ALA 'L-peptide linking' y ALANINE         ? 'C3 H7 N O2'     89.093  
ARG 'L-peptide linking' y ARGININE        ? 'C6 H15 N4 O2 1' 175.209 
ASN 'L-peptide linking' y ASPARAGINE      ? 'C4 H8 N2 O3'    132.118 
ASP 'L-peptide linking' y 'ASPARTIC ACID' ? 'C4 H7 N O4'     133.103 
GLN 'L-peptide linking' y GLUTAMINE       ? 'C5 H10 N2 O3'   146.144 
GLU 'L-peptide linking' y 'GLUTAMIC ACID' ? 'C5 H9 N O4'     147.129 
GLY 'peptide linking'   y GLYCINE         ? 'C2 H5 N O2'     75.067  
HIS 'L-peptide linking' y HISTIDINE       ? 'C6 H10 N3 O2 1' 156.162 
HOH non-polymer         . WATER           ? 'H2 O'           18.015  
ILE 'L-peptide linking' y ISOLEUCINE      ? 'C6 H13 N O2'    131.173 
LEU 'L-peptide linking' y LEUCINE         ? 'C6 H13 N O2'    131.173 
LYS 'L-peptide linking' y LYSINE          ? 'C6 H15 N2 O2 1' 147.195 
MET 'L-peptide linking' y METHIONINE      ? 'C5 H11 N O2 S'  149.211 
PHE 'L-peptide linking' y PHENYLALANINE   ? 'C9 H11 N O2'    165.189 
PRO 'L-peptide linking' y PROLINE         ? 'C5 H9 N O2'     115.130 
SER 'L-peptide linking' y SERINE          ? 'C3 H7 N O3'     105.093 
THR 'L-peptide linking' y THREONINE       ? 'C4 H9 N O3'     119.119 
TRP 'L-peptide linking' y TRYPTOPHAN      ? 'C11 H12 N2 O2'  204.225 
VAL 'L-peptide linking' y VALINE          ? 'C5 H11 N O2'    117.146 
# 
loop_
_pdbx_poly_seq_scheme.asym_id 
_pdbx_poly_seq_scheme.entity_id 
_pdbx_poly_seq_scheme.seq_id 
_pdbx_poly_seq_scheme.mon_id 
_pdbx_poly_seq_scheme.ndb_seq_num 
_pdbx_poly_seq_scheme.pdb_seq_num 
_pdbx_poly_seq_scheme.auth_seq_num 
_pdbx_poly_seq_scheme.pdb_mon_id 
_pdbx_poly_seq_scheme.auth_mon_id 
_pdbx_poly_seq_scheme.pdb_strand_id 
_pdbx_poly_seq_scheme.pdb_ins_code 
_pdbx_poly_seq_scheme.hetero 
A 1 1   MET 1   3   ?   ?   ?   A . n 
A 1 2   ARG 2   4   ?   ?   ?   A . n 
A 1 3   GLY 3   5   ?   ?   ?   A . n 
A 1 4   SER 4   6   ?   ?   ?   A . n 
A 1 5   HIS 5   7   ?   ?   ?   A . n 
A 1 6   HIS 6   8   ?   ?   ?   A . n 
A 1 7   HIS 7   9   ?   ?   ?   A . n 
A 1 8   HIS 8   10  ?   ?   ?   A . n 
A 1 9   GLY 9   11  ?   ?   ?   A . n 
A 1 10  SER 10  12  ?   ?   ?   A . n 
A 1 11  ARG 11  13  ?   ?   ?   A . n 
A 1 12  LEU 12  14  ?   ?   ?   A . n 
A 1 13  GLN 13  15  ?   ?   ?   A . n 
A 1 14  SER 14  16  ?   ?   ?   A . n 
A 1 15  GLY 15  17  ?   ?   ?   A . n 
A 1 16  LYS 16  18  18  LYS LYS A . n 
A 1 17  MET 17  19  19  MET MET A . n 
A 1 18  THR 18  20  20  THR THR A . n 
A 1 19  GLY 19  21  21  GLY GLY A . n 
A 1 20  ILE 20  22  22  ILE ILE A . n 
A 1 21  VAL 21  23  23  VAL VAL A . n 
A 1 22  LYS 22  24  24  LYS LYS A . n 
A 1 23  TRP 23  25  25  TRP TRP A . n 
A 1 24  PHE 24  26  26  PHE PHE A . n 
A 1 25  ASN 25  27  27  ASN ASN A . n 
A 1 26  ALA 26  28  28  ALA ALA A . n 
A 1 27  ASP 27  29  29  ASP ASP A . n 
A 1 28  LYS 28  30  30  LYS LYS A . n 
A 1 29  GLY 29  31  31  GLY GLY A . n 
A 1 30  PHE 30  32  32  PHE PHE A . n 
A 1 31  GLY 31  33  33  GLY GLY A . n 
A 1 32  PHE 32  34  34  PHE PHE A . n 
A 1 33  ILE 33  35  35  ILE ILE A . n 
A 1 34  THR 34  36  36  THR THR A . n 
A 1 35  PRO 35  37  37  PRO PRO A . n 
A 1 36  ASP 36  38  38  ASP ASP A . n 
A 1 37  ASP 37  39  39  ASP ASP A . n 
A 1 38  GLY 38  40  40  GLY GLY A . n 
A 1 39  SER 39  41  41  SER SER A . n 
A 1 40  LYS 40  42  42  LYS LYS A . n 
A 1 41  ASP 41  43  43  ASP ASP A . n 
A 1 42  VAL 42  44  44  VAL VAL A . n 
A 1 43  PHE 43  45  45  PHE PHE A . n 
A 1 44  VAL 44  46  46  VAL VAL A . n 
A 1 45  HIS 45  47  47  HIS HIS A . n 
A 1 46  PHE 46  48  48  PHE PHE A . n 
A 1 47  SER 47  49  49  SER SER A . n 
A 1 48  ALA 48  50  50  ALA ALA A . n 
A 1 49  GLY 49  51  51  GLY GLY A . n 
A 1 50  SER 50  52  52  SER SER A . n 
A 1 51  SER 51  53  53  SER SER A . n 
A 1 52  GLY 52  54  54  GLY GLY A . n 
A 1 53  ALA 53  55  55  ALA ALA A . n 
A 1 54  ALA 54  56  56  ALA ALA A . n 
A 1 55  VAL 55  57  57  VAL VAL A . n 
A 1 56  ARG 56  58  58  ARG ARG A . n 
A 1 57  GLY 57  59  59  GLY GLY A . n 
A 1 58  ASN 58  60  60  ASN ASN A . n 
A 1 59  PRO 59  61  61  PRO PRO A . n 
A 1 60  GLN 60  62  62  GLN GLN A . n 
A 1 61  GLN 61  63  63  GLN GLN A . n 
A 1 62  GLY 62  64  64  GLY GLY A . n 
A 1 63  ASP 63  65  65  ASP ASP A . n 
A 1 64  ARG 64  66  66  ARG ARG A . n 
A 1 65  VAL 65  67  67  VAL VAL A . n 
A 1 66  GLU 66  68  68  GLU GLU A . n 
A 1 67  GLY 67  69  69  GLY GLY A . n 
A 1 68  LYS 68  70  70  LYS LYS A . n 
A 1 69  ILE 69  71  71  ILE ILE A . n 
A 1 70  LYS 70  72  72  LYS LYS A . n 
A 1 71  SER 71  73  73  SER SER A . n 
A 1 72  ILE 72  74  74  ILE ILE A . n 
A 1 73  THR 73  75  75  THR THR A . n 
A 1 74  ASP 74  76  76  ASP ASP A . n 
A 1 75  PHE 75  77  77  PHE PHE A . n 
A 1 76  GLY 76  78  78  GLY GLY A . n 
A 1 77  ILE 77  79  79  ILE ILE A . n 
A 1 78  PHE 78  80  80  PHE PHE A . n 
A 1 79  ILE 79  81  81  ILE ILE A . n 
A 1 80  GLY 80  82  82  GLY GLY A . n 
A 1 81  LEU 81  83  83  LEU LEU A . n 
A 1 82  ASP 82  84  84  ASP ASP A . n 
A 1 83  GLY 83  85  85  GLY GLY A . n 
A 1 84  GLY 84  86  86  GLY GLY A . n 
A 1 85  ILE 85  87  87  ILE ILE A . n 
A 1 86  ASP 86  88  88  ASP ASP A . n 
A 1 87  GLY 87  89  89  GLY GLY A . n 
A 1 88  LEU 88  90  90  LEU LEU A . n 
A 1 89  VAL 89  91  91  VAL VAL A . n 
A 1 90  HIS 90  92  92  HIS HIS A . n 
A 1 91  LEU 91  93  93  LEU LEU A . n 
A 1 92  SER 92  94  94  SER SER A . n 
A 1 93  ASP 93  95  95  ASP ASP A . n 
A 1 94  ILE 94  96  96  ILE ILE A . n 
A 1 95  SER 95  97  97  SER SER A . n 
A 1 96  TRP 96  98  98  TRP TRP A . n 
A 1 97  ALA 97  99  99  ALA ALA A . n 
A 1 98  GLN 98  100 100 GLN GLN A . n 
A 1 99  ALA 99  101 101 ALA ALA A . n 
A 1 100 GLU 100 102 102 GLU GLU A . n 
A 1 101 ALA 101 103 ?   ?   ?   A . n 
B 1 1   MET 1   3   ?   ?   ?   B . n 
B 1 2   ARG 2   4   ?   ?   ?   B . n 
B 1 3   GLY 3   5   ?   ?   ?   B . n 
B 1 4   SER 4   6   ?   ?   ?   B . n 
B 1 5   HIS 5   7   ?   ?   ?   B . n 
B 1 6   HIS 6   8   ?   ?   ?   B . n 
B 1 7   HIS 7   9   ?   ?   ?   B . n 
B 1 8   HIS 8   10  ?   ?   ?   B . n 
B 1 9   GLY 9   11  ?   ?   ?   B . n 
B 1 10  SER 10  12  ?   ?   ?   B . n 
B 1 11  ARG 11  13  ?   ?   ?   B . n 
B 1 12  LEU 12  14  ?   ?   ?   B . n 
B 1 13  GLN 13  15  ?   ?   ?   B . n 
B 1 14  SER 14  16  16  SER SER B . n 
B 1 15  GLY 15  17  17  GLY GLY B . n 
B 1 16  LYS 16  18  18  LYS LYS B . n 
B 1 17  MET 17  19  19  MET MET B . n 
B 1 18  THR 18  20  20  THR THR B . n 
B 1 19  GLY 19  21  21  GLY GLY B . n 
B 1 20  ILE 20  22  22  ILE ILE B . n 
B 1 21  VAL 21  23  23  VAL VAL B . n 
B 1 22  LYS 22  24  24  LYS LYS B . n 
B 1 23  TRP 23  25  25  TRP TRP B . n 
B 1 24  PHE 24  26  26  PHE PHE B . n 
B 1 25  ASN 25  27  27  ASN ASN B . n 
B 1 26  ALA 26  28  28  ALA ALA B . n 
B 1 27  ASP 27  29  29  ASP ASP B . n 
B 1 28  LYS 28  30  30  LYS LYS B . n 
B 1 29  GLY 29  31  31  GLY GLY B . n 
B 1 30  PHE 30  32  32  PHE PHE B . n 
B 1 31  GLY 31  33  33  GLY GLY B . n 
B 1 32  PHE 32  34  34  PHE PHE B . n 
B 1 33  ILE 33  35  35  ILE ILE B . n 
B 1 34  THR 34  36  36  THR THR B . n 
B 1 35  PRO 35  37  37  PRO PRO B . n 
B 1 36  ASP 36  38  38  ASP ASP B . n 
B 1 37  ASP 37  39  39  ASP ASP B . n 
B 1 38  GLY 38  40  40  GLY GLY B . n 
B 1 39  SER 39  41  41  SER SER B . n 
B 1 40  LYS 40  42  42  LYS LYS B . n 
B 1 41  ASP 41  43  43  ASP ASP B . n 
B 1 42  VAL 42  44  44  VAL VAL B . n 
B 1 43  PHE 43  45  45  PHE PHE B . n 
B 1 44  VAL 44  46  46  VAL VAL B . n 
B 1 45  HIS 45  47  47  HIS HIS B . n 
B 1 46  PHE 46  48  48  PHE PHE B . n 
B 1 47  SER 47  49  49  SER SER B . n 
B 1 48  ALA 48  50  50  ALA ALA B . n 
B 1 49  GLY 49  51  51  GLY GLY B . n 
B 1 50  SER 50  52  52  SER SER B . n 
B 1 51  SER 51  53  53  SER SER B . n 
B 1 52  GLY 52  54  54  GLY GLY B . n 
B 1 53  ALA 53  55  55  ALA ALA B . n 
B 1 54  ALA 54  56  56  ALA ALA B . n 
B 1 55  VAL 55  57  57  VAL VAL B . n 
B 1 56  ARG 56  58  58  ARG ARG B . n 
B 1 57  GLY 57  59  59  GLY GLY B . n 
B 1 58  ASN 58  60  60  ASN ASN B . n 
B 1 59  PRO 59  61  61  PRO PRO B . n 
B 1 60  GLN 60  62  62  GLN GLN B . n 
B 1 61  GLN 61  63  63  GLN GLN B . n 
B 1 62  GLY 62  64  64  GLY GLY B . n 
B 1 63  ASP 63  65  65  ASP ASP B . n 
B 1 64  ARG 64  66  66  ARG ARG B . n 
B 1 65  VAL 65  67  67  VAL VAL B . n 
B 1 66  GLU 66  68  68  GLU GLU B . n 
B 1 67  GLY 67  69  69  GLY GLY B . n 
B 1 68  LYS 68  70  70  LYS LYS B . n 
B 1 69  ILE 69  71  71  ILE ILE B . n 
B 1 70  LYS 70  72  72  LYS LYS B . n 
B 1 71  SER 71  73  73  SER SER B . n 
B 1 72  ILE 72  74  74  ILE ILE B . n 
B 1 73  THR 73  75  75  THR THR B . n 
B 1 74  ASP 74  76  76  ASP ASP B . n 
B 1 75  PHE 75  77  77  PHE PHE B . n 
B 1 76  GLY 76  78  78  GLY GLY B . n 
B 1 77  ILE 77  79  79  ILE ILE B . n 
B 1 78  PHE 78  80  80  PHE PHE B . n 
B 1 79  ILE 79  81  81  ILE ILE B . n 
B 1 80  GLY 80  82  82  GLY GLY B . n 
B 1 81  LEU 81  83  83  LEU LEU B . n 
B 1 82  ASP 82  84  84  ASP ASP B . n 
B 1 83  GLY 83  85  85  GLY GLY B . n 
B 1 84  GLY 84  86  86  GLY GLY B . n 
B 1 85  ILE 85  87  87  ILE ILE B . n 
B 1 86  ASP 86  88  88  ASP ASP B . n 
B 1 87  GLY 87  89  89  GLY GLY B . n 
B 1 88  LEU 88  90  90  LEU LEU B . n 
B 1 89  VAL 89  91  91  VAL VAL B . n 
B 1 90  HIS 90  92  92  HIS HIS B . n 
B 1 91  LEU 91  93  93  LEU LEU B . n 
B 1 92  SER 92  94  94  SER SER B . n 
B 1 93  ASP 93  95  95  ASP ASP B . n 
B 1 94  ILE 94  96  96  ILE ILE B . n 
B 1 95  SER 95  97  97  SER SER B . n 
B 1 96  TRP 96  98  98  TRP TRP B . n 
B 1 97  ALA 97  99  99  ALA ALA B . n 
B 1 98  GLN 98  100 100 GLN GLN B . n 
B 1 99  ALA 99  101 101 ALA ALA B . n 
B 1 100 GLU 100 102 ?   ?   ?   B . n 
B 1 101 ALA 101 103 ?   ?   ?   B . n 
# 
loop_
_pdbx_nonpoly_scheme.asym_id 
_pdbx_nonpoly_scheme.entity_id 
_pdbx_nonpoly_scheme.mon_id 
_pdbx_nonpoly_scheme.ndb_seq_num 
_pdbx_nonpoly_scheme.pdb_seq_num 
_pdbx_nonpoly_scheme.auth_seq_num 
_pdbx_nonpoly_scheme.pdb_mon_id 
_pdbx_nonpoly_scheme.auth_mon_id 
_pdbx_nonpoly_scheme.pdb_strand_id 
_pdbx_nonpoly_scheme.pdb_ins_code 
C 2 HOH 1  2001 2001 HOH HOH A . 
C 2 HOH 2  2002 2002 HOH HOH A . 
C 2 HOH 3  2003 2003 HOH HOH A . 
C 2 HOH 4  2004 2004 HOH HOH A . 
C 2 HOH 5  2005 2005 HOH HOH A . 
C 2 HOH 6  2006 2006 HOH HOH A . 
C 2 HOH 7  2007 2007 HOH HOH A . 
C 2 HOH 8  2008 2008 HOH HOH A . 
C 2 HOH 9  2009 2009 HOH HOH A . 
C 2 HOH 10 2010 2010 HOH HOH A . 
C 2 HOH 11 2011 2011 HOH HOH A . 
C 2 HOH 12 2012 2012 HOH HOH A . 
C 2 HOH 13 2013 2013 HOH HOH A . 
C 2 HOH 14 2014 2014 HOH HOH A . 
C 2 HOH 15 2015 2015 HOH HOH A . 
C 2 HOH 16 2016 2016 HOH HOH A . 
C 2 HOH 17 2017 2017 HOH HOH A . 
C 2 HOH 18 2018 2018 HOH HOH A . 
C 2 HOH 19 2019 2019 HOH HOH A . 
C 2 HOH 20 2020 2020 HOH HOH A . 
C 2 HOH 21 2021 2021 HOH HOH A . 
C 2 HOH 22 2022 2022 HOH HOH A . 
C 2 HOH 23 2023 2023 HOH HOH A . 
C 2 HOH 24 2024 2024 HOH HOH A . 
C 2 HOH 25 2025 2025 HOH HOH A . 
C 2 HOH 26 2026 2026 HOH HOH A . 
C 2 HOH 27 2027 2027 HOH HOH A . 
C 2 HOH 28 2028 2028 HOH HOH A . 
C 2 HOH 29 2029 2029 HOH HOH A . 
C 2 HOH 30 2030 2030 HOH HOH A . 
C 2 HOH 31 2031 2031 HOH HOH A . 
C 2 HOH 32 2032 2032 HOH HOH A . 
C 2 HOH 33 2033 2033 HOH HOH A . 
C 2 HOH 34 2034 2034 HOH HOH A . 
C 2 HOH 35 2035 2035 HOH HOH A . 
C 2 HOH 36 2036 2036 HOH HOH A . 
C 2 HOH 37 2037 2037 HOH HOH A . 
C 2 HOH 38 2038 2038 HOH HOH A . 
C 2 HOH 39 2039 2039 HOH HOH A . 
C 2 HOH 40 2040 2040 HOH HOH A . 
C 2 HOH 41 2041 2041 HOH HOH A . 
C 2 HOH 42 2042 2042 HOH HOH A . 
C 2 HOH 43 2043 2043 HOH HOH A . 
C 2 HOH 44 2044 2044 HOH HOH A . 
C 2 HOH 45 2045 2045 HOH HOH A . 
C 2 HOH 46 2046 2046 HOH HOH A . 
C 2 HOH 47 2047 2047 HOH HOH A . 
C 2 HOH 48 2048 2048 HOH HOH A . 
C 2 HOH 49 2049 2049 HOH HOH A . 
C 2 HOH 50 2050 2050 HOH HOH A . 
C 2 HOH 51 2051 2051 HOH HOH A . 
C 2 HOH 52 2052 2052 HOH HOH A . 
C 2 HOH 53 2053 2053 HOH HOH A . 
C 2 HOH 54 2054 2054 HOH HOH A . 
C 2 HOH 55 2055 2055 HOH HOH A . 
C 2 HOH 56 2056 2056 HOH HOH A . 
C 2 HOH 57 2057 2057 HOH HOH A . 
C 2 HOH 58 2058 2058 HOH HOH A . 
C 2 HOH 59 2059 2059 HOH HOH A . 
C 2 HOH 60 2060 2060 HOH HOH A . 
C 2 HOH 61 2061 2061 HOH HOH A . 
C 2 HOH 62 2062 2062 HOH HOH A . 
C 2 HOH 63 2063 2063 HOH HOH A . 
C 2 HOH 64 2064 2064 HOH HOH A . 
C 2 HOH 65 2065 2065 HOH HOH A . 
C 2 HOH 66 2066 2066 HOH HOH A . 
C 2 HOH 67 2067 2067 HOH HOH A . 
C 2 HOH 68 2068 2068 HOH HOH A . 
C 2 HOH 69 2069 2069 HOH HOH A . 
C 2 HOH 70 2070 2070 HOH HOH A . 
C 2 HOH 71 2071 2071 HOH HOH A . 
C 2 HOH 72 2072 2072 HOH HOH A . 
C 2 HOH 73 2073 2073 HOH HOH A . 
C 2 HOH 74 2074 2074 HOH HOH A . 
C 2 HOH 75 2075 2075 HOH HOH A . 
C 2 HOH 76 2076 2076 HOH HOH A . 
C 2 HOH 77 2077 2077 HOH HOH A . 
C 2 HOH 78 2078 2078 HOH HOH A . 
D 2 HOH 1  2001 2001 HOH HOH B . 
D 2 HOH 2  2002 2002 HOH HOH B . 
D 2 HOH 3  2003 2003 HOH HOH B . 
D 2 HOH 4  2004 2004 HOH HOH B . 
D 2 HOH 5  2005 2005 HOH HOH B . 
D 2 HOH 6  2006 2006 HOH HOH B . 
D 2 HOH 7  2007 2007 HOH HOH B . 
D 2 HOH 8  2008 2008 HOH HOH B . 
D 2 HOH 9  2009 2009 HOH HOH B . 
D 2 HOH 10 2010 2010 HOH HOH B . 
D 2 HOH 11 2011 2011 HOH HOH B . 
D 2 HOH 12 2012 2012 HOH HOH B . 
D 2 HOH 13 2013 2013 HOH HOH B . 
D 2 HOH 14 2014 2014 HOH HOH B . 
D 2 HOH 15 2015 2015 HOH HOH B . 
D 2 HOH 16 2016 2016 HOH HOH B . 
D 2 HOH 17 2017 2017 HOH HOH B . 
D 2 HOH 18 2018 2018 HOH HOH B . 
D 2 HOH 19 2019 2019 HOH HOH B . 
D 2 HOH 20 2020 2020 HOH HOH B . 
D 2 HOH 21 2021 2021 HOH HOH B . 
D 2 HOH 22 2022 2022 HOH HOH B . 
D 2 HOH 23 2023 2023 HOH HOH B . 
D 2 HOH 24 2024 2024 HOH HOH B . 
D 2 HOH 25 2025 2025 HOH HOH B . 
D 2 HOH 26 2026 2026 HOH HOH B . 
D 2 HOH 27 2027 2027 HOH HOH B . 
D 2 HOH 28 2028 2028 HOH HOH B . 
D 2 HOH 29 2029 2029 HOH HOH B . 
D 2 HOH 30 2030 2030 HOH HOH B . 
D 2 HOH 31 2031 2031 HOH HOH B . 
D 2 HOH 32 2032 2032 HOH HOH B . 
D 2 HOH 33 2033 2033 HOH HOH B . 
D 2 HOH 34 2034 2034 HOH HOH B . 
D 2 HOH 35 2035 2035 HOH HOH B . 
D 2 HOH 36 2036 2036 HOH HOH B . 
D 2 HOH 37 2037 2037 HOH HOH B . 
D 2 HOH 38 2038 2038 HOH HOH B . 
D 2 HOH 39 2039 2039 HOH HOH B . 
D 2 HOH 40 2040 2040 HOH HOH B . 
D 2 HOH 41 2041 2041 HOH HOH B . 
D 2 HOH 42 2042 2042 HOH HOH B . 
D 2 HOH 43 2043 2043 HOH HOH B . 
D 2 HOH 44 2044 2044 HOH HOH B . 
D 2 HOH 45 2045 2045 HOH HOH B . 
D 2 HOH 46 2046 2046 HOH HOH B . 
D 2 HOH 47 2047 2047 HOH HOH B . 
D 2 HOH 48 2048 2048 HOH HOH B . 
D 2 HOH 49 2049 2049 HOH HOH B . 
D 2 HOH 50 2050 2050 HOH HOH B . 
D 2 HOH 51 2051 2051 HOH HOH B . 
D 2 HOH 52 2052 2052 HOH HOH B . 
D 2 HOH 53 2053 2053 HOH HOH B . 
D 2 HOH 54 2054 2054 HOH HOH B . 
D 2 HOH 55 2055 2055 HOH HOH B . 
D 2 HOH 56 2056 2056 HOH HOH B . 
D 2 HOH 57 2057 2057 HOH HOH B . 
D 2 HOH 58 2058 2058 HOH HOH B . 
D 2 HOH 59 2059 2059 HOH HOH B . 
D 2 HOH 60 2060 2060 HOH HOH B . 
D 2 HOH 61 2061 2061 HOH HOH B . 
D 2 HOH 62 2062 2062 HOH HOH B . 
D 2 HOH 63 2063 2063 HOH HOH B . 
D 2 HOH 64 2064 2064 HOH HOH B . 
D 2 HOH 65 2065 2065 HOH HOH B . 
D 2 HOH 66 2066 2066 HOH HOH B . 
# 
loop_
_pdbx_unobs_or_zero_occ_atoms.id 
_pdbx_unobs_or_zero_occ_atoms.PDB_model_num 
_pdbx_unobs_or_zero_occ_atoms.polymer_flag 
_pdbx_unobs_or_zero_occ_atoms.occupancy_flag 
_pdbx_unobs_or_zero_occ_atoms.auth_asym_id 
_pdbx_unobs_or_zero_occ_atoms.auth_comp_id 
_pdbx_unobs_or_zero_occ_atoms.auth_seq_id 
_pdbx_unobs_or_zero_occ_atoms.PDB_ins_code 
_pdbx_unobs_or_zero_occ_atoms.auth_atom_id 
_pdbx_unobs_or_zero_occ_atoms.label_alt_id 
_pdbx_unobs_or_zero_occ_atoms.label_asym_id 
_pdbx_unobs_or_zero_occ_atoms.label_comp_id 
_pdbx_unobs_or_zero_occ_atoms.label_seq_id 
_pdbx_unobs_or_zero_occ_atoms.label_atom_id 
1  1 Y 1 A ARG 58 ? CG  ? A ARG 56 CG  
2  1 Y 1 A ARG 58 ? CD  ? A ARG 56 CD  
3  1 Y 1 A ARG 58 ? NE  ? A ARG 56 NE  
4  1 Y 1 A ARG 58 ? CZ  ? A ARG 56 CZ  
5  1 Y 1 A ARG 58 ? NH1 ? A ARG 56 NH1 
6  1 Y 1 A ARG 58 ? NH2 ? A ARG 56 NH2 
7  1 Y 1 B ARG 58 ? CG  ? B ARG 56 CG  
8  1 Y 1 B ARG 58 ? CD  ? B ARG 56 CD  
9  1 Y 1 B ARG 58 ? NE  ? B ARG 56 NE  
10 1 Y 1 B ARG 58 ? CZ  ? B ARG 56 CZ  
11 1 Y 1 B ARG 58 ? NH1 ? B ARG 56 NH1 
12 1 Y 1 B ARG 58 ? NH2 ? B ARG 56 NH2 
# 
loop_
_software.name 
_software.classification 
_software.version 
_software.citation_id 
_software.pdbx_ordinal 
REFMAC refinement       5.2.0005 ? 1 
MOSFLM 'data reduction' .        ? 2 
SCALA  'data scaling'   .        ? 3 
CCP4   phasing          .        ? 4 
SHARP  phasing          .        ? 5 
SnB    phasing          .        ? 6 
# 
_cell.entry_id           2BH8 
_cell.length_a           101.090 
_cell.length_b           101.090 
_cell.length_c           76.116 
_cell.angle_alpha        90.00 
_cell.angle_beta         90.00 
_cell.angle_gamma        90.00 
_cell.Z_PDB              32 
_cell.pdbx_unique_axis   ? 
# 
_symmetry.entry_id                         2BH8 
_symmetry.space_group_name_H-M             'I 4 2 2' 
_symmetry.pdbx_full_space_group_name_H-M   ? 
_symmetry.cell_setting                     ? 
_symmetry.Int_Tables_number                97 
# 
_exptl.entry_id          2BH8 
_exptl.method            'X-RAY DIFFRACTION' 
_exptl.crystals_number   1 
# 
_exptl_crystal.id                    1 
_exptl_crystal.density_meas          ? 
_exptl_crystal.density_Matthews      2.2 
_exptl_crystal.density_percent_sol   44 
_exptl_crystal.description           ? 
# 
_exptl_crystal_grow.crystal_id      1 
_exptl_crystal_grow.method          ? 
_exptl_crystal_grow.temp            ? 
_exptl_crystal_grow.temp_details    ? 
_exptl_crystal_grow.pH              5.60 
_exptl_crystal_grow.pdbx_pH_range   ? 
_exptl_crystal_grow.pdbx_details    '0.2 M NACL, 0.05 M MES PH5.6, 2.5 M (NH4)2SO4, pH 5.60' 
# 
_diffrn.id                     1 
_diffrn.ambient_temp           100.0 
_diffrn.ambient_temp_details   ? 
_diffrn.crystal_id             1 
# 
_diffrn_detector.diffrn_id              1 
_diffrn_detector.detector               CCD 
_diffrn_detector.type                   'ADSC CCD' 
_diffrn_detector.pdbx_collection_date   2001-02-16 
_diffrn_detector.details                'TORROIDAL MIRROR' 
# 
_diffrn_radiation.diffrn_id                        1 
_diffrn_radiation.wavelength_id                    1 
_diffrn_radiation.pdbx_monochromatic_or_laue_m_l   M 
_diffrn_radiation.monochromator                    'SI (111)' 
_diffrn_radiation.pdbx_diffrn_protocol             MAD 
_diffrn_radiation.pdbx_scattering_type             x-ray 
# 
_diffrn_radiation_wavelength.id           1 
_diffrn_radiation_wavelength.wavelength   0.979 
_diffrn_radiation_wavelength.wt           1.0 
# 
_diffrn_source.diffrn_id                   1 
_diffrn_source.source                      SYNCHROTRON 
_diffrn_source.type                        'ESRF BEAMLINE ID29' 
_diffrn_source.pdbx_synchrotron_site       ESRF 
_diffrn_source.pdbx_synchrotron_beamline   ID29 
_diffrn_source.pdbx_wavelength             0.979 
_diffrn_source.pdbx_wavelength_list        ? 
# 
_reflns.pdbx_diffrn_id               1 
_reflns.pdbx_ordinal                 1 
_reflns.entry_id                     2BH8 
_reflns.observed_criterion_sigma_I   0.000 
_reflns.observed_criterion_sigma_F   ? 
_reflns.d_resolution_low             60.000 
_reflns.d_resolution_high            1.900 
_reflns.number_obs                   15820 
_reflns.number_all                   ? 
_reflns.percent_possible_obs         99.9 
_reflns.pdbx_Rmerge_I_obs            0.08000 
_reflns.pdbx_Rsym_value              ? 
_reflns.pdbx_netI_over_sigmaI        19.2600 
_reflns.B_iso_Wilson_estimate        ? 
_reflns.pdbx_redundancy              4.800 
# 
_reflns_shell.pdbx_diffrn_id         1 
_reflns_shell.pdbx_ordinal           1 
_reflns_shell.d_res_high             1.90 
_reflns_shell.d_res_low              2.00 
_reflns_shell.percent_possible_all   99.9 
_reflns_shell.Rmerge_I_obs           0.36000 
_reflns_shell.pdbx_Rsym_value        ? 
_reflns_shell.meanI_over_sigI_obs    3.290 
_reflns_shell.pdbx_redundancy        3.50 
# 
_refine.pdbx_refine_id                           'X-RAY DIFFRACTION' 
_refine.entry_id                                 2BH8 
_refine.pdbx_diffrn_id                           1 
_refine.pdbx_TLS_residual_ADP_flag               'LIKELY RESIDUAL' 
_refine.ls_number_reflns_obs                     14490 
_refine.ls_number_reflns_all                     ? 
_refine.pdbx_ls_sigma_I                          ? 
_refine.pdbx_ls_sigma_F                          ? 
_refine.pdbx_data_cutoff_high_absF               ? 
_refine.pdbx_data_cutoff_low_absF                ? 
_refine.pdbx_data_cutoff_high_rms_absF           ? 
_refine.ls_d_res_low                             60.80 
_refine.ls_d_res_high                            1.90 
_refine.ls_percent_reflns_obs                    99.7 
_refine.ls_R_factor_obs                          0.197 
_refine.ls_R_factor_all                          ? 
_refine.ls_R_factor_R_work                       0.192 
_refine.ls_R_factor_R_free                       0.251 
_refine.ls_R_factor_R_free_error                 ? 
_refine.ls_R_factor_R_free_error_details         ? 
_refine.ls_percent_reflns_R_free                 8.300 
_refine.ls_number_reflns_R_free                  1316 
_refine.ls_number_parameters                     ? 
_refine.ls_number_restraints                     ? 
_refine.occupancy_min                            ? 
_refine.occupancy_max                            ? 
_refine.correlation_coeff_Fo_to_Fc               0.952 
_refine.correlation_coeff_Fo_to_Fc_free          0.927 
_refine.B_iso_mean                               25.50 
_refine.aniso_B[1][1]                            0.74000 
_refine.aniso_B[2][2]                            0.74000 
_refine.aniso_B[3][3]                            -1.48000 
_refine.aniso_B[1][2]                            0.00000 
_refine.aniso_B[1][3]                            0.00000 
_refine.aniso_B[2][3]                            0.00000 
_refine.solvent_model_details                    'BABINET MODEL WITH MASK' 
_refine.solvent_model_param_ksol                 ? 
_refine.solvent_model_param_bsol                 ? 
_refine.pdbx_solvent_vdw_probe_radii             1.20 
_refine.pdbx_solvent_ion_probe_radii             0.80 
_refine.pdbx_solvent_shrinkage_radii             0.80 
_refine.pdbx_ls_cross_valid_method               THROUGHOUT 
_refine.details                                  'HYDROGENS HAVE BEEN ADDED IN THE RIDING POSITIONS.' 
_refine.pdbx_starting_model                      ? 
_refine.pdbx_method_to_determine_struct          MAD 
_refine.pdbx_isotropic_thermal_model             ? 
_refine.pdbx_stereochemistry_target_values       'MAXIMUM LIKELIHOOD' 
_refine.pdbx_stereochem_target_val_spec_case     ? 
_refine.pdbx_R_Free_selection_details            RANDOM 
_refine.pdbx_overall_ESU_R                       0.150 
_refine.pdbx_overall_ESU_R_Free                  0.153 
_refine.overall_SU_ML                            0.098 
_refine.pdbx_overall_phase_error                 ? 
_refine.overall_SU_B                             ? 
_refine.overall_SU_R_Cruickshank_DPI             ? 
_refine.pdbx_overall_SU_R_free_Cruickshank_DPI   ? 
_refine.pdbx_overall_SU_R_Blow_DPI               ? 
_refine.pdbx_overall_SU_R_free_Blow_DPI          ? 
# 
_refine_hist.pdbx_refine_id                   'X-RAY DIFFRACTION' 
_refine_hist.cycle_id                         LAST 
_refine_hist.pdbx_number_atoms_protein        1259 
_refine_hist.pdbx_number_atoms_nucleic_acid   0 
_refine_hist.pdbx_number_atoms_ligand         0 
_refine_hist.number_atoms_solvent             144 
_refine_hist.number_atoms_total               1403 
_refine_hist.d_res_high                       1.90 
_refine_hist.d_res_low                        60.80 
# 
loop_
_refine_ls_restr.type 
_refine_ls_restr.dev_ideal 
_refine_ls_restr.dev_ideal_target 
_refine_ls_restr.weight 
_refine_ls_restr.number 
_refine_ls_restr.pdbx_refine_id 
_refine_ls_restr.pdbx_restraint_function 
r_bond_refined_d             0.018  0.022  ? 1287 'X-RAY DIFFRACTION' ? 
r_bond_other_d               0.001  0.020  ? 1129 'X-RAY DIFFRACTION' ? 
r_angle_refined_deg          1.656  1.920  ? 1733 'X-RAY DIFFRACTION' ? 
r_angle_other_deg            0.834  3.000  ? 2632 'X-RAY DIFFRACTION' ? 
r_dihedral_angle_1_deg       6.497  5.000  ? 169  'X-RAY DIFFRACTION' ? 
r_dihedral_angle_2_deg       28.603 25.273 ? 55   'X-RAY DIFFRACTION' ? 
r_dihedral_angle_3_deg       14.263 15.000 ? 199  'X-RAY DIFFRACTION' ? 
r_dihedral_angle_4_deg       21.655 15.000 ? 2    'X-RAY DIFFRACTION' ? 
r_chiral_restr               0.107  0.200  ? 182  'X-RAY DIFFRACTION' ? 
r_gen_planes_refined         0.007  0.020  ? 1483 'X-RAY DIFFRACTION' ? 
r_gen_planes_other           0.001  0.020  ? 271  'X-RAY DIFFRACTION' ? 
r_nbd_refined                0.244  0.200  ? 249  'X-RAY DIFFRACTION' ? 
r_nbd_other                  0.199  0.200  ? 1100 'X-RAY DIFFRACTION' ? 
r_nbtor_refined              0.186  0.200  ? 648  'X-RAY DIFFRACTION' ? 
r_nbtor_other                0.094  0.200  ? 815  'X-RAY DIFFRACTION' ? 
r_xyhbond_nbd_refined        0.212  0.200  ? 88   'X-RAY DIFFRACTION' ? 
r_xyhbond_nbd_other          ?      ?      ? ?    'X-RAY DIFFRACTION' ? 
r_metal_ion_refined          ?      ?      ? ?    'X-RAY DIFFRACTION' ? 
r_metal_ion_other            ?      ?      ? ?    'X-RAY DIFFRACTION' ? 
r_symmetry_vdw_refined       0.217  0.200  ? 40   'X-RAY DIFFRACTION' ? 
r_symmetry_vdw_other         0.232  0.200  ? 67   'X-RAY DIFFRACTION' ? 
r_symmetry_hbond_refined     0.335  0.200  ? 21   'X-RAY DIFFRACTION' ? 
r_symmetry_hbond_other       ?      ?      ? ?    'X-RAY DIFFRACTION' ? 
r_symmetry_metal_ion_refined ?      ?      ? ?    'X-RAY DIFFRACTION' ? 
r_symmetry_metal_ion_other   ?      ?      ? ?    'X-RAY DIFFRACTION' ? 
r_mcbond_it                  1.352  1.500  ? 877  'X-RAY DIFFRACTION' ? 
r_mcbond_other               ?      ?      ? ?    'X-RAY DIFFRACTION' ? 
r_mcangle_it                 1.994  2.000  ? 1307 'X-RAY DIFFRACTION' ? 
r_mcangle_other              ?      ?      ? ?    'X-RAY DIFFRACTION' ? 
r_scbond_it                  2.977  3.000  ? 514  'X-RAY DIFFRACTION' ? 
r_scbond_other               ?      ?      ? ?    'X-RAY DIFFRACTION' ? 
r_scangle_it                 4.425  4.500  ? 426  'X-RAY DIFFRACTION' ? 
r_scangle_other              ?      ?      ? ?    'X-RAY DIFFRACTION' ? 
r_long_range_B_refined       ?      ?      ? ?    'X-RAY DIFFRACTION' ? 
r_long_range_B_other         ?      ?      ? ?    'X-RAY DIFFRACTION' ? 
r_rigid_bond_restr           ?      ?      ? ?    'X-RAY DIFFRACTION' ? 
r_sphericity_free            ?      ?      ? ?    'X-RAY DIFFRACTION' ? 
r_sphericity_bonded          ?      ?      ? ?    'X-RAY DIFFRACTION' ? 
# 
loop_
_refine_ls_restr_ncs.dom_id 
_refine_ls_restr_ncs.pdbx_auth_asym_id 
_refine_ls_restr_ncs.pdbx_number 
_refine_ls_restr_ncs.rms_dev_position 
_refine_ls_restr_ncs.weight_position 
_refine_ls_restr_ncs.pdbx_type 
_refine_ls_restr_ncs.pdbx_ens_id 
_refine_ls_restr_ncs.pdbx_ordinal 
_refine_ls_restr_ncs.pdbx_refine_id 
_refine_ls_restr_ncs.ncs_model_details 
_refine_ls_restr_ncs.rms_dev_B_iso 
_refine_ls_restr_ncs.weight_B_iso 
_refine_ls_restr_ncs.pdbx_asym_id 
_refine_ls_restr_ncs.pdbx_rms 
_refine_ls_restr_ncs.pdbx_weight 
1 A 661 1.14 0.50 'medium positional' 1 1 'X-RAY DIFFRACTION' ? ? ? ? ? ? 
1 A 661 1.26 2.00 'medium thermal'    1 2 'X-RAY DIFFRACTION' ? ? ? ? ? ? 
# 
_refine_ls_shell.pdbx_refine_id                   'X-RAY DIFFRACTION' 
_refine_ls_shell.pdbx_total_number_of_bins_used   20 
_refine_ls_shell.d_res_high                       1.90 
_refine_ls_shell.d_res_low                        1.95 
_refine_ls_shell.number_reflns_R_work             1048 
_refine_ls_shell.R_factor_R_work                  0.2150 
_refine_ls_shell.percent_reflns_obs               ? 
_refine_ls_shell.R_factor_R_free                  0.2970 
_refine_ls_shell.R_factor_R_free_error            ? 
_refine_ls_shell.percent_reflns_R_free            ? 
_refine_ls_shell.number_reflns_R_free             101 
_refine_ls_shell.number_reflns_all                ? 
_refine_ls_shell.R_factor_all                     ? 
# 
_struct_ncs_oper.id             1 
_struct_ncs_oper.code           given 
_struct_ncs_oper.details        ? 
_struct_ncs_oper.matrix[1][1]   0.38810455 
_struct_ncs_oper.matrix[1][2]   -0.52634925 
_struct_ncs_oper.matrix[1][3]   0.75652633 
_struct_ncs_oper.matrix[2][1]   -0.51809327 
_struct_ncs_oper.matrix[2][2]   -0.80348710 
_struct_ncs_oper.matrix[2][3]   -0.29323561 
_struct_ncs_oper.matrix[3][1]   0.76220383 
_struct_ncs_oper.matrix[3][2]   -0.27814516 
_struct_ncs_oper.matrix[3][3]   -0.58453545 
_struct_ncs_oper.vector[1]      0.31253 
_struct_ncs_oper.vector[2]      0.40683 
_struct_ncs_oper.vector[3]      -0.12739 
# 
loop_
_struct_ncs_dom.id 
_struct_ncs_dom.details 
_struct_ncs_dom.pdbx_ens_id 
1 A 1 
2 B 1 
# 
loop_
_struct_ncs_dom_lim.dom_id 
_struct_ncs_dom_lim.beg_auth_asym_id 
_struct_ncs_dom_lim.beg_auth_seq_id 
_struct_ncs_dom_lim.end_auth_asym_id 
_struct_ncs_dom_lim.end_auth_seq_id 
_struct_ncs_dom_lim.pdbx_component_id 
_struct_ncs_dom_lim.pdbx_refine_code 
_struct_ncs_dom_lim.beg_label_asym_id 
_struct_ncs_dom_lim.beg_label_comp_id 
_struct_ncs_dom_lim.beg_label_seq_id 
_struct_ncs_dom_lim.beg_label_alt_id 
_struct_ncs_dom_lim.end_label_asym_id 
_struct_ncs_dom_lim.end_label_comp_id 
_struct_ncs_dom_lim.end_label_seq_id 
_struct_ncs_dom_lim.end_label_alt_id 
_struct_ncs_dom_lim.pdbx_ens_id 
_struct_ncs_dom_lim.selection_details 
_struct_ncs_dom_lim.beg_auth_comp_id 
_struct_ncs_dom_lim.end_auth_comp_id 
1 A 1  A 21  1 4 ? ? ? ? ? ? ? ? 1 ? ? ? 
2 B 1  B 21  1 4 ? ? ? ? ? ? ? ? 1 ? ? ? 
1 A 35 A 46  2 4 ? ? ? ? ? ? ? ? 1 ? ? ? 
2 B 35 B 46  2 4 ? ? ? ? ? ? ? ? 1 ? ? ? 
1 A 52 A 58  3 4 ? ? ? ? ? ? ? ? 1 ? ? ? 
2 B 52 B 58  3 4 ? ? ? ? ? ? ? ? 1 ? ? ? 
1 A 65 A 72  4 4 ? ? ? ? ? ? ? ? 1 ? ? ? 
2 B 65 B 72  4 4 ? ? ? ? ? ? ? ? 1 ? ? ? 
1 A 78 A 82  5 4 ? ? ? ? ? ? ? ? 1 ? ? ? 
2 B 78 B 82  5 4 ? ? ? ? ? ? ? ? 1 ? ? ? 
1 A 91 A 103 6 4 ? ? ? ? ? ? ? ? 1 ? ? ? 
2 B 91 B 103 6 4 ? ? ? ? ? ? ? ? 1 ? ? ? 
# 
_struct_ncs_ens.id        1 
_struct_ncs_ens.details   ? 
# 
_struct.entry_id                  2BH8 
_struct.title                     'Combinatorial Protein 1b11' 
_struct.pdbx_model_details        ? 
_struct.pdbx_CASP_flag            ? 
_struct.pdbx_model_type_details   ? 
# 
_struct_keywords.entry_id        2BH8 
_struct_keywords.pdbx_keywords   TRANSCRIPTION 
_struct_keywords.text            
;TRANSCRIPTION, MOLECULAR EVOLUTION, UNIQUE ARCHITECTURE, OB-FOLD, ACTIVATOR, DNA-BINDING, TRANSCRIPTION REGULATION, RNA- BINDING, RIBOSOMAL PROTEIN, PHOSPHORYLATION
;
# 
loop_
_struct_asym.id 
_struct_asym.pdbx_blank_PDB_chainid_flag 
_struct_asym.pdbx_modified 
_struct_asym.entity_id 
_struct_asym.details 
A N N 1 ? 
B N N 1 ? 
C N N 2 ? 
D N N 2 ? 
# 
loop_
_struct_ref.id 
_struct_ref.db_name 
_struct_ref.db_code 
_struct_ref.entity_id 
_struct_ref.pdbx_seq_one_letter_code 
_struct_ref.pdbx_align_begin 
_struct_ref.pdbx_db_accession 
_struct_ref.pdbx_db_isoform 
1 PDB 2BH8       1 ? ? 2BH8   ? 
2 UNP CSPA_ECOLI 1 ? ? P15277 ? 
3 UNP RS1_ECOLI  1 ? ? P02349 ? 
# 
loop_
_struct_ref_seq.align_id 
_struct_ref_seq.ref_id 
_struct_ref_seq.pdbx_PDB_id_code 
_struct_ref_seq.pdbx_strand_id 
_struct_ref_seq.seq_align_beg 
_struct_ref_seq.pdbx_seq_align_beg_ins_code 
_struct_ref_seq.seq_align_end 
_struct_ref_seq.pdbx_seq_align_end_ins_code 
_struct_ref_seq.pdbx_db_accession 
_struct_ref_seq.db_align_beg 
_struct_ref_seq.pdbx_db_align_beg_ins_code 
_struct_ref_seq.db_align_end 
_struct_ref_seq.pdbx_db_align_end_ins_code 
_struct_ref_seq.pdbx_auth_seq_align_beg 
_struct_ref_seq.pdbx_auth_seq_align_end 
1  1 2BH8 A 1  ? 13  ? 2BH8   3   ? 15  ? 3  15  
2  2 2BH8 A 14 ? 48  ? P15277 1   ? 35  ? 16 50  
3  1 2BH8 A 49 ? 61  ? 2BH8   51  ? 63  ? 51 63  
4  3 2BH8 A 62 ? 96  ? P02349 364 ? 398 ? 64 98  
5  1 2BH8 A 97 ? 101 ? 2BH8   99  ? 103 ? 99 103 
6  1 2BH8 B 1  ? 13  ? 2BH8   3   ? 15  ? 3  15  
7  2 2BH8 B 14 ? 48  ? P15277 1   ? 35  ? 16 50  
8  1 2BH8 B 49 ? 61  ? 2BH8   51  ? 63  ? 51 63  
9  3 2BH8 B 62 ? 96  ? P02349 364 ? 398 ? 64 98  
10 1 2BH8 B 97 ? 101 ? 2BH8   99  ? 103 ? 99 103 
# 
_pdbx_struct_assembly.id                   1 
_pdbx_struct_assembly.details              author_and_software_defined_assembly 
_pdbx_struct_assembly.method_details       PQS 
_pdbx_struct_assembly.oligomeric_details   tetrameric 
_pdbx_struct_assembly.oligomeric_count     4 
# 
_pdbx_struct_assembly_gen.assembly_id       1 
_pdbx_struct_assembly_gen.oper_expression   1,2 
_pdbx_struct_assembly_gen.asym_id_list      A,B,C,D 
# 
loop_
_pdbx_struct_oper_list.id 
_pdbx_struct_oper_list.type 
_pdbx_struct_oper_list.name 
_pdbx_struct_oper_list.symmetry_operation 
_pdbx_struct_oper_list.matrix[1][1] 
_pdbx_struct_oper_list.matrix[1][2] 
_pdbx_struct_oper_list.matrix[1][3] 
_pdbx_struct_oper_list.vector[1] 
_pdbx_struct_oper_list.matrix[2][1] 
_pdbx_struct_oper_list.matrix[2][2] 
_pdbx_struct_oper_list.matrix[2][3] 
_pdbx_struct_oper_list.vector[2] 
_pdbx_struct_oper_list.matrix[3][1] 
_pdbx_struct_oper_list.matrix[3][2] 
_pdbx_struct_oper_list.matrix[3][3] 
_pdbx_struct_oper_list.vector[3] 
1 'identity operation'         1_555 x,y,z   1.0000000000  0.0000000000 0.0000000000  0.0000000000  0.0000000000 1.0000000000 0.0000000000  0.0000000000  0.0000000000  0.0000000000  1.0000000000  0.0000000000 
2 'crystal symmetry operation' 6_555 x,-y,-z -0.7250442788 0.6880057121 -0.0309666587 13.8362536303 0.6880057121 0.7215566847 -0.0774860692 -5.1945187067 -0.0309666587 -0.0774860692 -0.9965124059 7.4434428502 
# 
_struct_biol.id   1 
# 
loop_
_struct_conf.conf_type_id 
_struct_conf.id 
_struct_conf.pdbx_PDB_helix_id 
_struct_conf.beg_label_comp_id 
_struct_conf.beg_label_asym_id 
_struct_conf.beg_label_seq_id 
_struct_conf.pdbx_beg_PDB_ins_code 
_struct_conf.end_label_comp_id 
_struct_conf.end_label_asym_id 
_struct_conf.end_label_seq_id 
_struct_conf.pdbx_end_PDB_ins_code 
_struct_conf.beg_auth_comp_id 
_struct_conf.beg_auth_asym_id 
_struct_conf.beg_auth_seq_id 
_struct_conf.end_auth_comp_id 
_struct_conf.end_auth_asym_id 
_struct_conf.end_auth_seq_id 
_struct_conf.pdbx_PDB_helix_class 
_struct_conf.details 
_struct_conf.pdbx_PDB_helix_length 
HELX_P HELX_P1 1 ALA A 26 ? LYS A 28 ? ALA A 28 LYS A 30 5 ? 3 
HELX_P HELX_P2 2 SER B 47 ? GLY B 52 ? SER B 49 GLY B 54 1 ? 6 
# 
_struct_conf_type.id          HELX_P 
_struct_conf_type.criteria    ? 
_struct_conf_type.reference   ? 
# 
loop_
_struct_sheet.id 
_struct_sheet.type 
_struct_sheet.number_strands 
_struct_sheet.details 
AA ? 8 ? 
AB ? 8 ? 
# 
loop_
_struct_sheet_order.sheet_id 
_struct_sheet_order.range_id_1 
_struct_sheet_order.range_id_2 
_struct_sheet_order.offset 
_struct_sheet_order.sense 
AA 1 2 ? anti-parallel 
AA 2 3 ? anti-parallel 
AA 3 4 ? anti-parallel 
AA 4 5 ? anti-parallel 
AA 5 6 ? anti-parallel 
AA 6 7 ? anti-parallel 
AB 1 2 ? anti-parallel 
AB 2 3 ? anti-parallel 
AB 3 4 ? anti-parallel 
AB 4 5 ? anti-parallel 
AB 5 6 ? anti-parallel 
AB 6 7 ? anti-parallel 
# 
loop_
_struct_sheet_range.sheet_id 
_struct_sheet_range.id 
_struct_sheet_range.beg_label_comp_id 
_struct_sheet_range.beg_label_asym_id 
_struct_sheet_range.beg_label_seq_id 
_struct_sheet_range.pdbx_beg_PDB_ins_code 
_struct_sheet_range.end_label_comp_id 
_struct_sheet_range.end_label_asym_id 
_struct_sheet_range.end_label_seq_id 
_struct_sheet_range.pdbx_end_PDB_ins_code 
_struct_sheet_range.beg_auth_comp_id 
_struct_sheet_range.beg_auth_asym_id 
_struct_sheet_range.beg_auth_seq_id 
_struct_sheet_range.end_auth_comp_id 
_struct_sheet_range.end_auth_asym_id 
_struct_sheet_range.end_auth_seq_id 
AA 1 MET A 17 ? ASN A 25 ? MET A 19 ASN A 27 
AA 2 ARG A 64 ? SER A 71 ? ARG A 66 SER A 73 
AA 3 ILE B 85 ? TRP B 96 ? ILE B 87 TRP B 98 
AA 4 PHE B 75 ? ILE B 79 ? PHE B 77 ILE B 81 
AA 5 ASP A 41 ? HIS A 45 ? ASP A 43 HIS A 47 
AA 6 PHE A 30 ? PRO A 35 ? PHE A 32 PRO A 37 
AA 7 MET A 17 ? ASN A 25 ? MET A 19 ASN A 27 
AA 8 MET A 17 ? ASN A 25 ? MET A 19 ASN A 27 
AB 1 PHE A 75 ? ILE A 79 ? PHE A 77 ILE A 81 
AB 2 ASP B 41 ? HIS B 45 ? ASP B 43 HIS B 47 
AB 3 PHE B 30 ? PRO B 35 ? PHE B 32 PRO B 37 
AB 4 GLY B 15 ? ASN B 25 ? GLY B 17 ASN B 27 
AB 5 ARG B 64 ? SER B 71 ? ARG B 66 SER B 73 
AB 6 ILE A 85 ? TRP A 96 ? ILE A 87 TRP A 98 
AB 7 PHE A 75 ? ILE A 79 ? PHE A 77 ILE A 81 
AB 8 PHE A 75 ? ILE A 79 ? PHE A 77 ILE A 81 
# 
loop_
_pdbx_struct_sheet_hbond.sheet_id 
_pdbx_struct_sheet_hbond.range_id_1 
_pdbx_struct_sheet_hbond.range_id_2 
_pdbx_struct_sheet_hbond.range_1_label_atom_id 
_pdbx_struct_sheet_hbond.range_1_label_comp_id 
_pdbx_struct_sheet_hbond.range_1_label_asym_id 
_pdbx_struct_sheet_hbond.range_1_label_seq_id 
_pdbx_struct_sheet_hbond.range_1_PDB_ins_code 
_pdbx_struct_sheet_hbond.range_1_auth_atom_id 
_pdbx_struct_sheet_hbond.range_1_auth_comp_id 
_pdbx_struct_sheet_hbond.range_1_auth_asym_id 
_pdbx_struct_sheet_hbond.range_1_auth_seq_id 
_pdbx_struct_sheet_hbond.range_2_label_atom_id 
_pdbx_struct_sheet_hbond.range_2_label_comp_id 
_pdbx_struct_sheet_hbond.range_2_label_asym_id 
_pdbx_struct_sheet_hbond.range_2_label_seq_id 
_pdbx_struct_sheet_hbond.range_2_PDB_ins_code 
_pdbx_struct_sheet_hbond.range_2_auth_atom_id 
_pdbx_struct_sheet_hbond.range_2_auth_comp_id 
_pdbx_struct_sheet_hbond.range_2_auth_asym_id 
_pdbx_struct_sheet_hbond.range_2_auth_seq_id 
AA 1 2 N GLY A 19 ? N GLY A 21 O VAL A 65 ? O VAL A 67 
AA 2 3 N LYS A 70 ? N LYS A 72 O HIS B 90 ? O HIS B 92 
AA 3 4 N VAL B 89 ? N VAL B 91 O GLY B 76 ? O GLY B 78 
AA 4 5 N ILE B 79 ? N ILE B 81 O ASP A 41 ? O ASP A 43 
AA 5 6 N VAL A 44 ? N VAL A 46 O GLY A 31 ? O GLY A 33 
AA 6 7 N THR A 34 ? N THR A 36 O ILE A 20 ? O ILE A 22 
AB 1 2 N ILE A 79 ? N ILE A 81 O ASP B 41 ? O ASP B 43 
AB 2 3 N VAL B 44 ? N VAL B 46 O GLY B 31 ? O GLY B 33 
AB 3 4 N THR B 34 ? N THR B 36 O ILE B 20 ? O ILE B 22 
AB 4 5 N GLY B 19 ? N GLY B 21 O VAL B 65 ? O VAL B 67 
AB 5 6 N LYS B 70 ? N LYS B 72 O HIS A 90 ? O HIS A 92 
AB 6 7 N VAL A 89 ? N VAL A 91 O GLY A 76 ? O GLY A 78 
# 
loop_
_pdbx_validate_torsion.id 
_pdbx_validate_torsion.PDB_model_num 
_pdbx_validate_torsion.auth_comp_id 
_pdbx_validate_torsion.auth_asym_id 
_pdbx_validate_torsion.auth_seq_id 
_pdbx_validate_torsion.PDB_ins_code 
_pdbx_validate_torsion.label_alt_id 
_pdbx_validate_torsion.phi 
_pdbx_validate_torsion.psi 
1 1 SER A 53 ? ? -140.71 20.60   
2 1 SER B 49 ? ? -121.77 -169.39 
# 
loop_
_pdbx_refine_tls.pdbx_refine_id 
_pdbx_refine_tls.id 
_pdbx_refine_tls.details 
_pdbx_refine_tls.method 
_pdbx_refine_tls.origin_x 
_pdbx_refine_tls.origin_y 
_pdbx_refine_tls.origin_z 
_pdbx_refine_tls.T[1][1] 
_pdbx_refine_tls.T[2][2] 
_pdbx_refine_tls.T[3][3] 
_pdbx_refine_tls.T[1][2] 
_pdbx_refine_tls.T[1][3] 
_pdbx_refine_tls.T[2][3] 
_pdbx_refine_tls.L[1][1] 
_pdbx_refine_tls.L[2][2] 
_pdbx_refine_tls.L[3][3] 
_pdbx_refine_tls.L[1][2] 
_pdbx_refine_tls.L[1][3] 
_pdbx_refine_tls.L[2][3] 
_pdbx_refine_tls.S[1][1] 
_pdbx_refine_tls.S[1][2] 
_pdbx_refine_tls.S[1][3] 
_pdbx_refine_tls.S[2][1] 
_pdbx_refine_tls.S[2][2] 
_pdbx_refine_tls.S[2][3] 
_pdbx_refine_tls.S[3][1] 
_pdbx_refine_tls.S[3][2] 
_pdbx_refine_tls.S[3][3] 
'X-RAY DIFFRACTION' 1 ? refined 9.1857   1.7376  -14.6456 0.0152  -0.0142 -0.0382 0.0064  0.0459 0.0247  1.7387 0.8719 0.6424  0.0783  0.4215  -0.6659 0.1011  0.0574  0.0983  0.0872  -0.0819 -0.0140 0.0184  0.0010  -0.0192 
'X-RAY DIFFRACTION' 2 ? refined 4.5860   8.5186  -12.5133 0.0523  -0.0527 0.0067  0.0332  0.0529 0.0495  5.1143 0.7809 8.9656  0.2258  -5.0166 -1.9874 0.0507  0.3581  0.1388  0.2364  0.0319  0.0925  -0.4069 -0.3649 -0.0825 
'X-RAY DIFFRACTION' 3 ? refined -4.2114  -3.0613 9.7509   -0.0117 0.0054  -0.0446 -0.0128 0.0057 -0.0234 0.9433 0.1808 1.2183  -0.0449 -0.4891 0.3947  0.1206  0.0241  -0.0033 -0.0658 -0.1505 0.0219  0.0374  -0.1116 0.0300  
'X-RAY DIFFRACTION' 4 ? refined -8.1124  -2.0588 14.3004  -0.0046 -0.0079 -0.0465 -0.0250 0.0068 -0.0484 2.4884 0.3117 2.0770  -0.0221 -0.7710 0.7635  -0.0266 -0.0725 -0.0132 -0.0352 -0.1416 0.0081  0.0417  -0.1243 0.1682  
'X-RAY DIFFRACTION' 5 ? refined -12.2855 -5.5972 8.3066   -0.0062 0.0459  -0.0367 -0.0721 0.0152 -0.0957 5.9377 0.4192 21.0671 -0.7254 -9.0186 -0.4589 -0.3205 0.5799  -0.3391 0.0236  -0.1088 0.1430  0.5374  -1.1737 0.4293  
'X-RAY DIFFRACTION' 6 ? refined 7.5616   2.5250  -7.1602  0.0118  0.0138  -0.0139 0.0288  0.0417 -0.0036 0.8889 0.9107 2.2684  0.4420  0.8369  -0.5953 0.1372  0.1254  0.1399  0.0415  -0.0734 -0.0582 -0.1058 0.0053  -0.0638  
# 
loop_
_pdbx_refine_tls_group.pdbx_refine_id 
_pdbx_refine_tls_group.id 
_pdbx_refine_tls_group.refine_tls_id 
_pdbx_refine_tls_group.beg_auth_asym_id 
_pdbx_refine_tls_group.beg_auth_seq_id 
_pdbx_refine_tls_group.beg_label_asym_id 
_pdbx_refine_tls_group.beg_label_seq_id 
_pdbx_refine_tls_group.end_auth_asym_id 
_pdbx_refine_tls_group.end_auth_seq_id 
_pdbx_refine_tls_group.end_label_asym_id 
_pdbx_refine_tls_group.end_label_seq_id 
_pdbx_refine_tls_group.selection 
_pdbx_refine_tls_group.selection_details 
'X-RAY DIFFRACTION' 1 1 A 18 ? ? A 64  ? ? ? ? 
'X-RAY DIFFRACTION' 2 2 A 65 ? ? A 73  ? ? ? ? 
'X-RAY DIFFRACTION' 3 3 A 74 ? ? A 102 ? ? ? ? 
'X-RAY DIFFRACTION' 4 4 B 16 ? ? B 64  ? ? ? ? 
'X-RAY DIFFRACTION' 5 5 B 65 ? ? B 73  ? ? ? ? 
'X-RAY DIFFRACTION' 6 6 B 74 ? ? B 101 ? ? ? ? 
# 
_pdbx_database_remark.id     700 
_pdbx_database_remark.text   
;
SHEET
DETERMINATION METHOD: DSSP
THE SHEETS PRESENTED AS "AA" IN EACH CHAIN ON SHEET RECORDS
BELOW IS ACTUALLY AN  7-STRANDED BARREL THIS IS REPRESENTED BY
A  8-STRANDED SHEET IN WHICH THE FIRST AND LAST STRANDS
ARE IDENTICAL.

DETERMINATION METHOD: DSSP
THE SHEETS PRESENTED AS "AB" IN EACH CHAIN ON SHEET RECORDS
BELOW IS ACTUALLY AN  7-STRANDED BARREL THIS IS REPRESENTED BY
A  8-STRANDED SHEET IN WHICH THE FIRST AND LAST STRANDS
ARE IDENTICAL.
;
# 
_pdbx_entry_details.entry_id                 2BH8 
_pdbx_entry_details.compound_details         
;FUNCTION: BINDS TO AND STIMULATES THE TRANSCRIPTION OF THE
 CCAAT-CONTAINING, COLD-SHOCK-INDUCIBLE PROMOTERS OF THE
 H-NS AND GYRA PROTEINS. BINDS MRNA
;
_pdbx_entry_details.source_details           ? 
_pdbx_entry_details.nonpolymer_details       ? 
_pdbx_entry_details.sequence_details         ? 
_pdbx_entry_details.has_ligand_of_interest   ? 
# 
loop_
_pdbx_unobs_or_zero_occ_residues.id 
_pdbx_unobs_or_zero_occ_residues.PDB_model_num 
_pdbx_unobs_or_zero_occ_residues.polymer_flag 
_pdbx_unobs_or_zero_occ_residues.occupancy_flag 
_pdbx_unobs_or_zero_occ_residues.auth_asym_id 
_pdbx_unobs_or_zero_occ_residues.auth_comp_id 
_pdbx_unobs_or_zero_occ_residues.auth_seq_id 
_pdbx_unobs_or_zero_occ_residues.PDB_ins_code 
_pdbx_unobs_or_zero_occ_residues.label_asym_id 
_pdbx_unobs_or_zero_occ_residues.label_comp_id 
_pdbx_unobs_or_zero_occ_residues.label_seq_id 
1  1 Y 1 A MET 3   ? A MET 1   
2  1 Y 1 A ARG 4   ? A ARG 2   
3  1 Y 1 A GLY 5   ? A GLY 3   
4  1 Y 1 A SER 6   ? A SER 4   
5  1 Y 1 A HIS 7   ? A HIS 5   
6  1 Y 1 A HIS 8   ? A HIS 6   
7  1 Y 1 A HIS 9   ? A HIS 7   
8  1 Y 1 A HIS 10  ? A HIS 8   
9  1 Y 1 A GLY 11  ? A GLY 9   
10 1 Y 1 A SER 12  ? A SER 10  
11 1 Y 1 A ARG 13  ? A ARG 11  
12 1 Y 1 A LEU 14  ? A LEU 12  
13 1 Y 1 A GLN 15  ? A GLN 13  
14 1 Y 1 A SER 16  ? A SER 14  
15 1 Y 1 A GLY 17  ? A GLY 15  
16 1 Y 1 A ALA 103 ? A ALA 101 
17 1 Y 1 B MET 3   ? B MET 1   
18 1 Y 1 B ARG 4   ? B ARG 2   
19 1 Y 1 B GLY 5   ? B GLY 3   
20 1 Y 1 B SER 6   ? B SER 4   
21 1 Y 1 B HIS 7   ? B HIS 5   
22 1 Y 1 B HIS 8   ? B HIS 6   
23 1 Y 1 B HIS 9   ? B HIS 7   
24 1 Y 1 B HIS 10  ? B HIS 8   
25 1 Y 1 B GLY 11  ? B GLY 9   
26 1 Y 1 B SER 12  ? B SER 10  
27 1 Y 1 B ARG 13  ? B ARG 11  
28 1 Y 1 B LEU 14  ? B LEU 12  
29 1 Y 1 B GLN 15  ? B GLN 13  
30 1 Y 1 B GLU 102 ? B GLU 100 
31 1 Y 1 B ALA 103 ? B ALA 101 
# 
loop_
_chem_comp_atom.comp_id 
_chem_comp_atom.atom_id 
_chem_comp_atom.type_symbol 
_chem_comp_atom.pdbx_aromatic_flag 
_chem_comp_atom.pdbx_stereo_config 
_chem_comp_atom.pdbx_ordinal 
ALA N    N N N 1   
ALA CA   C N S 2   
ALA C    C N N 3   
ALA O    O N N 4   
ALA CB   C N N 5   
ALA OXT  O N N 6   
ALA H    H N N 7   
ALA H2   H N N 8   
ALA HA   H N N 9   
ALA HB1  H N N 10  
ALA HB2  H N N 11  
ALA HB3  H N N 12  
ALA HXT  H N N 13  
ARG N    N N N 14  
ARG CA   C N S 15  
ARG C    C N N 16  
ARG O    O N N 17  
ARG CB   C N N 18  
ARG CG   C N N 19  
ARG CD   C N N 20  
ARG NE   N N N 21  
ARG CZ   C N N 22  
ARG NH1  N N N 23  
ARG NH2  N N N 24  
ARG OXT  O N N 25  
ARG H    H N N 26  
ARG H2   H N N 27  
ARG HA   H N N 28  
ARG HB2  H N N 29  
ARG HB3  H N N 30  
ARG HG2  H N N 31  
ARG HG3  H N N 32  
ARG HD2  H N N 33  
ARG HD3  H N N 34  
ARG HE   H N N 35  
ARG HH11 H N N 36  
ARG HH12 H N N 37  
ARG HH21 H N N 38  
ARG HH22 H N N 39  
ARG HXT  H N N 40  
ASN N    N N N 41  
ASN CA   C N S 42  
ASN C    C N N 43  
ASN O    O N N 44  
ASN CB   C N N 45  
ASN CG   C N N 46  
ASN OD1  O N N 47  
ASN ND2  N N N 48  
ASN OXT  O N N 49  
ASN H    H N N 50  
ASN H2   H N N 51  
ASN HA   H N N 52  
ASN HB2  H N N 53  
ASN HB3  H N N 54  
ASN HD21 H N N 55  
ASN HD22 H N N 56  
ASN HXT  H N N 57  
ASP N    N N N 58  
ASP CA   C N S 59  
ASP C    C N N 60  
ASP O    O N N 61  
ASP CB   C N N 62  
ASP CG   C N N 63  
ASP OD1  O N N 64  
ASP OD2  O N N 65  
ASP OXT  O N N 66  
ASP H    H N N 67  
ASP H2   H N N 68  
ASP HA   H N N 69  
ASP HB2  H N N 70  
ASP HB3  H N N 71  
ASP HD2  H N N 72  
ASP HXT  H N N 73  
GLN N    N N N 74  
GLN CA   C N S 75  
GLN C    C N N 76  
GLN O    O N N 77  
GLN CB   C N N 78  
GLN CG   C N N 79  
GLN CD   C N N 80  
GLN OE1  O N N 81  
GLN NE2  N N N 82  
GLN OXT  O N N 83  
GLN H    H N N 84  
GLN H2   H N N 85  
GLN HA   H N N 86  
GLN HB2  H N N 87  
GLN HB3  H N N 88  
GLN HG2  H N N 89  
GLN HG3  H N N 90  
GLN HE21 H N N 91  
GLN HE22 H N N 92  
GLN HXT  H N N 93  
GLU N    N N N 94  
GLU CA   C N S 95  
GLU C    C N N 96  
GLU O    O N N 97  
GLU CB   C N N 98  
GLU CG   C N N 99  
GLU CD   C N N 100 
GLU OE1  O N N 101 
GLU OE2  O N N 102 
GLU OXT  O N N 103 
GLU H    H N N 104 
GLU H2   H N N 105 
GLU HA   H N N 106 
GLU HB2  H N N 107 
GLU HB3  H N N 108 
GLU HG2  H N N 109 
GLU HG3  H N N 110 
GLU HE2  H N N 111 
GLU HXT  H N N 112 
GLY N    N N N 113 
GLY CA   C N N 114 
GLY C    C N N 115 
GLY O    O N N 116 
GLY OXT  O N N 117 
GLY H    H N N 118 
GLY H2   H N N 119 
GLY HA2  H N N 120 
GLY HA3  H N N 121 
GLY HXT  H N N 122 
HIS N    N N N 123 
HIS CA   C N S 124 
HIS C    C N N 125 
HIS O    O N N 126 
HIS CB   C N N 127 
HIS CG   C Y N 128 
HIS ND1  N Y N 129 
HIS CD2  C Y N 130 
HIS CE1  C Y N 131 
HIS NE2  N Y N 132 
HIS OXT  O N N 133 
HIS H    H N N 134 
HIS H2   H N N 135 
HIS HA   H N N 136 
HIS HB2  H N N 137 
HIS HB3  H N N 138 
HIS HD1  H N N 139 
HIS HD2  H N N 140 
HIS HE1  H N N 141 
HIS HE2  H N N 142 
HIS HXT  H N N 143 
HOH O    O N N 144 
HOH H1   H N N 145 
HOH H2   H N N 146 
ILE N    N N N 147 
ILE CA   C N S 148 
ILE C    C N N 149 
ILE O    O N N 150 
ILE CB   C N S 151 
ILE CG1  C N N 152 
ILE CG2  C N N 153 
ILE CD1  C N N 154 
ILE OXT  O N N 155 
ILE H    H N N 156 
ILE H2   H N N 157 
ILE HA   H N N 158 
ILE HB   H N N 159 
ILE HG12 H N N 160 
ILE HG13 H N N 161 
ILE HG21 H N N 162 
ILE HG22 H N N 163 
ILE HG23 H N N 164 
ILE HD11 H N N 165 
ILE HD12 H N N 166 
ILE HD13 H N N 167 
ILE HXT  H N N 168 
LEU N    N N N 169 
LEU CA   C N S 170 
LEU C    C N N 171 
LEU O    O N N 172 
LEU CB   C N N 173 
LEU CG   C N N 174 
LEU CD1  C N N 175 
LEU CD2  C N N 176 
LEU OXT  O N N 177 
LEU H    H N N 178 
LEU H2   H N N 179 
LEU HA   H N N 180 
LEU HB2  H N N 181 
LEU HB3  H N N 182 
LEU HG   H N N 183 
LEU HD11 H N N 184 
LEU HD12 H N N 185 
LEU HD13 H N N 186 
LEU HD21 H N N 187 
LEU HD22 H N N 188 
LEU HD23 H N N 189 
LEU HXT  H N N 190 
LYS N    N N N 191 
LYS CA   C N S 192 
LYS C    C N N 193 
LYS O    O N N 194 
LYS CB   C N N 195 
LYS CG   C N N 196 
LYS CD   C N N 197 
LYS CE   C N N 198 
LYS NZ   N N N 199 
LYS OXT  O N N 200 
LYS H    H N N 201 
LYS H2   H N N 202 
LYS HA   H N N 203 
LYS HB2  H N N 204 
LYS HB3  H N N 205 
LYS HG2  H N N 206 
LYS HG3  H N N 207 
LYS HD2  H N N 208 
LYS HD3  H N N 209 
LYS HE2  H N N 210 
LYS HE3  H N N 211 
LYS HZ1  H N N 212 
LYS HZ2  H N N 213 
LYS HZ3  H N N 214 
LYS HXT  H N N 215 
MET N    N N N 216 
MET CA   C N S 217 
MET C    C N N 218 
MET O    O N N 219 
MET CB   C N N 220 
MET CG   C N N 221 
MET SD   S N N 222 
MET CE   C N N 223 
MET OXT  O N N 224 
MET H    H N N 225 
MET H2   H N N 226 
MET HA   H N N 227 
MET HB2  H N N 228 
MET HB3  H N N 229 
MET HG2  H N N 230 
MET HG3  H N N 231 
MET HE1  H N N 232 
MET HE2  H N N 233 
MET HE3  H N N 234 
MET HXT  H N N 235 
PHE N    N N N 236 
PHE CA   C N S 237 
PHE C    C N N 238 
PHE O    O N N 239 
PHE CB   C N N 240 
PHE CG   C Y N 241 
PHE CD1  C Y N 242 
PHE CD2  C Y N 243 
PHE CE1  C Y N 244 
PHE CE2  C Y N 245 
PHE CZ   C Y N 246 
PHE OXT  O N N 247 
PHE H    H N N 248 
PHE H2   H N N 249 
PHE HA   H N N 250 
PHE HB2  H N N 251 
PHE HB3  H N N 252 
PHE HD1  H N N 253 
PHE HD2  H N N 254 
PHE HE1  H N N 255 
PHE HE2  H N N 256 
PHE HZ   H N N 257 
PHE HXT  H N N 258 
PRO N    N N N 259 
PRO CA   C N S 260 
PRO C    C N N 261 
PRO O    O N N 262 
PRO CB   C N N 263 
PRO CG   C N N 264 
PRO CD   C N N 265 
PRO OXT  O N N 266 
PRO H    H N N 267 
PRO HA   H N N 268 
PRO HB2  H N N 269 
PRO HB3  H N N 270 
PRO HG2  H N N 271 
PRO HG3  H N N 272 
PRO HD2  H N N 273 
PRO HD3  H N N 274 
PRO HXT  H N N 275 
SER N    N N N 276 
SER CA   C N S 277 
SER C    C N N 278 
SER O    O N N 279 
SER CB   C N N 280 
SER OG   O N N 281 
SER OXT  O N N 282 
SER H    H N N 283 
SER H2   H N N 284 
SER HA   H N N 285 
SER HB2  H N N 286 
SER HB3  H N N 287 
SER HG   H N N 288 
SER HXT  H N N 289 
THR N    N N N 290 
THR CA   C N S 291 
THR C    C N N 292 
THR O    O N N 293 
THR CB   C N R 294 
THR OG1  O N N 295 
THR CG2  C N N 296 
THR OXT  O N N 297 
THR H    H N N 298 
THR H2   H N N 299 
THR HA   H N N 300 
THR HB   H N N 301 
THR HG1  H N N 302 
THR HG21 H N N 303 
THR HG22 H N N 304 
THR HG23 H N N 305 
THR HXT  H N N 306 
TRP N    N N N 307 
TRP CA   C N S 308 
TRP C    C N N 309 
TRP O    O N N 310 
TRP CB   C N N 311 
TRP CG   C Y N 312 
TRP CD1  C Y N 313 
TRP CD2  C Y N 314 
TRP NE1  N Y N 315 
TRP CE2  C Y N 316 
TRP CE3  C Y N 317 
TRP CZ2  C Y N 318 
TRP CZ3  C Y N 319 
TRP CH2  C Y N 320 
TRP OXT  O N N 321 
TRP H    H N N 322 
TRP H2   H N N 323 
TRP HA   H N N 324 
TRP HB2  H N N 325 
TRP HB3  H N N 326 
TRP HD1  H N N 327 
TRP HE1  H N N 328 
TRP HE3  H N N 329 
TRP HZ2  H N N 330 
TRP HZ3  H N N 331 
TRP HH2  H N N 332 
TRP HXT  H N N 333 
VAL N    N N N 334 
VAL CA   C N S 335 
VAL C    C N N 336 
VAL O    O N N 337 
VAL CB   C N N 338 
VAL CG1  C N N 339 
VAL CG2  C N N 340 
VAL OXT  O N N 341 
VAL H    H N N 342 
VAL H2   H N N 343 
VAL HA   H N N 344 
VAL HB   H N N 345 
VAL HG11 H N N 346 
VAL HG12 H N N 347 
VAL HG13 H N N 348 
VAL HG21 H N N 349 
VAL HG22 H N N 350 
VAL HG23 H N N 351 
VAL HXT  H N N 352 
# 
loop_
_chem_comp_bond.comp_id 
_chem_comp_bond.atom_id_1 
_chem_comp_bond.atom_id_2 
_chem_comp_bond.value_order 
_chem_comp_bond.pdbx_aromatic_flag 
_chem_comp_bond.pdbx_stereo_config 
_chem_comp_bond.pdbx_ordinal 
ALA N   CA   sing N N 1   
ALA N   H    sing N N 2   
ALA N   H2   sing N N 3   
ALA CA  C    sing N N 4   
ALA CA  CB   sing N N 5   
ALA CA  HA   sing N N 6   
ALA C   O    doub N N 7   
ALA C   OXT  sing N N 8   
ALA CB  HB1  sing N N 9   
ALA CB  HB2  sing N N 10  
ALA CB  HB3  sing N N 11  
ALA OXT HXT  sing N N 12  
ARG N   CA   sing N N 13  
ARG N   H    sing N N 14  
ARG N   H2   sing N N 15  
ARG CA  C    sing N N 16  
ARG CA  CB   sing N N 17  
ARG CA  HA   sing N N 18  
ARG C   O    doub N N 19  
ARG C   OXT  sing N N 20  
ARG CB  CG   sing N N 21  
ARG CB  HB2  sing N N 22  
ARG CB  HB3  sing N N 23  
ARG CG  CD   sing N N 24  
ARG CG  HG2  sing N N 25  
ARG CG  HG3  sing N N 26  
ARG CD  NE   sing N N 27  
ARG CD  HD2  sing N N 28  
ARG CD  HD3  sing N N 29  
ARG NE  CZ   sing N N 30  
ARG NE  HE   sing N N 31  
ARG CZ  NH1  sing N N 32  
ARG CZ  NH2  doub N N 33  
ARG NH1 HH11 sing N N 34  
ARG NH1 HH12 sing N N 35  
ARG NH2 HH21 sing N N 36  
ARG NH2 HH22 sing N N 37  
ARG OXT HXT  sing N N 38  
ASN N   CA   sing N N 39  
ASN N   H    sing N N 40  
ASN N   H2   sing N N 41  
ASN CA  C    sing N N 42  
ASN CA  CB   sing N N 43  
ASN CA  HA   sing N N 44  
ASN C   O    doub N N 45  
ASN C   OXT  sing N N 46  
ASN CB  CG   sing N N 47  
ASN CB  HB2  sing N N 48  
ASN CB  HB3  sing N N 49  
ASN CG  OD1  doub N N 50  
ASN CG  ND2  sing N N 51  
ASN ND2 HD21 sing N N 52  
ASN ND2 HD22 sing N N 53  
ASN OXT HXT  sing N N 54  
ASP N   CA   sing N N 55  
ASP N   H    sing N N 56  
ASP N   H2   sing N N 57  
ASP CA  C    sing N N 58  
ASP CA  CB   sing N N 59  
ASP CA  HA   sing N N 60  
ASP C   O    doub N N 61  
ASP C   OXT  sing N N 62  
ASP CB  CG   sing N N 63  
ASP CB  HB2  sing N N 64  
ASP CB  HB3  sing N N 65  
ASP CG  OD1  doub N N 66  
ASP CG  OD2  sing N N 67  
ASP OD2 HD2  sing N N 68  
ASP OXT HXT  sing N N 69  
GLN N   CA   sing N N 70  
GLN N   H    sing N N 71  
GLN N   H2   sing N N 72  
GLN CA  C    sing N N 73  
GLN CA  CB   sing N N 74  
GLN CA  HA   sing N N 75  
GLN C   O    doub N N 76  
GLN C   OXT  sing N N 77  
GLN CB  CG   sing N N 78  
GLN CB  HB2  sing N N 79  
GLN CB  HB3  sing N N 80  
GLN CG  CD   sing N N 81  
GLN CG  HG2  sing N N 82  
GLN CG  HG3  sing N N 83  
GLN CD  OE1  doub N N 84  
GLN CD  NE2  sing N N 85  
GLN NE2 HE21 sing N N 86  
GLN NE2 HE22 sing N N 87  
GLN OXT HXT  sing N N 88  
GLU N   CA   sing N N 89  
GLU N   H    sing N N 90  
GLU N   H2   sing N N 91  
GLU CA  C    sing N N 92  
GLU CA  CB   sing N N 93  
GLU CA  HA   sing N N 94  
GLU C   O    doub N N 95  
GLU C   OXT  sing N N 96  
GLU CB  CG   sing N N 97  
GLU CB  HB2  sing N N 98  
GLU CB  HB3  sing N N 99  
GLU CG  CD   sing N N 100 
GLU CG  HG2  sing N N 101 
GLU CG  HG3  sing N N 102 
GLU CD  OE1  doub N N 103 
GLU CD  OE2  sing N N 104 
GLU OE2 HE2  sing N N 105 
GLU OXT HXT  sing N N 106 
GLY N   CA   sing N N 107 
GLY N   H    sing N N 108 
GLY N   H2   sing N N 109 
GLY CA  C    sing N N 110 
GLY CA  HA2  sing N N 111 
GLY CA  HA3  sing N N 112 
GLY C   O    doub N N 113 
GLY C   OXT  sing N N 114 
GLY OXT HXT  sing N N 115 
HIS N   CA   sing N N 116 
HIS N   H    sing N N 117 
HIS N   H2   sing N N 118 
HIS CA  C    sing N N 119 
HIS CA  CB   sing N N 120 
HIS CA  HA   sing N N 121 
HIS C   O    doub N N 122 
HIS C   OXT  sing N N 123 
HIS CB  CG   sing N N 124 
HIS CB  HB2  sing N N 125 
HIS CB  HB3  sing N N 126 
HIS CG  ND1  sing Y N 127 
HIS CG  CD2  doub Y N 128 
HIS ND1 CE1  doub Y N 129 
HIS ND1 HD1  sing N N 130 
HIS CD2 NE2  sing Y N 131 
HIS CD2 HD2  sing N N 132 
HIS CE1 NE2  sing Y N 133 
HIS CE1 HE1  sing N N 134 
HIS NE2 HE2  sing N N 135 
HIS OXT HXT  sing N N 136 
HOH O   H1   sing N N 137 
HOH O   H2   sing N N 138 
ILE N   CA   sing N N 139 
ILE N   H    sing N N 140 
ILE N   H2   sing N N 141 
ILE CA  C    sing N N 142 
ILE CA  CB   sing N N 143 
ILE CA  HA   sing N N 144 
ILE C   O    doub N N 145 
ILE C   OXT  sing N N 146 
ILE CB  CG1  sing N N 147 
ILE CB  CG2  sing N N 148 
ILE CB  HB   sing N N 149 
ILE CG1 CD1  sing N N 150 
ILE CG1 HG12 sing N N 151 
ILE CG1 HG13 sing N N 152 
ILE CG2 HG21 sing N N 153 
ILE CG2 HG22 sing N N 154 
ILE CG2 HG23 sing N N 155 
ILE CD1 HD11 sing N N 156 
ILE CD1 HD12 sing N N 157 
ILE CD1 HD13 sing N N 158 
ILE OXT HXT  sing N N 159 
LEU N   CA   sing N N 160 
LEU N   H    sing N N 161 
LEU N   H2   sing N N 162 
LEU CA  C    sing N N 163 
LEU CA  CB   sing N N 164 
LEU CA  HA   sing N N 165 
LEU C   O    doub N N 166 
LEU C   OXT  sing N N 167 
LEU CB  CG   sing N N 168 
LEU CB  HB2  sing N N 169 
LEU CB  HB3  sing N N 170 
LEU CG  CD1  sing N N 171 
LEU CG  CD2  sing N N 172 
LEU CG  HG   sing N N 173 
LEU CD1 HD11 sing N N 174 
LEU CD1 HD12 sing N N 175 
LEU CD1 HD13 sing N N 176 
LEU CD2 HD21 sing N N 177 
LEU CD2 HD22 sing N N 178 
LEU CD2 HD23 sing N N 179 
LEU OXT HXT  sing N N 180 
LYS N   CA   sing N N 181 
LYS N   H    sing N N 182 
LYS N   H2   sing N N 183 
LYS CA  C    sing N N 184 
LYS CA  CB   sing N N 185 
LYS CA  HA   sing N N 186 
LYS C   O    doub N N 187 
LYS C   OXT  sing N N 188 
LYS CB  CG   sing N N 189 
LYS CB  HB2  sing N N 190 
LYS CB  HB3  sing N N 191 
LYS CG  CD   sing N N 192 
LYS CG  HG2  sing N N 193 
LYS CG  HG3  sing N N 194 
LYS CD  CE   sing N N 195 
LYS CD  HD2  sing N N 196 
LYS CD  HD3  sing N N 197 
LYS CE  NZ   sing N N 198 
LYS CE  HE2  sing N N 199 
LYS CE  HE3  sing N N 200 
LYS NZ  HZ1  sing N N 201 
LYS NZ  HZ2  sing N N 202 
LYS NZ  HZ3  sing N N 203 
LYS OXT HXT  sing N N 204 
MET N   CA   sing N N 205 
MET N   H    sing N N 206 
MET N   H2   sing N N 207 
MET CA  C    sing N N 208 
MET CA  CB   sing N N 209 
MET CA  HA   sing N N 210 
MET C   O    doub N N 211 
MET C   OXT  sing N N 212 
MET CB  CG   sing N N 213 
MET CB  HB2  sing N N 214 
MET CB  HB3  sing N N 215 
MET CG  SD   sing N N 216 
MET CG  HG2  sing N N 217 
MET CG  HG3  sing N N 218 
MET SD  CE   sing N N 219 
MET CE  HE1  sing N N 220 
MET CE  HE2  sing N N 221 
MET CE  HE3  sing N N 222 
MET OXT HXT  sing N N 223 
PHE N   CA   sing N N 224 
PHE N   H    sing N N 225 
PHE N   H2   sing N N 226 
PHE CA  C    sing N N 227 
PHE CA  CB   sing N N 228 
PHE CA  HA   sing N N 229 
PHE C   O    doub N N 230 
PHE C   OXT  sing N N 231 
PHE CB  CG   sing N N 232 
PHE CB  HB2  sing N N 233 
PHE CB  HB3  sing N N 234 
PHE CG  CD1  doub Y N 235 
PHE CG  CD2  sing Y N 236 
PHE CD1 CE1  sing Y N 237 
PHE CD1 HD1  sing N N 238 
PHE CD2 CE2  doub Y N 239 
PHE CD2 HD2  sing N N 240 
PHE CE1 CZ   doub Y N 241 
PHE CE1 HE1  sing N N 242 
PHE CE2 CZ   sing Y N 243 
PHE CE2 HE2  sing N N 244 
PHE CZ  HZ   sing N N 245 
PHE OXT HXT  sing N N 246 
PRO N   CA   sing N N 247 
PRO N   CD   sing N N 248 
PRO N   H    sing N N 249 
PRO CA  C    sing N N 250 
PRO CA  CB   sing N N 251 
PRO CA  HA   sing N N 252 
PRO C   O    doub N N 253 
PRO C   OXT  sing N N 254 
PRO CB  CG   sing N N 255 
PRO CB  HB2  sing N N 256 
PRO CB  HB3  sing N N 257 
PRO CG  CD   sing N N 258 
PRO CG  HG2  sing N N 259 
PRO CG  HG3  sing N N 260 
PRO CD  HD2  sing N N 261 
PRO CD  HD3  sing N N 262 
PRO OXT HXT  sing N N 263 
SER N   CA   sing N N 264 
SER N   H    sing N N 265 
SER N   H2   sing N N 266 
SER CA  C    sing N N 267 
SER CA  CB   sing N N 268 
SER CA  HA   sing N N 269 
SER C   O    doub N N 270 
SER C   OXT  sing N N 271 
SER CB  OG   sing N N 272 
SER CB  HB2  sing N N 273 
SER CB  HB3  sing N N 274 
SER OG  HG   sing N N 275 
SER OXT HXT  sing N N 276 
THR N   CA   sing N N 277 
THR N   H    sing N N 278 
THR N   H2   sing N N 279 
THR CA  C    sing N N 280 
THR CA  CB   sing N N 281 
THR CA  HA   sing N N 282 
THR C   O    doub N N 283 
THR C   OXT  sing N N 284 
THR CB  OG1  sing N N 285 
THR CB  CG2  sing N N 286 
THR CB  HB   sing N N 287 
THR OG1 HG1  sing N N 288 
THR CG2 HG21 sing N N 289 
THR CG2 HG22 sing N N 290 
THR CG2 HG23 sing N N 291 
THR OXT HXT  sing N N 292 
TRP N   CA   sing N N 293 
TRP N   H    sing N N 294 
TRP N   H2   sing N N 295 
TRP CA  C    sing N N 296 
TRP CA  CB   sing N N 297 
TRP CA  HA   sing N N 298 
TRP C   O    doub N N 299 
TRP C   OXT  sing N N 300 
TRP CB  CG   sing N N 301 
TRP CB  HB2  sing N N 302 
TRP CB  HB3  sing N N 303 
TRP CG  CD1  doub Y N 304 
TRP CG  CD2  sing Y N 305 
TRP CD1 NE1  sing Y N 306 
TRP CD1 HD1  sing N N 307 
TRP CD2 CE2  doub Y N 308 
TRP CD2 CE3  sing Y N 309 
TRP NE1 CE2  sing Y N 310 
TRP NE1 HE1  sing N N 311 
TRP CE2 CZ2  sing Y N 312 
TRP CE3 CZ3  doub Y N 313 
TRP CE3 HE3  sing N N 314 
TRP CZ2 CH2  doub Y N 315 
TRP CZ2 HZ2  sing N N 316 
TRP CZ3 CH2  sing Y N 317 
TRP CZ3 HZ3  sing N N 318 
TRP CH2 HH2  sing N N 319 
TRP OXT HXT  sing N N 320 
VAL N   CA   sing N N 321 
VAL N   H    sing N N 322 
VAL N   H2   sing N N 323 
VAL CA  C    sing N N 324 
VAL CA  CB   sing N N 325 
VAL CA  HA   sing N N 326 
VAL C   O    doub N N 327 
VAL C   OXT  sing N N 328 
VAL CB  CG1  sing N N 329 
VAL CB  CG2  sing N N 330 
VAL CB  HB   sing N N 331 
VAL CG1 HG11 sing N N 332 
VAL CG1 HG12 sing N N 333 
VAL CG1 HG13 sing N N 334 
VAL CG2 HG21 sing N N 335 
VAL CG2 HG22 sing N N 336 
VAL CG2 HG23 sing N N 337 
VAL OXT HXT  sing N N 338 
# 
_atom_sites.entry_id                    2BH8 
_atom_sites.fract_transf_matrix[1][1]   0.00366776 
_atom_sites.fract_transf_matrix[1][2]   0.00917761 
_atom_sites.fract_transf_matrix[1][3]   -0.00041308 
_atom_sites.fract_transf_matrix[2][1]   -0.00343882 
_atom_sites.fract_transf_matrix[2][2]   0.00095907 
_atom_sites.fract_transf_matrix[2][3]   -0.00922531 
_atom_sites.fract_transf_matrix[3][1]   -0.01131449 
_atom_sites.fract_transf_matrix[3][2]   0.00473372 
_atom_sites.fract_transf_matrix[3][3]   0.00470970 
_atom_sites.fract_transf_vector[1]      0.267018 
_atom_sites.fract_transf_vector[2]      0.060615 
_atom_sites.fract_transf_vector[3]      0.073042 
# 
loop_
_atom_type.symbol 
C 
N 
O 
S 
# 
loop_
_atom_site.group_PDB 
_atom_site.id 
_atom_site.type_symbol 
_atom_site.label_atom_id 
_atom_site.label_alt_id 
_atom_site.label_comp_id 
_atom_site.label_asym_id 
_atom_site.label_entity_id 
_atom_site.label_seq_id 
_atom_site.pdbx_PDB_ins_code 
_atom_site.Cartn_x 
_atom_site.Cartn_y 
_atom_site.Cartn_z 
_atom_site.occupancy 
_atom_site.B_iso_or_equiv 
_atom_site.pdbx_formal_charge 
_atom_site.auth_seq_id 
_atom_site.auth_comp_id 
_atom_site.auth_asym_id 
_atom_site.auth_atom_id 
_atom_site.pdbx_PDB_model_num 
ATOM   1    N N   . LYS A 1 16  ? 2.067   13.262  -9.307  1.00 41.02 ? 18   LYS A N   1 
ATOM   2    C CA  . LYS A 1 16  ? 2.585   13.150  -10.723 1.00 40.66 ? 18   LYS A CA  1 
ATOM   3    C C   . LYS A 1 16  ? 4.056   12.864  -10.670 1.00 39.62 ? 18   LYS A C   1 
ATOM   4    O O   . LYS A 1 16  ? 4.807   13.671  -10.177 1.00 40.26 ? 18   LYS A O   1 
ATOM   5    C CB  . LYS A 1 16  ? 2.379   14.438  -11.522 1.00 41.43 ? 18   LYS A CB  1 
ATOM   6    C CG  . LYS A 1 16  ? 0.924   14.918  -11.616 1.00 44.79 ? 18   LYS A CG  1 
ATOM   7    C CD  . LYS A 1 16  ? -0.023  13.882  -12.279 1.00 47.03 ? 18   LYS A CD  1 
ATOM   8    C CE  . LYS A 1 16  ? -1.003  14.548  -13.256 1.00 48.85 ? 18   LYS A CE  1 
ATOM   9    N NZ  . LYS A 1 16  ? -1.511  15.895  -12.792 1.00 48.74 ? 18   LYS A NZ  1 
ATOM   10   N N   . MET A 1 17  ? 4.470   11.705  -11.157 1.00 38.09 ? 19   MET A N   1 
ATOM   11   C CA  . MET A 1 17  ? 5.859   11.322  -11.132 1.00 38.78 ? 19   MET A CA  1 
ATOM   12   C C   . MET A 1 17  ? 6.371   11.143  -12.577 1.00 35.36 ? 19   MET A C   1 
ATOM   13   O O   . MET A 1 17  ? 5.838   10.361  -13.323 1.00 34.86 ? 19   MET A O   1 
ATOM   14   C CB  . MET A 1 17  ? 6.019   10.021  -10.346 1.00 38.73 ? 19   MET A CB  1 
ATOM   15   C CG  . MET A 1 17  ? 7.357   9.941   -9.668  1.00 42.29 ? 19   MET A CG  1 
ATOM   16   S SD  . MET A 1 17  ? 7.961   8.260   -9.485  1.00 46.49 ? 19   MET A SD  1 
ATOM   17   C CE  . MET A 1 17  ? 7.525   7.804   -7.853  1.00 47.02 ? 19   MET A CE  1 
ATOM   18   N N   . THR A 1 18  ? 7.366   11.907  -12.981 1.00 32.68 ? 20   THR A N   1 
ATOM   19   C CA  . THR A 1 18  ? 7.941   11.739  -14.296 1.00 30.98 ? 20   THR A CA  1 
ATOM   20   C C   . THR A 1 18  ? 9.389   11.325  -14.107 1.00 29.21 ? 20   THR A C   1 
ATOM   21   O O   . THR A 1 18  ? 10.037  11.756  -13.170 1.00 29.49 ? 20   THR A O   1 
ATOM   22   C CB  . THR A 1 18  ? 7.861   13.021  -15.103 1.00 32.00 ? 20   THR A CB  1 
ATOM   23   O OG1 . THR A 1 18  ? 8.425   14.066  -14.319 1.00 34.73 ? 20   THR A OG1 1 
ATOM   24   C CG2 . THR A 1 18  ? 6.414   13.359  -15.422 1.00 32.29 ? 20   THR A CG2 1 
ATOM   25   N N   . GLY A 1 19  ? 9.913   10.491  -15.002 1.00 26.87 ? 21   GLY A N   1 
ATOM   26   C CA  . GLY A 1 19  ? 11.243  10.006  -14.807 1.00 25.46 ? 21   GLY A CA  1 
ATOM   27   C C   . GLY A 1 19  ? 11.742  9.250   -16.002 1.00 24.46 ? 21   GLY A C   1 
ATOM   28   O O   . GLY A 1 19  ? 11.161  9.314   -17.069 1.00 23.89 ? 21   GLY A O   1 
ATOM   29   N N   . ILE A 1 20  ? 12.835  8.551   -15.785 1.00 23.20 ? 22   ILE A N   1 
ATOM   30   C CA  . ILE A 1 20  ? 13.580  7.856   -16.820 1.00 23.79 ? 22   ILE A CA  1 
ATOM   31   C C   . ILE A 1 20  ? 13.859  6.436   -16.375 1.00 23.11 ? 22   ILE A C   1 
ATOM   32   O O   . ILE A 1 20  ? 14.222  6.223   -15.244 1.00 21.82 ? 22   ILE A O   1 
ATOM   33   C CB  . ILE A 1 20  ? 14.910  8.568   -17.087 1.00 24.10 ? 22   ILE A CB  1 
ATOM   34   C CG1 . ILE A 1 20  ? 14.651  9.960   -17.687 1.00 24.72 ? 22   ILE A CG1 1 
ATOM   35   C CG2 . ILE A 1 20  ? 15.829  7.703   -18.010 1.00 25.58 ? 22   ILE A CG2 1 
ATOM   36   C CD1 . ILE A 1 20  ? 14.021  9.989   -19.060 1.00 28.32 ? 22   ILE A CD1 1 
ATOM   37   N N   . VAL A 1 21  ? 13.639  5.500   -17.294 1.00 23.41 ? 23   VAL A N   1 
ATOM   38   C CA  . VAL A 1 21  ? 13.895  4.078   -17.085 1.00 23.16 ? 23   VAL A CA  1 
ATOM   39   C C   . VAL A 1 21  ? 15.396  3.767   -16.921 1.00 22.67 ? 23   VAL A C   1 
ATOM   40   O O   . VAL A 1 21  ? 16.236  4.110   -17.750 1.00 22.52 ? 23   VAL A O   1 
ATOM   41   C CB  . VAL A 1 21  ? 13.264  3.234   -18.212 1.00 22.94 ? 23   VAL A CB  1 
ATOM   42   C CG1 . VAL A 1 21  ? 13.697  1.774   -18.156 1.00 25.48 ? 23   VAL A CG1 1 
ATOM   43   C CG2 . VAL A 1 21  ? 11.749  3.412   -18.239 1.00 23.89 ? 23   VAL A CG2 1 
ATOM   44   N N   . LYS A 1 22  ? 15.727  3.113   -15.820 1.00 21.32 ? 24   LYS A N   1 
ATOM   45   C CA  . LYS A 1 22  ? 17.040  2.541   -15.648 1.00 20.93 ? 24   LYS A CA  1 
ATOM   46   C C   . LYS A 1 22  ? 17.070  1.084   -16.084 1.00 21.80 ? 24   LYS A C   1 
ATOM   47   O O   . LYS A 1 22  ? 18.006  0.637   -16.781 1.00 21.19 ? 24   LYS A O   1 
ATOM   48   C CB  . LYS A 1 22  ? 17.463  2.646   -14.194 1.00 22.90 ? 24   LYS A CB  1 
ATOM   49   C CG  . LYS A 1 22  ? 17.549  4.075   -13.654 1.00 25.41 ? 24   LYS A CG  1 
ATOM   50   C CD  . LYS A 1 22  ? 18.487  4.967   -14.392 1.00 29.14 ? 24   LYS A CD  1 
ATOM   51   C CE  . LYS A 1 22  ? 19.958  4.679   -14.089 1.00 33.28 ? 24   LYS A CE  1 
ATOM   52   N NZ  . LYS A 1 22  ? 20.838  5.597   -14.826 1.00 32.73 ? 24   LYS A NZ  1 
ATOM   53   N N   . TRP A 1 23  ? 16.073  0.322   -15.660 1.00 21.19 ? 25   TRP A N   1 
ATOM   54   C CA  . TRP A 1 23  ? 15.839  -0.989  -16.203 1.00 22.44 ? 25   TRP A CA  1 
ATOM   55   C C   . TRP A 1 23  ? 14.390  -1.351  -16.000 1.00 21.39 ? 25   TRP A C   1 
ATOM   56   O O   . TRP A 1 23  ? 13.682  -0.721  -15.211 1.00 20.96 ? 25   TRP A O   1 
ATOM   57   C CB  . TRP A 1 23  ? 16.759  -2.070  -15.581 1.00 24.22 ? 25   TRP A CB  1 
ATOM   58   C CG  . TRP A 1 23  ? 16.967  -2.041  -14.159 1.00 27.35 ? 25   TRP A CG  1 
ATOM   59   C CD1 . TRP A 1 23  ? 17.996  -1.433  -13.496 1.00 26.58 ? 25   TRP A CD1 1 
ATOM   60   C CD2 . TRP A 1 23  ? 16.161  -2.683  -13.166 1.00 28.13 ? 25   TRP A CD2 1 
ATOM   61   N NE1 . TRP A 1 23  ? 17.863  -1.617  -12.152 1.00 28.90 ? 25   TRP A NE1 1 
ATOM   62   C CE2 . TRP A 1 23  ? 16.761  -2.408  -11.918 1.00 30.74 ? 25   TRP A CE2 1 
ATOM   63   C CE3 . TRP A 1 23  ? 14.966  -3.434  -13.213 1.00 26.67 ? 25   TRP A CE3 1 
ATOM   64   C CZ2 . TRP A 1 23  ? 16.227  -2.867  -10.707 1.00 28.51 ? 25   TRP A CZ2 1 
ATOM   65   C CZ3 . TRP A 1 23  ? 14.426  -3.899  -11.992 1.00 28.00 ? 25   TRP A CZ3 1 
ATOM   66   C CH2 . TRP A 1 23  ? 15.055  -3.609  -10.774 1.00 28.35 ? 25   TRP A CH2 1 
ATOM   67   N N   . PHE A 1 24  ? 13.940  -2.334  -16.736 1.00 19.98 ? 26   PHE A N   1 
ATOM   68   C CA  . PHE A 1 24  ? 12.514  -2.623  -16.737 1.00 20.00 ? 26   PHE A CA  1 
ATOM   69   C C   . PHE A 1 24  ? 12.211  -4.017  -17.226 1.00 20.56 ? 26   PHE A C   1 
ATOM   70   O O   . PHE A 1 24  ? 12.945  -4.581  -18.084 1.00 20.81 ? 26   PHE A O   1 
ATOM   71   C CB  . PHE A 1 24  ? 11.788  -1.607  -17.601 1.00 20.92 ? 26   PHE A CB  1 
ATOM   72   C CG  . PHE A 1 24  ? 10.545  -1.044  -16.987 1.00 18.89 ? 26   PHE A CG  1 
ATOM   73   C CD1 . PHE A 1 24  ? 10.608  0.075   -16.199 1.00 18.74 ? 26   PHE A CD1 1 
ATOM   74   C CD2 . PHE A 1 24  ? 9.295   -1.591  -17.262 1.00 19.19 ? 26   PHE A CD2 1 
ATOM   75   C CE1 . PHE A 1 24  ? 9.490   0.660   -15.712 1.00 20.25 ? 26   PHE A CE1 1 
ATOM   76   C CE2 . PHE A 1 24  ? 8.153   -0.990  -16.760 1.00 19.54 ? 26   PHE A CE2 1 
ATOM   77   C CZ  . PHE A 1 24  ? 8.271   0.134   -15.954 1.00 22.06 ? 26   PHE A CZ  1 
ATOM   78   N N   . ASN A 1 25  ? 11.132  -4.587  -16.679 1.00 21.67 ? 27   ASN A N   1 
ATOM   79   C CA  . ASN A 1 25  ? 10.569  -5.871  -17.150 1.00 20.87 ? 27   ASN A CA  1 
ATOM   80   C C   . ASN A 1 25  ? 9.050   -5.749  -17.176 1.00 22.75 ? 27   ASN A C   1 
ATOM   81   O O   . ASN A 1 25  ? 8.318   -6.188  -16.272 1.00 21.17 ? 27   ASN A O   1 
ATOM   82   C CB  . ASN A 1 25  ? 11.056  -7.049  -16.278 1.00 22.81 ? 27   ASN A CB  1 
ATOM   83   C CG  . ASN A 1 25  ? 10.684  -8.423  -16.867 1.00 22.51 ? 27   ASN A CG  1 
ATOM   84   O OD1 . ASN A 1 25  ? 9.818   -8.514  -17.708 1.00 22.77 ? 27   ASN A OD1 1 
ATOM   85   N ND2 . ASN A 1 25  ? 11.390  -9.472  -16.456 1.00 25.91 ? 27   ASN A ND2 1 
ATOM   86   N N   . ALA A 1 26  ? 8.553   -5.120  -18.230 1.00 21.79 ? 28   ALA A N   1 
ATOM   87   C CA  . ALA A 1 26  ? 7.139   -4.776  -18.316 1.00 22.77 ? 28   ALA A CA  1 
ATOM   88   C C   . ALA A 1 26  ? 6.263   -6.007  -18.289 1.00 23.47 ? 28   ALA A C   1 
ATOM   89   O O   . ALA A 1 26  ? 5.194   -6.010  -17.664 1.00 23.62 ? 28   ALA A O   1 
ATOM   90   C CB  . ALA A 1 26  ? 6.868   -4.002  -19.634 1.00 23.49 ? 28   ALA A CB  1 
ATOM   91   N N   . ASP A 1 27  ? 6.702   -7.050  -18.983 1.00 23.31 ? 29   ASP A N   1 
ATOM   92   C CA  . ASP A 1 27  ? 5.945   -8.251  -19.010 1.00 25.37 ? 29   ASP A CA  1 
ATOM   93   C C   . ASP A 1 27  ? 5.704   -8.857  -17.631 1.00 25.35 ? 29   ASP A C   1 
ATOM   94   O O   . ASP A 1 27  ? 4.659   -9.482  -17.429 1.00 25.13 ? 29   ASP A O   1 
ATOM   95   C CB  . ASP A 1 27  ? 6.647   -9.299  -19.830 1.00 27.56 ? 29   ASP A CB  1 
ATOM   96   C CG  . ASP A 1 27  ? 5.799   -10.518 -19.999 1.00 33.43 ? 29   ASP A CG  1 
ATOM   97   O OD1 . ASP A 1 27  ? 4.695   -10.369 -20.602 1.00 40.50 ? 29   ASP A OD1 1 
ATOM   98   O OD2 . ASP A 1 27  ? 6.207   -11.596 -19.494 1.00 40.31 ? 29   ASP A OD2 1 
ATOM   99   N N   . LYS A 1 28  ? 6.677   -8.738  -16.728 1.00 22.83 ? 30   LYS A N   1 
ATOM   100  C CA  . LYS A 1 28  ? 6.517   -9.268  -15.376 1.00 24.17 ? 30   LYS A CA  1 
ATOM   101  C C   . LYS A 1 28  ? 6.065   -8.227  -14.357 1.00 22.74 ? 30   LYS A C   1 
ATOM   102  O O   . LYS A 1 28  ? 5.957   -8.554  -13.169 1.00 21.92 ? 30   LYS A O   1 
ATOM   103  C CB  . LYS A 1 28  ? 7.814   -9.926  -14.878 1.00 24.69 ? 30   LYS A CB  1 
ATOM   104  C CG  . LYS A 1 28  ? 8.336   -11.000 -15.765 1.00 25.78 ? 30   LYS A CG  1 
ATOM   105  C CD  . LYS A 1 28  ? 7.340   -12.064 -16.039 1.00 28.78 ? 30   LYS A CD  1 
ATOM   106  C CE  . LYS A 1 28  ? 7.936   -13.191 -16.918 1.00 32.37 ? 30   LYS A CE  1 
ATOM   107  N NZ  . LYS A 1 28  ? 7.704   -12.933 -18.411 1.00 34.35 ? 30   LYS A NZ  1 
ATOM   108  N N   . GLY A 1 29  ? 5.860   -6.980  -14.821 1.00 21.52 ? 31   GLY A N   1 
ATOM   109  C CA  . GLY A 1 29  ? 5.371   -5.902  -14.023 1.00 21.25 ? 31   GLY A CA  1 
ATOM   110  C C   . GLY A 1 29  ? 6.323   -5.360  -12.968 1.00 21.35 ? 31   GLY A C   1 
ATOM   111  O O   . GLY A 1 29  ? 5.900   -5.071  -11.850 1.00 19.99 ? 31   GLY A O   1 
ATOM   112  N N   . PHE A 1 30  ? 7.586   -5.168  -13.310 1.00 20.32 ? 32   PHE A N   1 
ATOM   113  C CA  . PHE A 1 30  ? 8.434   -4.406  -12.451 1.00 22.38 ? 32   PHE A CA  1 
ATOM   114  C C   . PHE A 1 30  ? 9.514   -3.622  -13.218 1.00 20.47 ? 32   PHE A C   1 
ATOM   115  O O   . PHE A 1 30  ? 9.813   -3.847  -14.423 1.00 21.17 ? 32   PHE A O   1 
ATOM   116  C CB  . PHE A 1 30  ? 9.016   -5.306  -11.352 1.00 23.98 ? 32   PHE A CB  1 
ATOM   117  C CG  . PHE A 1 30  ? 9.921   -6.330  -11.876 1.00 25.15 ? 32   PHE A CG  1 
ATOM   118  C CD1 . PHE A 1 30  ? 11.246  -6.038  -12.054 1.00 24.61 ? 32   PHE A CD1 1 
ATOM   119  C CD2 . PHE A 1 30  ? 9.439   -7.563  -12.265 1.00 28.93 ? 32   PHE A CD2 1 
ATOM   120  C CE1 . PHE A 1 30  ? 12.114  -7.005  -12.604 1.00 27.15 ? 32   PHE A CE1 1 
ATOM   121  C CE2 . PHE A 1 30  ? 10.276  -8.515  -12.803 1.00 28.19 ? 32   PHE A CE2 1 
ATOM   122  C CZ  . PHE A 1 30  ? 11.610  -8.237  -12.972 1.00 28.65 ? 32   PHE A CZ  1 
ATOM   123  N N   . GLY A 1 31  ? 10.090  -2.692  -12.517 1.00 20.64 ? 33   GLY A N   1 
ATOM   124  C CA  . GLY A 1 31  ? 11.071  -1.806  -13.086 1.00 21.70 ? 33   GLY A CA  1 
ATOM   125  C C   . GLY A 1 31  ? 11.777  -0.945  -12.090 1.00 21.76 ? 33   GLY A C   1 
ATOM   126  O O   . GLY A 1 31  ? 11.508  -0.993  -10.900 1.00 20.33 ? 33   GLY A O   1 
ATOM   127  N N   . PHE A 1 32  ? 12.679  -0.110  -12.615 1.00 21.64 ? 34   PHE A N   1 
ATOM   128  C CA  . PHE A 1 32  ? 13.476  0.765   -11.796 1.00 22.59 ? 34   PHE A CA  1 
ATOM   129  C C   . PHE A 1 32  ? 13.627  2.062   -12.565 1.00 22.98 ? 34   PHE A C   1 
ATOM   130  O O   . PHE A 1 32  ? 14.020  2.048   -13.723 1.00 22.10 ? 34   PHE A O   1 
ATOM   131  C CB  . PHE A 1 32  ? 14.850  0.151   -11.509 1.00 23.76 ? 34   PHE A CB  1 
ATOM   132  C CG  . PHE A 1 32  ? 15.548  0.761   -10.310 1.00 26.44 ? 34   PHE A CG  1 
ATOM   133  C CD1 . PHE A 1 32  ? 16.483  1.729   -10.456 1.00 30.02 ? 34   PHE A CD1 1 
ATOM   134  C CD2 . PHE A 1 32  ? 15.226  0.361   -9.034  1.00 28.08 ? 34   PHE A CD2 1 
ATOM   135  C CE1 . PHE A 1 32  ? 17.119  2.290   -9.348  1.00 30.81 ? 34   PHE A CE1 1 
ATOM   136  C CE2 . PHE A 1 32  ? 15.865  0.912   -7.936  1.00 28.46 ? 34   PHE A CE2 1 
ATOM   137  C CZ  . PHE A 1 32  ? 16.816  1.890   -8.115  1.00 27.41 ? 34   PHE A CZ  1 
ATOM   138  N N   . ILE A 1 33  ? 13.280  3.157   -11.903 1.00 23.18 ? 35   ILE A N   1 
ATOM   139  C CA  . ILE A 1 33  ? 13.145  4.478   -12.473 1.00 24.88 ? 35   ILE A CA  1 
ATOM   140  C C   . ILE A 1 33  ? 13.926  5.513   -11.682 1.00 24.77 ? 35   ILE A C   1 
ATOM   141  O O   . ILE A 1 33  ? 14.014  5.429   -10.468 1.00 24.18 ? 35   ILE A O   1 
ATOM   142  C CB  . ILE A 1 33  ? 11.628  4.883   -12.454 1.00 25.35 ? 35   ILE A CB  1 
ATOM   143  C CG1 . ILE A 1 33  ? 10.847  3.898   -13.318 1.00 26.31 ? 35   ILE A CG1 1 
ATOM   144  C CG2 . ILE A 1 33  ? 11.449  6.351   -12.843 1.00 29.62 ? 35   ILE A CG2 1 
ATOM   145  C CD1 . ILE A 1 33  ? 9.312   4.053   -13.156 1.00 27.71 ? 35   ILE A CD1 1 
ATOM   146  N N   . THR A 1 34  ? 14.484  6.506   -12.382 1.00 25.47 ? 36   THR A N   1 
ATOM   147  C CA  . THR A 1 34  ? 15.033  7.687   -11.740 1.00 26.42 ? 36   THR A CA  1 
ATOM   148  C C   . THR A 1 34  ? 14.074  8.854   -11.943 1.00 27.32 ? 36   THR A C   1 
ATOM   149  O O   . THR A 1 34  ? 13.908  9.310   -13.083 1.00 26.08 ? 36   THR A O   1 
ATOM   150  C CB  . THR A 1 34  ? 16.427  8.050   -12.294 1.00 27.94 ? 36   THR A CB  1 
ATOM   151  O OG1 . THR A 1 34  ? 17.356  7.042   -11.866 1.00 28.00 ? 36   THR A OG1 1 
ATOM   152  C CG2 . THR A 1 34  ? 16.854  9.359   -11.735 1.00 27.64 ? 36   THR A CG2 1 
ATOM   153  N N   . PRO A 1 35  ? 13.368  9.270   -10.867 1.00 28.43 ? 37   PRO A N   1 
ATOM   154  C CA  . PRO A 1 35  ? 12.434  10.373  -11.029 1.00 29.80 ? 37   PRO A CA  1 
ATOM   155  C C   . PRO A 1 35  ? 13.162  11.702  -11.319 1.00 31.01 ? 37   PRO A C   1 
ATOM   156  O O   . PRO A 1 35  ? 14.305  11.878  -10.917 1.00 30.17 ? 37   PRO A O   1 
ATOM   157  C CB  . PRO A 1 35  ? 11.686  10.420  -9.680  1.00 29.41 ? 37   PRO A CB  1 
ATOM   158  C CG  . PRO A 1 35  ? 11.950  9.121   -9.036  1.00 28.88 ? 37   PRO A CG  1 
ATOM   159  C CD  . PRO A 1 35  ? 13.344  8.775   -9.477  1.00 28.49 ? 37   PRO A CD  1 
ATOM   160  N N   . ASP A 1 36  ? 12.505  12.586  -12.060 1.00 32.45 ? 38   ASP A N   1 
ATOM   161  C CA  . ASP A 1 36  ? 13.080  13.891  -12.353 1.00 34.58 ? 38   ASP A CA  1 
ATOM   162  C C   . ASP A 1 36  ? 13.289  14.682  -11.059 1.00 35.44 ? 38   ASP A C   1 
ATOM   163  O O   . ASP A 1 36  ? 14.217  15.473  -10.958 1.00 36.66 ? 38   ASP A O   1 
ATOM   164  C CB  . ASP A 1 36  ? 12.166  14.677  -13.321 1.00 34.74 ? 38   ASP A CB  1 
ATOM   165  C CG  . ASP A 1 36  ? 12.293  14.214  -14.756 1.00 35.83 ? 38   ASP A CG  1 
ATOM   166  O OD1 . ASP A 1 36  ? 12.921  13.181  -15.036 1.00 36.80 ? 38   ASP A OD1 1 
ATOM   167  O OD2 . ASP A 1 36  ? 11.770  14.895  -15.645 1.00 40.08 ? 38   ASP A OD2 1 
ATOM   168  N N   . ASP A 1 37  ? 12.445  14.435  -10.073 1.00 36.77 ? 39   ASP A N   1 
ATOM   169  C CA  . ASP A 1 37  ? 12.459  15.152  -8.802  1.00 38.63 ? 39   ASP A CA  1 
ATOM   170  C C   . ASP A 1 37  ? 12.953  14.320  -7.614  1.00 39.10 ? 39   ASP A C   1 
ATOM   171  O O   . ASP A 1 37  ? 12.847  13.089  -7.581  1.00 38.47 ? 39   ASP A O   1 
ATOM   172  C CB  . ASP A 1 37  ? 11.069  15.715  -8.545  1.00 39.35 ? 39   ASP A CB  1 
ATOM   173  C CG  . ASP A 1 37  ? 10.655  16.751  -9.619  1.00 43.38 ? 39   ASP A CG  1 
ATOM   174  O OD1 . ASP A 1 37  ? 11.512  17.189  -10.431 1.00 46.24 ? 39   ASP A OD1 1 
ATOM   175  O OD2 . ASP A 1 37  ? 9.472   17.146  -9.649  1.00 48.97 ? 39   ASP A OD2 1 
ATOM   176  N N   . GLY A 1 38  ? 13.519  15.010  -6.629  1.00 39.40 ? 40   GLY A N   1 
ATOM   177  C CA  . GLY A 1 38  ? 14.137  14.330  -5.476  1.00 39.30 ? 40   GLY A CA  1 
ATOM   178  C C   . GLY A 1 38  ? 15.464  13.659  -5.807  1.00 38.90 ? 40   GLY A C   1 
ATOM   179  O O   . GLY A 1 38  ? 15.981  13.775  -6.942  1.00 38.65 ? 40   GLY A O   1 
ATOM   180  N N   . SER A 1 39  ? 16.011  12.950  -4.815  1.00 38.06 ? 41   SER A N   1 
ATOM   181  C CA  . SER A 1 39  ? 17.320  12.294  -4.944  1.00 38.11 ? 41   SER A CA  1 
ATOM   182  C C   . SER A 1 39  ? 17.224  10.775  -4.811  1.00 37.63 ? 41   SER A C   1 
ATOM   183  O O   . SER A 1 39  ? 18.249  10.123  -4.613  1.00 38.38 ? 41   SER A O   1 
ATOM   184  C CB  . SER A 1 39  ? 18.262  12.793  -3.843  1.00 38.62 ? 41   SER A CB  1 
ATOM   185  O OG  . SER A 1 39  ? 17.812  12.337  -2.560  1.00 39.39 ? 41   SER A OG  1 
ATOM   186  N N   . LYS A 1 40  ? 16.008  10.227  -4.904  1.00 35.47 ? 42   LYS A N   1 
ATOM   187  C CA  . LYS A 1 40  ? 15.784  8.814   -4.694  1.00 34.21 ? 42   LYS A CA  1 
ATOM   188  C C   . LYS A 1 40  ? 15.172  8.160   -5.924  1.00 31.52 ? 42   LYS A C   1 
ATOM   189  O O   . LYS A 1 40  ? 14.240  8.655   -6.517  1.00 30.93 ? 42   LYS A O   1 
ATOM   190  C CB  . LYS A 1 40  ? 14.896  8.586   -3.485  1.00 34.18 ? 42   LYS A CB  1 
ATOM   191  C CG  . LYS A 1 40  ? 15.518  9.142   -2.227  1.00 36.63 ? 42   LYS A CG  1 
ATOM   192  C CD  . LYS A 1 40  ? 14.513  9.215   -1.109  1.00 39.80 ? 42   LYS A CD  1 
ATOM   193  C CE  . LYS A 1 40  ? 14.908  10.246  -0.085  1.00 41.64 ? 42   LYS A CE  1 
ATOM   194  N NZ  . LYS A 1 40  ? 13.808  10.355  0.938   1.00 45.13 ? 42   LYS A NZ  1 
ATOM   195  N N   . ASP A 1 41  ? 15.790  7.069   -6.306  1.00 29.34 ? 43   ASP A N   1 
ATOM   196  C CA  . ASP A 1 41  ? 15.266  6.182   -7.297  1.00 27.65 ? 43   ASP A CA  1 
ATOM   197  C C   . ASP A 1 41  ? 14.109  5.393   -6.726  1.00 25.90 ? 43   ASP A C   1 
ATOM   198  O O   . ASP A 1 41  ? 13.895  5.350   -5.493  1.00 24.88 ? 43   ASP A O   1 
ATOM   199  C CB  . ASP A 1 41  ? 16.360  5.239   -7.745  1.00 27.50 ? 43   ASP A CB  1 
ATOM   200  C CG  . ASP A 1 41  ? 17.465  5.944   -8.500  1.00 29.57 ? 43   ASP A CG  1 
ATOM   201  O OD1 . ASP A 1 41  ? 17.239  7.050   -9.009  1.00 29.76 ? 43   ASP A OD1 1 
ATOM   202  O OD2 . ASP A 1 41  ? 18.566  5.377   -8.569  1.00 31.59 ? 43   ASP A OD2 1 
ATOM   203  N N   . VAL A 1 42  ? 13.352  4.796   -7.630  1.00 24.10 ? 44   VAL A N   1 
ATOM   204  C CA  . VAL A 1 42  ? 12.169  4.034   -7.255  1.00 24.04 ? 44   VAL A CA  1 
ATOM   205  C C   . VAL A 1 42  ? 12.128  2.702   -7.987  1.00 23.35 ? 44   VAL A C   1 
ATOM   206  O O   . VAL A 1 42  ? 12.284  2.629   -9.234  1.00 21.76 ? 44   VAL A O   1 
ATOM   207  C CB  . VAL A 1 42  ? 10.848  4.841   -7.416  1.00 25.28 ? 44   VAL A CB  1 
ATOM   208  C CG1 . VAL A 1 42  ? 10.581  5.210   -8.848  1.00 28.47 ? 44   VAL A CG1 1 
ATOM   209  C CG2 . VAL A 1 42  ? 9.683   4.085   -6.881  1.00 26.31 ? 44   VAL A CG2 1 
ATOM   210  N N   . PHE A 1 43  ? 11.972  1.648   -7.193  1.00 22.27 ? 45   PHE A N   1 
ATOM   211  C CA  . PHE A 1 43  ? 11.626  0.314   -7.728  1.00 22.60 ? 45   PHE A CA  1 
ATOM   212  C C   . PHE A 1 43  ? 10.109  0.247   -7.857  1.00 22.57 ? 45   PHE A C   1 
ATOM   213  O O   . PHE A 1 43  ? 9.406   0.477   -6.860  1.00 22.15 ? 45   PHE A O   1 
ATOM   214  C CB  . PHE A 1 43  ? 12.147  -0.795  -6.798  1.00 23.17 ? 45   PHE A CB  1 
ATOM   215  C CG  . PHE A 1 43  ? 11.580  -2.134  -7.107  1.00 25.65 ? 45   PHE A CG  1 
ATOM   216  C CD1 . PHE A 1 43  ? 12.055  -2.887  -8.162  1.00 27.32 ? 45   PHE A CD1 1 
ATOM   217  C CD2 . PHE A 1 43  ? 10.529  -2.653  -6.328  1.00 27.30 ? 45   PHE A CD2 1 
ATOM   218  C CE1 . PHE A 1 43  ? 11.528  -4.125  -8.454  1.00 23.20 ? 45   PHE A CE1 1 
ATOM   219  C CE2 . PHE A 1 43  ? 9.976   -3.902  -6.608  1.00 25.91 ? 45   PHE A CE2 1 
ATOM   220  C CZ  . PHE A 1 43  ? 10.482  -4.648  -7.661  1.00 25.21 ? 45   PHE A CZ  1 
ATOM   221  N N   . VAL A 1 44  ? 9.580   -0.068  -9.054  1.00 22.42 ? 46   VAL A N   1 
ATOM   222  C CA  . VAL A 1 44  ? 8.139   -0.151  -9.234  1.00 22.19 ? 46   VAL A CA  1 
ATOM   223  C C   . VAL A 1 44  ? 7.739   -1.604  -9.447  1.00 22.07 ? 46   VAL A C   1 
ATOM   224  O O   . VAL A 1 44  ? 8.479   -2.366  -10.079 1.00 20.28 ? 46   VAL A O   1 
ATOM   225  C CB  . VAL A 1 44  ? 7.595   0.719   -10.396 1.00 23.72 ? 46   VAL A CB  1 
ATOM   226  C CG1 . VAL A 1 44  ? 7.872   2.190   -10.107 1.00 24.65 ? 46   VAL A CG1 1 
ATOM   227  C CG2 . VAL A 1 44  ? 8.184   0.291   -11.764 1.00 22.76 ? 46   VAL A CG2 1 
ATOM   228  N N   . HIS A 1 45  ? 6.570   -1.953  -8.924  1.00 20.91 ? 47   HIS A N   1 
ATOM   229  C CA  . HIS A 1 45  ? 5.921   -3.249  -9.147  1.00 21.55 ? 47   HIS A CA  1 
ATOM   230  C C   . HIS A 1 45  ? 4.506   -2.889  -9.488  1.00 23.14 ? 47   HIS A C   1 
ATOM   231  O O   . HIS A 1 45  ? 3.897   -2.024  -8.843  1.00 23.51 ? 47   HIS A O   1 
ATOM   232  C CB  . HIS A 1 45  ? 5.887   -4.105  -7.890  1.00 22.42 ? 47   HIS A CB  1 
ATOM   233  C CG  . HIS A 1 45  ? 5.243   -5.444  -8.066  1.00 23.56 ? 47   HIS A CG  1 
ATOM   234  N ND1 . HIS A 1 45  ? 3.953   -5.721  -7.655  1.00 25.38 ? 47   HIS A ND1 1 
ATOM   235  C CD2 . HIS A 1 45  ? 5.699   -6.582  -8.652  1.00 26.55 ? 47   HIS A CD2 1 
ATOM   236  C CE1 . HIS A 1 45  ? 3.634   -6.964  -7.982  1.00 25.44 ? 47   HIS A CE1 1 
ATOM   237  N NE2 . HIS A 1 45  ? 4.665   -7.502  -8.623  1.00 26.40 ? 47   HIS A NE2 1 
ATOM   238  N N   . PHE A 1 46  ? 3.958   -3.585  -10.450 1.00 22.52 ? 48   PHE A N   1 
ATOM   239  C CA  . PHE A 1 46  ? 2.609   -3.293  -10.885 1.00 23.43 ? 48   PHE A CA  1 
ATOM   240  C C   . PHE A 1 46  ? 1.990   -4.532  -11.533 1.00 24.43 ? 48   PHE A C   1 
ATOM   241  O O   . PHE A 1 46  ? 2.672   -5.459  -11.966 1.00 23.27 ? 48   PHE A O   1 
ATOM   242  C CB  . PHE A 1 46  ? 2.591   -2.036  -11.776 1.00 23.68 ? 48   PHE A CB  1 
ATOM   243  C CG  . PHE A 1 46  ? 3.406   -2.157  -13.016 1.00 21.99 ? 48   PHE A CG  1 
ATOM   244  C CD1 . PHE A 1 46  ? 2.855   -2.655  -14.147 1.00 22.27 ? 48   PHE A CD1 1 
ATOM   245  C CD2 . PHE A 1 46  ? 4.735   -1.750  -13.059 1.00 25.54 ? 48   PHE A CD2 1 
ATOM   246  C CE1 . PHE A 1 46  ? 3.633   -2.832  -15.302 1.00 22.00 ? 48   PHE A CE1 1 
ATOM   247  C CE2 . PHE A 1 46  ? 5.482   -1.898  -14.193 1.00 22.37 ? 48   PHE A CE2 1 
ATOM   248  C CZ  . PHE A 1 46  ? 4.923   -2.453  -15.320 1.00 20.72 ? 48   PHE A CZ  1 
ATOM   249  N N   . SER A 1 47  ? 0.674   -4.574  -11.572 1.00 25.15 ? 49   SER A N   1 
ATOM   250  C CA  . SER A 1 47  ? 0.021   -5.621  -12.262 1.00 26.71 ? 49   SER A CA  1 
ATOM   251  C C   . SER A 1 47  ? 0.224   -5.265  -13.738 1.00 25.73 ? 49   SER A C   1 
ATOM   252  O O   . SER A 1 47  ? -0.197  -4.195  -14.192 1.00 26.72 ? 49   SER A O   1 
ATOM   253  C CB  . SER A 1 47  ? -1.443  -5.668  -11.875 1.00 27.75 ? 49   SER A CB  1 
ATOM   254  O OG  . SER A 1 47  ? -1.533  -5.950  -10.486 1.00 31.55 ? 49   SER A OG  1 
ATOM   255  N N   . ALA A 1 48  ? 0.945   -6.125  -14.453 1.00 25.95 ? 50   ALA A N   1 
ATOM   256  C CA  . ALA A 1 48  ? 1.052   -6.039  -15.917 1.00 25.55 ? 50   ALA A CA  1 
ATOM   257  C C   . ALA A 1 48  ? -0.262  -6.527  -16.540 1.00 25.65 ? 50   ALA A C   1 
ATOM   258  O O   . ALA A 1 48  ? -0.774  -7.584  -16.205 1.00 23.67 ? 50   ALA A O   1 
ATOM   259  C CB  . ALA A 1 48  ? 2.194   -6.882  -16.409 1.00 26.72 ? 50   ALA A CB  1 
ATOM   260  N N   . GLY A 1 49  ? -0.814  -5.766  -17.459 1.00 25.83 ? 51   GLY A N   1 
ATOM   261  C CA  . GLY A 1 49  ? -2.075  -6.203  -18.055 1.00 27.01 ? 51   GLY A CA  1 
ATOM   262  C C   . GLY A 1 49  ? -2.579  -5.120  -18.976 1.00 27.69 ? 51   GLY A C   1 
ATOM   263  O O   . GLY A 1 49  ? -1.796  -4.337  -19.505 1.00 28.05 ? 51   GLY A O   1 
ATOM   264  N N   . SER A 1 50  ? -3.886  -5.064  -19.106 1.00 27.76 ? 52   SER A N   1 
ATOM   265  C CA  . SER A 1 50  ? -4.518  -4.209  -20.067 1.00 29.16 ? 52   SER A CA  1 
ATOM   266  C C   . SER A 1 50  ? -5.432  -3.235  -19.356 1.00 29.46 ? 52   SER A C   1 
ATOM   267  O O   . SER A 1 50  ? -6.099  -3.573  -18.376 1.00 27.35 ? 52   SER A O   1 
ATOM   268  C CB  . SER A 1 50  ? -5.266  -5.088  -21.054 1.00 29.57 ? 52   SER A CB  1 
ATOM   269  O OG  . SER A 1 50  ? -4.324  -6.010  -21.706 1.00 30.93 ? 52   SER A OG  1 
ATOM   270  N N   . SER A 1 51  ? -5.392  -1.992  -19.799 1.00 30.36 ? 53   SER A N   1 
ATOM   271  C CA  . SER A 1 51  ? -6.304  -0.978  -19.257 1.00 31.05 ? 53   SER A CA  1 
ATOM   272  C C   . SER A 1 51  ? -6.805  -0.045  -20.397 1.00 31.00 ? 53   SER A C   1 
ATOM   273  O O   . SER A 1 51  ? -7.292  1.065   -20.144 1.00 31.27 ? 53   SER A O   1 
ATOM   274  C CB  . SER A 1 51  ? -5.620  -0.191  -18.141 1.00 31.34 ? 53   SER A CB  1 
ATOM   275  O OG  . SER A 1 51  ? -4.446  0.418   -18.617 1.00 31.78 ? 53   SER A OG  1 
ATOM   276  N N   . GLY A 1 52  ? -6.712  -0.527  -21.628 1.00 30.89 ? 54   GLY A N   1 
ATOM   277  C CA  . GLY A 1 52  ? -7.418  0.112   -22.735 1.00 32.14 ? 54   GLY A CA  1 
ATOM   278  C C   . GLY A 1 52  ? -6.624  0.249   -23.993 1.00 32.26 ? 54   GLY A C   1 
ATOM   279  O O   . GLY A 1 52  ? -7.166  0.183   -25.090 1.00 31.46 ? 54   GLY A O   1 
ATOM   280  N N   . ALA A 1 53  ? -5.332  0.452   -23.853 1.00 32.78 ? 55   ALA A N   1 
ATOM   281  C CA  . ALA A 1 53  ? -4.511  0.622   -25.031 1.00 34.60 ? 55   ALA A CA  1 
ATOM   282  C C   . ALA A 1 53  ? -3.709  -0.650  -25.342 1.00 35.13 ? 55   ALA A C   1 
ATOM   283  O O   . ALA A 1 53  ? -3.543  -1.560  -24.520 1.00 34.76 ? 55   ALA A O   1 
ATOM   284  C CB  . ALA A 1 53  ? -3.604  1.841   -24.865 1.00 34.58 ? 55   ALA A CB  1 
ATOM   285  N N   . ALA A 1 54  ? -3.237  -0.713  -26.570 1.00 36.05 ? 56   ALA A N   1 
ATOM   286  C CA  . ALA A 1 54  ? -2.464  -1.846  -27.027 1.00 36.35 ? 56   ALA A CA  1 
ATOM   287  C C   . ALA A 1 54  ? -1.109  -1.813  -26.315 1.00 36.20 ? 56   ALA A C   1 
ATOM   288  O O   . ALA A 1 54  ? -0.651  -0.748  -25.885 1.00 35.40 ? 56   ALA A O   1 
ATOM   289  C CB  . ALA A 1 54  ? -2.295  -1.766  -28.532 1.00 36.81 ? 56   ALA A CB  1 
ATOM   290  N N   . VAL A 1 55  ? -0.501  -2.987  -26.209 1.00 36.47 ? 57   VAL A N   1 
ATOM   291  C CA  . VAL A 1 55  ? 0.700   -3.206  -25.418 1.00 37.40 ? 57   VAL A CA  1 
ATOM   292  C C   . VAL A 1 55  ? 1.849   -2.426  -26.055 1.00 37.18 ? 57   VAL A C   1 
ATOM   293  O O   . VAL A 1 55  ? 1.954   -2.371  -27.284 1.00 37.30 ? 57   VAL A O   1 
ATOM   294  C CB  . VAL A 1 55  ? 0.962   -4.741  -25.293 1.00 37.37 ? 57   VAL A CB  1 
ATOM   295  C CG1 . VAL A 1 55  ? 2.435   -5.073  -25.058 1.00 39.77 ? 57   VAL A CG1 1 
ATOM   296  C CG2 . VAL A 1 55  ? 0.091   -5.352  -24.166 1.00 39.27 ? 57   VAL A CG2 1 
ATOM   297  N N   . ARG A 1 56  ? 2.681   -1.789  -25.225 1.00 36.98 ? 58   ARG A N   1 
ATOM   298  C CA  . ARG A 1 56  ? 3.880   -1.091  -25.717 1.00 36.09 ? 58   ARG A CA  1 
ATOM   299  C C   . ARG A 1 56  ? 5.128   -1.939  -25.391 1.00 36.02 ? 58   ARG A C   1 
ATOM   300  O O   . ARG A 1 56  ? 5.067   -2.918  -24.644 1.00 37.00 ? 58   ARG A O   1 
ATOM   301  C CB  . ARG A 1 56  ? 3.996   0.313   -25.122 1.00 35.81 ? 58   ARG A CB  1 
ATOM   302  N N   . GLY A 1 57  ? 6.247   -1.595  -25.991 1.00 35.62 ? 59   GLY A N   1 
ATOM   303  C CA  . GLY A 1 57  ? 7.433   -2.434  -25.839 1.00 35.04 ? 59   GLY A CA  1 
ATOM   304  C C   . GLY A 1 57  ? 7.956   -2.225  -24.434 1.00 33.55 ? 59   GLY A C   1 
ATOM   305  O O   . GLY A 1 57  ? 7.808   -1.124  -23.892 1.00 34.47 ? 59   GLY A O   1 
ATOM   306  N N   . ASN A 1 58  ? 8.569   -3.257  -23.858 1.00 31.29 ? 60   ASN A N   1 
ATOM   307  C CA  . ASN A 1 58  ? 9.322   -3.096  -22.627 1.00 28.98 ? 60   ASN A CA  1 
ATOM   308  C C   . ASN A 1 58  ? 10.176  -1.879  -22.836 1.00 27.23 ? 60   ASN A C   1 
ATOM   309  O O   . ASN A 1 58  ? 10.982  -1.854  -23.764 1.00 27.82 ? 60   ASN A O   1 
ATOM   310  C CB  . ASN A 1 58  ? 10.272  -4.286  -22.386 1.00 29.62 ? 60   ASN A CB  1 
ATOM   311  C CG  . ASN A 1 58  ? 11.017  -4.197  -21.064 1.00 27.36 ? 60   ASN A CG  1 
ATOM   312  O OD1 . ASN A 1 58  ? 12.237  -4.453  -20.980 1.00 30.07 ? 60   ASN A OD1 1 
ATOM   313  N ND2 . ASN A 1 58  ? 10.307  -3.858  -20.037 1.00 21.83 ? 60   ASN A ND2 1 
ATOM   314  N N   . PRO A 1 59  ? 10.044  -0.877  -21.969 1.00 25.68 ? 61   PRO A N   1 
ATOM   315  C CA  . PRO A 1 59  ? 10.931  0.272   -22.158 1.00 23.76 ? 61   PRO A CA  1 
ATOM   316  C C   . PRO A 1 59  ? 12.409  -0.011  -21.867 1.00 24.60 ? 61   PRO A C   1 
ATOM   317  O O   . PRO A 1 59  ? 12.740  -0.930  -21.135 1.00 22.94 ? 61   PRO A O   1 
ATOM   318  C CB  . PRO A 1 59  ? 10.397  1.301   -21.170 1.00 24.35 ? 61   PRO A CB  1 
ATOM   319  C CG  . PRO A 1 59  ? 9.639   0.509   -20.128 1.00 23.71 ? 61   PRO A CG  1 
ATOM   320  C CD  . PRO A 1 59  ? 9.153   -0.731  -20.793 1.00 23.32 ? 61   PRO A CD  1 
ATOM   321  N N   . GLN A 1 60  ? 13.263  0.838   -22.413 1.00 25.47 ? 62   GLN A N   1 
ATOM   322  C CA  . GLN A 1 60  ? 14.690  0.679   -22.386 1.00 25.62 ? 62   GLN A CA  1 
ATOM   323  C C   . GLN A 1 60  ? 15.295  1.802   -21.571 1.00 25.66 ? 62   GLN A C   1 
ATOM   324  O O   . GLN A 1 60  ? 14.683  2.844   -21.358 1.00 23.39 ? 62   GLN A O   1 
ATOM   325  C CB  . GLN A 1 60  ? 15.208  0.746   -23.809 1.00 27.81 ? 62   GLN A CB  1 
ATOM   326  C CG  . GLN A 1 60  ? 14.488  -0.264  -24.759 1.00 31.84 ? 62   GLN A CG  1 
ATOM   327  C CD  . GLN A 1 60  ? 14.599  -1.755  -24.341 1.00 37.16 ? 62   GLN A CD  1 
ATOM   328  O OE1 . GLN A 1 60  ? 13.621  -2.385  -23.959 1.00 40.71 ? 62   GLN A OE1 1 
ATOM   329  N NE2 . GLN A 1 60  ? 15.779  -2.313  -24.456 1.00 39.47 ? 62   GLN A NE2 1 
ATOM   330  N N   . GLN A 1 61  ? 16.528  1.571   -21.133 1.00 24.13 ? 63   GLN A N   1 
ATOM   331  C CA  . GLN A 1 61  ? 17.261  2.542   -20.417 1.00 24.44 ? 63   GLN A CA  1 
ATOM   332  C C   . GLN A 1 61  ? 17.187  3.855   -21.207 1.00 23.02 ? 63   GLN A C   1 
ATOM   333  O O   . GLN A 1 61  ? 17.455  3.874   -22.431 1.00 22.09 ? 63   GLN A O   1 
ATOM   334  C CB  . GLN A 1 61  ? 18.675  2.039   -20.361 1.00 26.04 ? 63   GLN A CB  1 
ATOM   335  C CG  . GLN A 1 61  ? 19.461  2.412   -19.227 1.00 30.88 ? 63   GLN A CG  1 
ATOM   336  C CD  . GLN A 1 61  ? 20.844  1.762   -19.384 1.00 34.90 ? 63   GLN A CD  1 
ATOM   337  O OE1 . GLN A 1 61  ? 21.796  2.467   -19.475 1.00 30.29 ? 63   GLN A OE1 1 
ATOM   338  N NE2 . GLN A 1 61  ? 20.912  0.395   -19.536 1.00 38.53 ? 63   GLN A NE2 1 
ATOM   339  N N   . GLY A 1 62  ? 16.794  4.911   -20.517 1.00 21.36 ? 64   GLY A N   1 
ATOM   340  C CA  . GLY A 1 62  ? 16.742  6.256   -21.067 1.00 22.26 ? 64   GLY A CA  1 
ATOM   341  C C   . GLY A 1 62  ? 15.336  6.676   -21.492 1.00 22.25 ? 64   GLY A C   1 
ATOM   342  O O   . GLY A 1 62  ? 15.100  7.833   -21.786 1.00 22.42 ? 64   GLY A O   1 
ATOM   343  N N   . ASP A 1 63  ? 14.404  5.726   -21.538 1.00 22.31 ? 65   ASP A N   1 
ATOM   344  C CA  . ASP A 1 63  ? 13.032  5.994   -22.002 1.00 22.36 ? 65   ASP A CA  1 
ATOM   345  C C   . ASP A 1 63  ? 12.255  6.736   -20.924 1.00 24.22 ? 65   ASP A C   1 
ATOM   346  O O   . ASP A 1 63  ? 12.452  6.517   -19.713 1.00 23.47 ? 65   ASP A O   1 
ATOM   347  C CB  . ASP A 1 63  ? 12.250  4.702   -22.311 1.00 22.41 ? 65   ASP A CB  1 
ATOM   348  C CG  . ASP A 1 63  ? 12.595  4.072   -23.652 1.00 24.27 ? 65   ASP A CG  1 
ATOM   349  O OD1 . ASP A 1 63  ? 13.406  4.636   -24.402 1.00 22.37 ? 65   ASP A OD1 1 
ATOM   350  O OD2 . ASP A 1 63  ? 12.045  2.973   -23.941 1.00 25.04 ? 65   ASP A OD2 1 
ATOM   351  N N   . ARG A 1 64  ? 11.344  7.618   -21.376 1.00 24.79 ? 66   ARG A N   1 
ATOM   352  C CA  . ARG A 1 64  ? 10.380  8.266   -20.491 1.00 25.78 ? 66   ARG A CA  1 
ATOM   353  C C   . ARG A 1 64  ? 9.382   7.328   -19.877 1.00 25.17 ? 66   ARG A C   1 
ATOM   354  O O   . ARG A 1 64  ? 8.863   6.414   -20.544 1.00 24.26 ? 66   ARG A O   1 
ATOM   355  C CB  . ARG A 1 64  ? 9.574   9.345   -21.243 1.00 27.63 ? 66   ARG A CB  1 
ATOM   356  C CG  . ARG A 1 64  ? 10.228  10.670  -21.169 1.00 30.66 ? 66   ARG A CG  1 
ATOM   357  C CD  . ARG A 1 64  ? 10.094  11.259  -19.793 1.00 35.67 ? 66   ARG A CD  1 
ATOM   358  N NE  . ARG A 1 64  ? 10.846  12.488  -19.743 1.00 37.44 ? 66   ARG A NE  1 
ATOM   359  C CZ  . ARG A 1 64  ? 11.439  12.989  -18.670 1.00 40.07 ? 66   ARG A CZ  1 
ATOM   360  N NH1 . ARG A 1 64  ? 11.374  12.372  -17.512 1.00 41.31 ? 66   ARG A NH1 1 
ATOM   361  N NH2 . ARG A 1 64  ? 12.109  14.129  -18.781 1.00 41.50 ? 66   ARG A NH2 1 
ATOM   362  N N   . VAL A 1 65  ? 9.105   7.575   -18.599 1.00 26.23 ? 67   VAL A N   1 
ATOM   363  C CA  . VAL A 1 65  ? 8.107   6.822   -17.835 1.00 27.62 ? 67   VAL A CA  1 
ATOM   364  C C   . VAL A 1 65  ? 7.400   7.798   -16.895 1.00 29.32 ? 67   VAL A C   1 
ATOM   365  O O   . VAL A 1 65  ? 8.018   8.746   -16.371 1.00 27.57 ? 67   VAL A O   1 
ATOM   366  C CB  . VAL A 1 65  ? 8.744   5.642   -17.036 1.00 28.58 ? 67   VAL A CB  1 
ATOM   367  C CG1 . VAL A 1 65  ? 9.797   6.148   -16.077 1.00 29.61 ? 67   VAL A CG1 1 
ATOM   368  C CG2 . VAL A 1 65  ? 7.682   4.852   -16.272 1.00 27.42 ? 67   VAL A CG2 1 
ATOM   369  N N   . GLU A 1 66  ? 6.091   7.582   -16.724 1.00 29.37 ? 68   GLU A N   1 
ATOM   370  C CA  . GLU A 1 66  ? 5.286   8.468   -15.927 1.00 31.29 ? 68   GLU A CA  1 
ATOM   371  C C   . GLU A 1 66  ? 4.417   7.662   -15.036 1.00 29.94 ? 68   GLU A C   1 
ATOM   372  O O   . GLU A 1 66  ? 4.078   6.558   -15.347 1.00 29.08 ? 68   GLU A O   1 
ATOM   373  C CB  . GLU A 1 66  ? 4.406   9.317   -16.838 1.00 31.09 ? 68   GLU A CB  1 
ATOM   374  C CG  . GLU A 1 66  ? 5.084   10.516  -17.358 1.00 34.92 ? 68   GLU A CG  1 
ATOM   375  C CD  . GLU A 1 66  ? 4.242   11.287  -18.327 1.00 35.55 ? 68   GLU A CD  1 
ATOM   376  O OE1 . GLU A 1 66  ? 3.022   11.434  -18.076 1.00 40.84 ? 68   GLU A OE1 1 
ATOM   377  O OE2 . GLU A 1 66  ? 4.815   11.744  -19.353 1.00 44.97 ? 68   GLU A OE2 1 
ATOM   378  N N   . GLY A 1 67  ? 4.048   8.218   -13.902 1.00 29.97 ? 69   GLY A N   1 
ATOM   379  C CA  . GLY A 1 67  ? 3.060   7.586   -13.090 1.00 29.12 ? 69   GLY A CA  1 
ATOM   380  C C   . GLY A 1 67  ? 2.473   8.528   -12.100 1.00 29.00 ? 69   GLY A C   1 
ATOM   381  O O   . GLY A 1 67  ? 2.872   9.681   -12.022 1.00 30.99 ? 69   GLY A O   1 
ATOM   382  N N   . LYS A 1 68  ? 1.462   8.056   -11.406 1.00 27.55 ? 70   LYS A N   1 
ATOM   383  C CA  . LYS A 1 68  ? 0.834   8.825   -10.367 1.00 28.67 ? 70   LYS A CA  1 
ATOM   384  C C   . LYS A 1 68  ? 1.097   8.087   -9.083  1.00 27.42 ? 70   LYS A C   1 
ATOM   385  O O   . LYS A 1 68  ? 0.902   6.909   -9.028  1.00 27.70 ? 70   LYS A O   1 
ATOM   386  C CB  . LYS A 1 68  ? -0.665  8.937   -10.634 1.00 28.67 ? 70   LYS A CB  1 
ATOM   387  C CG  . LYS A 1 68  ? -1.380  9.843   -9.675  1.00 32.68 ? 70   LYS A CG  1 
ATOM   388  C CD  . LYS A 1 68  ? -2.669  10.408  -10.340 1.00 33.32 ? 70   LYS A CD  1 
ATOM   389  C CE  . LYS A 1 68  ? -3.775  10.657  -9.344  1.00 36.69 ? 70   LYS A CE  1 
ATOM   390  N NZ  . LYS A 1 68  ? -4.753  11.722  -9.774  1.00 38.15 ? 70   LYS A NZ  1 
ATOM   391  N N   . ILE A 1 69  ? 1.571   8.767   -8.071  1.00 27.58 ? 71   ILE A N   1 
ATOM   392  C CA  . ILE A 1 69  ? 1.748   8.089   -6.783  1.00 27.72 ? 71   ILE A CA  1 
ATOM   393  C C   . ILE A 1 69  ? 0.950   8.758   -5.686  1.00 27.74 ? 71   ILE A C   1 
ATOM   394  O O   . ILE A 1 69  ? 0.659   9.955   -5.732  1.00 26.95 ? 71   ILE A O   1 
ATOM   395  C CB  . ILE A 1 69  ? 3.185   7.983   -6.394  1.00 27.47 ? 71   ILE A CB  1 
ATOM   396  C CG1 . ILE A 1 69  ? 3.786   9.339   -6.120  1.00 28.83 ? 71   ILE A CG1 1 
ATOM   397  C CG2 . ILE A 1 69  ? 3.967   7.196   -7.508  1.00 29.54 ? 71   ILE A CG2 1 
ATOM   398  C CD1 . ILE A 1 69  ? 5.217   9.323   -5.998  1.00 28.81 ? 71   ILE A CD1 1 
ATOM   399  N N   . LYS A 1 70  ? 0.587   7.945   -4.710  1.00 27.11 ? 72   LYS A N   1 
ATOM   400  C CA  . LYS A 1 70  ? -0.215  8.370   -3.585  1.00 28.14 ? 72   LYS A CA  1 
ATOM   401  C C   . LYS A 1 70  ? 0.367   7.744   -2.324  1.00 25.58 ? 72   LYS A C   1 
ATOM   402  O O   . LYS A 1 70  ? 0.789   6.601   -2.346  1.00 24.33 ? 72   LYS A O   1 
ATOM   403  C CB  . LYS A 1 70  ? -1.659  7.921   -3.808  1.00 28.52 ? 72   LYS A CB  1 
ATOM   404  C CG  . LYS A 1 70  ? -2.291  8.667   -4.960  1.00 33.88 ? 72   LYS A CG  1 
ATOM   405  C CD  . LYS A 1 70  ? -3.694  8.197   -5.352  1.00 33.63 ? 72   LYS A CD  1 
ATOM   406  C CE  . LYS A 1 70  ? -4.012  8.746   -6.767  1.00 35.21 ? 72   LYS A CE  1 
ATOM   407  N NZ  . LYS A 1 70  ? -5.486  8.579   -7.162  1.00 39.07 ? 72   LYS A NZ  1 
ATOM   408  N N   . SER A 1 71  ? 0.360   8.489   -1.230  1.00 25.11 ? 73   SER A N   1 
ATOM   409  C CA  . SER A 1 71  ? 0.823   7.961   0.036   1.00 24.35 ? 73   SER A CA  1 
ATOM   410  C C   . SER A 1 71  ? -0.076  6.819   0.488   1.00 24.47 ? 73   SER A C   1 
ATOM   411  O O   . SER A 1 71  ? -1.296  6.827   0.236   1.00 24.55 ? 73   SER A O   1 
ATOM   412  C CB  . SER A 1 71  ? 0.860   9.075   1.097   1.00 24.35 ? 73   SER A CB  1 
ATOM   413  O OG  . SER A 1 71  ? 1.863   10.006  0.697   1.00 27.63 ? 73   SER A OG  1 
ATOM   414  N N   . ILE A 1 72  ? 0.530   5.863   1.182   1.00 23.45 ? 74   ILE A N   1 
ATOM   415  C CA  . ILE A 1 72  ? -0.199  4.764   1.796   1.00 24.28 ? 74   ILE A CA  1 
ATOM   416  C C   . ILE A 1 72  ? -0.504  5.182   3.220   1.00 24.26 ? 74   ILE A C   1 
ATOM   417  O O   . ILE A 1 72  ? 0.328   5.016   4.128   1.00 24.22 ? 74   ILE A O   1 
ATOM   418  C CB  . ILE A 1 72  ? 0.597   3.415   1.763   1.00 23.98 ? 74   ILE A CB  1 
ATOM   419  C CG1 . ILE A 1 72  ? 0.970   3.022   0.326   1.00 25.13 ? 74   ILE A CG1 1 
ATOM   420  C CG2 . ILE A 1 72  ? -0.216  2.290   2.387   1.00 23.57 ? 74   ILE A CG2 1 
ATOM   421  C CD1 . ILE A 1 72  ? 2.072   1.952   0.275   1.00 25.07 ? 74   ILE A CD1 1 
ATOM   422  N N   . THR A 1 73  ? -1.679  5.793   3.388   1.00 23.42 ? 75   THR A N   1 
ATOM   423  C CA  . THR A 1 73  ? -2.102  6.330   4.652   1.00 23.23 ? 75   THR A CA  1 
ATOM   424  C C   . THR A 1 73  ? -3.026  5.367   5.430   1.00 22.57 ? 75   THR A C   1 
ATOM   425  O O   . THR A 1 73  ? -3.206  5.509   6.640   1.00 23.16 ? 75   THR A O   1 
ATOM   426  C CB  . THR A 1 73  ? -2.785  7.628   4.398   1.00 24.68 ? 75   THR A CB  1 
ATOM   427  O OG1 . THR A 1 73  ? -3.874  7.406   3.497   1.00 24.82 ? 75   THR A OG1 1 
ATOM   428  C CG2 . THR A 1 73  ? -1.806  8.611   3.780   1.00 24.62 ? 75   THR A CG2 1 
ATOM   429  N N   . ASP A 1 74  ? -3.638  4.425   4.729   1.00 21.09 ? 76   ASP A N   1 
ATOM   430  C CA  . ASP A 1 74  ? -4.590  3.521   5.305   1.00 21.41 ? 76   ASP A CA  1 
ATOM   431  C C   . ASP A 1 74  ? -4.162  2.116   4.963   1.00 20.66 ? 76   ASP A C   1 
ATOM   432  O O   . ASP A 1 74  ? -4.259  1.692   3.789   1.00 21.09 ? 76   ASP A O   1 
ATOM   433  C CB  . ASP A 1 74  ? -5.989  3.829   4.756   1.00 20.99 ? 76   ASP A CB  1 
ATOM   434  C CG  . ASP A 1 74  ? -6.538  5.128   5.275   1.00 23.86 ? 76   ASP A CG  1 
ATOM   435  O OD1 . ASP A 1 74  ? -6.095  6.185   4.805   1.00 23.87 ? 76   ASP A OD1 1 
ATOM   436  O OD2 . ASP A 1 74  ? -7.391  5.119   6.197   1.00 23.44 ? 76   ASP A OD2 1 
ATOM   437  N N   . PHE A 1 75  ? -3.606  1.407   5.941   1.00 20.65 ? 77   PHE A N   1 
ATOM   438  C CA  . PHE A 1 75  ? -2.990  0.118   5.677   1.00 19.68 ? 77   PHE A CA  1 
ATOM   439  C C   . PHE A 1 75  ? -3.140  -0.840  6.843   1.00 19.90 ? 77   PHE A C   1 
ATOM   440  O O   . PHE A 1 75  ? -3.479  -0.448  7.969   1.00 18.25 ? 77   PHE A O   1 
ATOM   441  C CB  . PHE A 1 75  ? -1.503  0.268   5.291   1.00 21.43 ? 77   PHE A CB  1 
ATOM   442  C CG  . PHE A 1 75  ? -0.603  0.828   6.383   1.00 20.11 ? 77   PHE A CG  1 
ATOM   443  C CD1 . PHE A 1 75  ? -0.102  0.008   7.333   1.00 24.76 ? 77   PHE A CD1 1 
ATOM   444  C CD2 . PHE A 1 75  ? -0.213  2.172   6.377   1.00 26.58 ? 77   PHE A CD2 1 
ATOM   445  C CE1 . PHE A 1 75  ? 0.740   0.471   8.312   1.00 28.44 ? 77   PHE A CE1 1 
ATOM   446  C CE2 . PHE A 1 75  ? 0.641   2.653   7.336   1.00 26.36 ? 77   PHE A CE2 1 
ATOM   447  C CZ  . PHE A 1 75  ? 1.130   1.803   8.321   1.00 26.27 ? 77   PHE A CZ  1 
ATOM   448  N N   . GLY A 1 76  ? -2.944  -2.127  6.553   1.00 18.41 ? 78   GLY A N   1 
ATOM   449  C CA  . GLY A 1 76  ? -2.703  -3.085  7.605   1.00 19.04 ? 78   GLY A CA  1 
ATOM   450  C C   . GLY A 1 76  ? -1.387  -3.782  7.381   1.00 20.42 ? 78   GLY A C   1 
ATOM   451  O O   . GLY A 1 76  ? -1.021  -4.123  6.212   1.00 19.44 ? 78   GLY A O   1 
ATOM   452  N N   . ILE A 1 77  ? -0.684  -4.006  8.471   1.00 21.24 ? 79   ILE A N   1 
ATOM   453  C CA  . ILE A 1 77  ? 0.534   -4.807  8.469   1.00 23.22 ? 79   ILE A CA  1 
ATOM   454  C C   . ILE A 1 77  ? 0.263   -6.073  9.223   1.00 23.38 ? 79   ILE A C   1 
ATOM   455  O O   . ILE A 1 77  ? -0.078  -6.036  10.414  1.00 23.38 ? 79   ILE A O   1 
ATOM   456  C CB  . ILE A 1 77  ? 1.735   -4.145  9.084   1.00 23.57 ? 79   ILE A CB  1 
ATOM   457  C CG1 . ILE A 1 77  ? 1.944   -2.815  8.438   1.00 26.55 ? 79   ILE A CG1 1 
ATOM   458  C CG2 . ILE A 1 77  ? 2.950   -5.034  8.862   1.00 24.74 ? 79   ILE A CG2 1 
ATOM   459  C CD1 . ILE A 1 77  ? 3.157   -2.018  8.986   1.00 28.97 ? 79   ILE A CD1 1 
ATOM   460  N N   . PHE A 1 78  ? 0.404   -7.206  8.542   1.00 22.66 ? 80   PHE A N   1 
ATOM   461  C CA  . PHE A 1 78  ? 0.223   -8.496  9.172   1.00 22.35 ? 80   PHE A CA  1 
ATOM   462  C C   . PHE A 1 78  ? 1.496   -8.896  9.875   1.00 22.34 ? 80   PHE A C   1 
ATOM   463  O O   . PHE A 1 78  ? 2.602   -8.771  9.327   1.00 22.83 ? 80   PHE A O   1 
ATOM   464  C CB  . PHE A 1 78  ? -0.183  -9.555  8.156   1.00 23.90 ? 80   PHE A CB  1 
ATOM   465  C CG  . PHE A 1 78  ? -1.597  -9.376  7.716   1.00 24.82 ? 80   PHE A CG  1 
ATOM   466  C CD1 . PHE A 1 78  ? -1.886  -8.575  6.652   1.00 27.96 ? 80   PHE A CD1 1 
ATOM   467  C CD2 . PHE A 1 78  ? -2.632  -9.897  8.463   1.00 27.68 ? 80   PHE A CD2 1 
ATOM   468  C CE1 . PHE A 1 78  ? -3.182  -8.365  6.271   1.00 27.36 ? 80   PHE A CE1 1 
ATOM   469  C CE2 . PHE A 1 78  ? -3.942  -9.682  8.100   1.00 31.33 ? 80   PHE A CE2 1 
ATOM   470  C CZ  . PHE A 1 78  ? -4.209  -8.891  6.983   1.00 28.14 ? 80   PHE A CZ  1 
ATOM   471  N N   . ILE A 1 79  ? 1.343   -9.366  11.082  1.00 20.71 ? 81   ILE A N   1 
ATOM   472  C CA  . ILE A 1 79  ? 2.474   -9.737  11.891  1.00 21.82 ? 81   ILE A CA  1 
ATOM   473  C C   . ILE A 1 79  ? 2.484   -11.248 12.072  1.00 22.08 ? 81   ILE A C   1 
ATOM   474  O O   . ILE A 1 79  ? 1.516   -11.818 12.559  1.00 22.72 ? 81   ILE A O   1 
ATOM   475  C CB  . ILE A 1 79  ? 2.456   -9.025  13.274  1.00 23.01 ? 81   ILE A CB  1 
ATOM   476  C CG1 . ILE A 1 79  ? 2.472   -7.488  13.113  1.00 23.14 ? 81   ILE A CG1 1 
ATOM   477  C CG2 . ILE A 1 79  ? 3.632   -9.406  14.074  1.00 24.07 ? 81   ILE A CG2 1 
ATOM   478  C CD1 . ILE A 1 79  ? 3.706   -6.939  12.461  1.00 25.93 ? 81   ILE A CD1 1 
ATOM   479  N N   . GLY A 1 80  ? 3.624   -11.856 11.786  1.00 21.84 ? 82   GLY A N   1 
ATOM   480  C CA  . GLY A 1 80  ? 3.767   -13.296 11.855  1.00 23.60 ? 82   GLY A CA  1 
ATOM   481  C C   . GLY A 1 80  ? 3.776   -13.782 13.273  1.00 24.05 ? 82   GLY A C   1 
ATOM   482  O O   . GLY A 1 80  ? 3.930   -12.999 14.216  1.00 21.74 ? 82   GLY A O   1 
ATOM   483  N N   . LEU A 1 81  ? 3.636   -15.097 13.426  1.00 25.27 ? 83   LEU A N   1 
ATOM   484  C CA  . LEU A 1 81  ? 3.718   -15.701 14.772  1.00 26.02 ? 83   LEU A CA  1 
ATOM   485  C C   . LEU A 1 81  ? 5.084   -15.446 15.412  1.00 25.88 ? 83   LEU A C   1 
ATOM   486  O O   . LEU A 1 81  ? 5.173   -15.344 16.638  1.00 27.80 ? 83   LEU A O   1 
ATOM   487  C CB  . LEU A 1 81  ? 3.428   -17.206 14.721  1.00 27.56 ? 83   LEU A CB  1 
ATOM   488  C CG  . LEU A 1 81  ? 1.955   -17.600 14.859  1.00 31.21 ? 83   LEU A CG  1 
ATOM   489  C CD1 . LEU A 1 81  ? 1.823   -19.063 14.532  1.00 33.16 ? 83   LEU A CD1 1 
ATOM   490  C CD2 . LEU A 1 81  ? 1.388   -17.323 16.280  1.00 35.39 ? 83   LEU A CD2 1 
ATOM   491  N N   . ASP A 1 82  ? 6.140   -15.352 14.584  1.00 24.35 ? 84   ASP A N   1 
ATOM   492  C CA  . ASP A 1 82  ? 7.483   -14.971 15.036  1.00 24.60 ? 84   ASP A CA  1 
ATOM   493  C C   . ASP A 1 82  ? 7.779   -13.461 15.187  1.00 23.42 ? 84   ASP A C   1 
ATOM   494  O O   . ASP A 1 82  ? 8.903   -13.063 15.525  1.00 23.59 ? 84   ASP A O   1 
ATOM   495  C CB  . ASP A 1 82  ? 8.555   -15.621 14.139  1.00 24.20 ? 84   ASP A CB  1 
ATOM   496  C CG  . ASP A 1 82  ? 8.569   -15.081 12.721  1.00 25.77 ? 84   ASP A CG  1 
ATOM   497  O OD1 . ASP A 1 82  ? 7.755   -14.205 12.390  1.00 23.89 ? 84   ASP A OD1 1 
ATOM   498  O OD2 . ASP A 1 82  ? 9.414   -15.542 11.919  1.00 27.17 ? 84   ASP A OD2 1 
ATOM   499  N N   . GLY A 1 83  ? 6.771   -12.639 14.957  1.00 22.42 ? 85   GLY A N   1 
ATOM   500  C CA  . GLY A 1 83  ? 6.851   -11.191 15.083  1.00 22.49 ? 85   GLY A CA  1 
ATOM   501  C C   . GLY A 1 83  ? 7.253   -10.458 13.797  1.00 22.02 ? 85   GLY A C   1 
ATOM   502  O O   . GLY A 1 83  ? 7.408   -9.230  13.788  1.00 21.59 ? 85   GLY A O   1 
ATOM   503  N N   . GLY A 1 84  ? 7.394   -11.182 12.694  1.00 22.02 ? 86   GLY A N   1 
ATOM   504  C CA  . GLY A 1 84  ? 7.915   -10.614 11.479  1.00 19.75 ? 86   GLY A CA  1 
ATOM   505  C C   . GLY A 1 84  ? 6.833   -9.940  10.607  1.00 20.10 ? 86   GLY A C   1 
ATOM   506  O O   . GLY A 1 84  ? 5.641   -10.000 10.903  1.00 19.26 ? 86   GLY A O   1 
ATOM   507  N N   . ILE A 1 85  ? 7.292   -9.293  9.536   1.00 18.74 ? 87   ILE A N   1 
ATOM   508  C CA  . ILE A 1 85  ? 6.446   -8.550  8.622   1.00 19.59 ? 87   ILE A CA  1 
ATOM   509  C C   . ILE A 1 85  ? 5.932   -9.525  7.580   1.00 20.24 ? 87   ILE A C   1 
ATOM   510  O O   . ILE A 1 85  ? 6.701   -9.960  6.707   1.00 18.42 ? 87   ILE A O   1 
ATOM   511  C CB  . ILE A 1 85  ? 7.137   -7.363  7.925   1.00 18.80 ? 87   ILE A CB  1 
ATOM   512  C CG1 . ILE A 1 85  ? 7.657   -6.378  8.953   1.00 20.68 ? 87   ILE A CG1 1 
ATOM   513  C CG2 . ILE A 1 85  ? 6.128   -6.705  6.959   1.00 19.16 ? 87   ILE A CG2 1 
ATOM   514  C CD1 . ILE A 1 85  ? 8.608   -5.294  8.387   1.00 22.01 ? 87   ILE A CD1 1 
ATOM   515  N N   . ASP A 1 86  ? 4.675   -9.904  7.729   1.00 20.88 ? 88   ASP A N   1 
ATOM   516  C CA  . ASP A 1 86  ? 4.073   -10.943 6.898   1.00 22.69 ? 88   ASP A CA  1 
ATOM   517  C C   . ASP A 1 86  ? 3.045   -10.444 5.919   1.00 23.42 ? 88   ASP A C   1 
ATOM   518  O O   . ASP A 1 86  ? 2.278   -11.243 5.363   1.00 25.68 ? 88   ASP A O   1 
ATOM   519  C CB  . ASP A 1 86  ? 3.390   -11.985 7.769   1.00 23.39 ? 88   ASP A CB  1 
ATOM   520  C CG  . ASP A 1 86  ? 4.378   -12.965 8.411   1.00 33.03 ? 88   ASP A CG  1 
ATOM   521  O OD1 . ASP A 1 86  ? 5.611   -12.835 8.275   1.00 38.00 ? 88   ASP A OD1 1 
ATOM   522  O OD2 . ASP A 1 86  ? 3.907   -13.902 9.050   1.00 44.34 ? 88   ASP A OD2 1 
ATOM   523  N N   . GLY A 1 87  ? 2.996   -9.168  5.660   1.00 21.07 ? 89   GLY A N   1 
ATOM   524  C CA  . GLY A 1 87  ? 2.118   -8.693  4.576   1.00 21.05 ? 89   GLY A CA  1 
ATOM   525  C C   . GLY A 1 87  ? 1.837   -7.246  4.827   1.00 20.92 ? 89   GLY A C   1 
ATOM   526  O O   . GLY A 1 87  ? 1.898   -6.796  5.993   1.00 21.89 ? 89   GLY A O   1 
ATOM   527  N N   . LEU A 1 88  ? 1.437   -6.547  3.786   1.00 21.18 ? 90   LEU A N   1 
ATOM   528  C CA  . LEU A 1 88  ? 1.095   -5.143  3.870   1.00 20.42 ? 90   LEU A CA  1 
ATOM   529  C C   . LEU A 1 88  ? -0.051  -4.925  2.912   1.00 20.13 ? 90   LEU A C   1 
ATOM   530  O O   . LEU A 1 88  ? 0.143   -5.153  1.725   1.00 19.58 ? 90   LEU A O   1 
ATOM   531  C CB  . LEU A 1 88  ? 2.271   -4.267  3.450   1.00 20.32 ? 90   LEU A CB  1 
ATOM   532  C CG  . LEU A 1 88  ? 1.935   -2.741  3.450   1.00 23.68 ? 90   LEU A CG  1 
ATOM   533  C CD1 . LEU A 1 88  ? 1.794   -2.257  4.868   1.00 27.04 ? 90   LEU A CD1 1 
ATOM   534  C CD2 . LEU A 1 88  ? 2.975   -1.885  2.656   1.00 24.69 ? 90   LEU A CD2 1 
ATOM   535  N N   . VAL A 1 89  ? -1.229  -4.582  3.432   1.00 19.34 ? 91   VAL A N   1 
ATOM   536  C CA  . VAL A 1 89  ? -2.404  -4.358  2.638   1.00 19.24 ? 91   VAL A CA  1 
ATOM   537  C C   . VAL A 1 89  ? -2.955  -2.975  2.751   1.00 20.43 ? 91   VAL A C   1 
ATOM   538  O O   . VAL A 1 89  ? -2.712  -2.263  3.745   1.00 19.76 ? 91   VAL A O   1 
ATOM   539  C CB  . VAL A 1 89  ? -3.534  -5.361  2.981   1.00 18.69 ? 91   VAL A CB  1 
ATOM   540  C CG1 . VAL A 1 89  ? -3.050  -6.780  2.722   1.00 20.22 ? 91   VAL A CG1 1 
ATOM   541  C CG2 . VAL A 1 89  ? -4.070  -5.174  4.432   1.00 19.05 ? 91   VAL A CG2 1 
ATOM   542  N N   . HIS A 1 90  ? -3.746  -2.612  1.752   1.00 19.33 ? 92   HIS A N   1 
ATOM   543  C CA  . HIS A 1 90  ? -4.560  -1.411  1.780   1.00 21.13 ? 92   HIS A CA  1 
ATOM   544  C C   . HIS A 1 90  ? -5.833  -1.646  2.601   1.00 21.17 ? 92   HIS A C   1 
ATOM   545  O O   . HIS A 1 90  ? -6.520  -2.694  2.482   1.00 19.48 ? 92   HIS A O   1 
ATOM   546  C CB  . HIS A 1 90  ? -4.952  -1.052  0.341   1.00 22.85 ? 92   HIS A CB  1 
ATOM   547  C CG  . HIS A 1 90  ? -5.872  0.126   0.234   1.00 26.87 ? 92   HIS A CG  1 
ATOM   548  N ND1 . HIS A 1 90  ? -7.245  0.014   0.331   1.00 34.70 ? 92   HIS A ND1 1 
ATOM   549  C CD2 . HIS A 1 90  ? -5.617  1.438   0.015   1.00 34.28 ? 92   HIS A CD2 1 
ATOM   550  C CE1 . HIS A 1 90  ? -7.796  1.207   0.172   1.00 31.57 ? 92   HIS A CE1 1 
ATOM   551  N NE2 . HIS A 1 90  ? -6.832  2.088   -0.017  1.00 32.22 ? 92   HIS A NE2 1 
ATOM   552  N N   . LEU A 1 91  ? -6.132  -0.673  3.445   1.00 23.34 ? 93   LEU A N   1 
ATOM   553  C CA  . LEU A 1 91  ? -7.307  -0.723  4.299   1.00 23.28 ? 93   LEU A CA  1 
ATOM   554  C C   . LEU A 1 91  ? -8.339  0.215   3.707   1.00 25.11 ? 93   LEU A C   1 
ATOM   555  O O   . LEU A 1 91  ? -8.180  1.421   3.760   1.00 24.58 ? 93   LEU A O   1 
ATOM   556  C CB  . LEU A 1 91  ? -6.916  -0.308  5.719   1.00 23.07 ? 93   LEU A CB  1 
ATOM   557  C CG  . LEU A 1 91  ? -8.003  -0.356  6.800   1.00 24.35 ? 93   LEU A CG  1 
ATOM   558  C CD1 . LEU A 1 91  ? -8.574  -1.756  6.983   1.00 23.00 ? 93   LEU A CD1 1 
ATOM   559  C CD2 . LEU A 1 91  ? -7.449  0.165   8.136   1.00 23.21 ? 93   LEU A CD2 1 
ATOM   560  N N   . SER A 1 92  ? -9.380  -0.349  3.094   1.00 26.96 ? 94   SER A N   1 
ATOM   561  C CA  . SER A 1 92  ? -10.371 0.460   2.367   1.00 27.92 ? 94   SER A CA  1 
ATOM   562  C C   . SER A 1 92  ? -11.337 1.016   3.336   1.00 28.54 ? 94   SER A C   1 
ATOM   563  O O   . SER A 1 92  ? -11.835 2.131   3.134   1.00 30.73 ? 94   SER A O   1 
ATOM   564  C CB  . SER A 1 92  ? -11.129 -0.353  1.351   1.00 27.04 ? 94   SER A CB  1 
ATOM   565  O OG  . SER A 1 92  ? -10.202 -0.839  0.432   1.00 30.45 ? 94   SER A OG  1 
ATOM   566  N N   . ASP A 1 93  ? -11.673 0.238   4.360   1.00 28.38 ? 95   ASP A N   1 
ATOM   567  C CA  . ASP A 1 93  ? -12.433 0.803   5.427   1.00 29.59 ? 95   ASP A CA  1 
ATOM   568  C C   . ASP A 1 93  ? -12.365 -0.009  6.684   1.00 27.93 ? 95   ASP A C   1 
ATOM   569  O O   . ASP A 1 93  ? -11.818 -1.116  6.701   1.00 24.09 ? 95   ASP A O   1 
ATOM   570  C CB  . ASP A 1 93  ? -13.841 1.075   5.028   1.00 32.61 ? 95   ASP A CB  1 
ATOM   571  C CG  . ASP A 1 93  ? -14.724 -0.041  5.266   1.00 36.43 ? 95   ASP A CG  1 
ATOM   572  O OD1 . ASP A 1 93  ? -14.452 -1.067  4.639   1.00 42.05 ? 95   ASP A OD1 1 
ATOM   573  O OD2 . ASP A 1 93  ? -15.717 0.160   6.034   1.00 42.98 ? 95   ASP A OD2 1 
ATOM   574  N N   . ILE A 1 94  ? -12.811 0.627   7.757   1.00 24.99 ? 96   ILE A N   1 
ATOM   575  C CA  . ILE A 1 94  ? -12.760 -0.004  9.063   1.00 24.42 ? 96   ILE A CA  1 
ATOM   576  C C   . ILE A 1 94  ? -13.865 0.581   9.896   1.00 24.64 ? 96   ILE A C   1 
ATOM   577  O O   . ILE A 1 94  ? -14.157 1.772   9.792   1.00 24.12 ? 96   ILE A O   1 
ATOM   578  C CB  . ILE A 1 94  ? -11.349 0.205   9.707   1.00 25.03 ? 96   ILE A CB  1 
ATOM   579  C CG1 . ILE A 1 94  ? -11.231 -0.536  11.033  1.00 25.07 ? 96   ILE A CG1 1 
ATOM   580  C CG2 . ILE A 1 94  ? -11.007 1.680   9.871   1.00 25.63 ? 96   ILE A CG2 1 
ATOM   581  C CD1 . ILE A 1 94  ? -9.812  -0.628  11.588  1.00 24.42 ? 96   ILE A CD1 1 
ATOM   582  N N   . SER A 1 95  ? -14.477 -0.262  10.713  1.00 25.00 ? 97   SER A N   1 
ATOM   583  C CA  . SER A 1 95  ? -15.580 0.150   11.535  1.00 25.91 ? 97   SER A CA  1 
ATOM   584  C C   . SER A 1 95  ? -15.642 -0.677  12.800  1.00 25.15 ? 97   SER A C   1 
ATOM   585  O O   . SER A 1 95  ? -15.165 -1.806  12.860  1.00 25.50 ? 97   SER A O   1 
ATOM   586  C CB  . SER A 1 95  ? -16.878 0.108   10.709  1.00 26.89 ? 97   SER A CB  1 
ATOM   587  O OG  . SER A 1 95  ? -17.195 -1.167  10.312  1.00 29.03 ? 97   SER A OG  1 
ATOM   588  N N   . TRP A 1 96  ? -16.183 -0.060  13.836  1.00 25.13 ? 98   TRP A N   1 
ATOM   589  C CA  . TRP A 1 96  ? -16.300 -0.647  15.158  1.00 25.67 ? 98   TRP A CA  1 
ATOM   590  C C   . TRP A 1 96  ? -17.454 0.108   15.893  1.00 26.25 ? 98   TRP A C   1 
ATOM   591  O O   . TRP A 1 96  ? -17.939 1.106   15.402  1.00 24.80 ? 98   TRP A O   1 
ATOM   592  C CB  . TRP A 1 96  ? -14.959 -0.582  15.906  1.00 24.84 ? 98   TRP A CB  1 
ATOM   593  C CG  . TRP A 1 96  ? -14.534 0.806   16.195  1.00 23.32 ? 98   TRP A CG  1 
ATOM   594  C CD1 . TRP A 1 96  ? -14.883 1.549   17.288  1.00 24.92 ? 98   TRP A CD1 1 
ATOM   595  C CD2 . TRP A 1 96  ? -13.737 1.644   15.389  1.00 23.85 ? 98   TRP A CD2 1 
ATOM   596  N NE1 . TRP A 1 96  ? -14.321 2.794   17.215  1.00 22.88 ? 98   TRP A NE1 1 
ATOM   597  C CE2 . TRP A 1 96  ? -13.609 2.881   16.063  1.00 23.13 ? 98   TRP A CE2 1 
ATOM   598  C CE3 . TRP A 1 96  ? -13.078 1.478   14.171  1.00 22.08 ? 98   TRP A CE3 1 
ATOM   599  C CZ2 . TRP A 1 96  ? -12.882 3.955   15.541  1.00 24.58 ? 98   TRP A CZ2 1 
ATOM   600  C CZ3 . TRP A 1 96  ? -12.341 2.542   13.675  1.00 22.85 ? 98   TRP A CZ3 1 
ATOM   601  C CH2 . TRP A 1 96  ? -12.263 3.755   14.337  1.00 23.88 ? 98   TRP A CH2 1 
ATOM   602  N N   . ALA A 1 97  ? -17.897 -0.426  17.027  1.00 27.39 ? 99   ALA A N   1 
ATOM   603  C CA  . ALA A 1 97  ? -18.854 0.264   17.902  1.00 28.07 ? 99   ALA A CA  1 
ATOM   604  C C   . ALA A 1 97  ? -18.015 0.879   19.048  1.00 29.32 ? 99   ALA A C   1 
ATOM   605  O O   . ALA A 1 97  ? -17.244 0.194   19.719  1.00 27.70 ? 99   ALA A O   1 
ATOM   606  C CB  . ALA A 1 97  ? -19.890 -0.729  18.438  1.00 28.65 ? 99   ALA A CB  1 
ATOM   607  N N   . GLN A 1 98  ? -18.067 2.197   19.181  1.00 31.53 ? 100  GLN A N   1 
ATOM   608  C CA  . GLN A 1 98  ? -17.262 2.869   20.204  1.00 33.22 ? 100  GLN A CA  1 
ATOM   609  C C   . GLN A 1 98  ? -17.728 2.406   21.573  1.00 32.59 ? 100  GLN A C   1 
ATOM   610  O O   . GLN A 1 98  ? -18.919 2.144   21.749  1.00 31.49 ? 100  GLN A O   1 
ATOM   611  C CB  . GLN A 1 98  ? -17.351 4.384   20.040  1.00 33.61 ? 100  GLN A CB  1 
ATOM   612  C CG  . GLN A 1 98  ? -18.631 5.028   20.546  1.00 36.56 ? 100  GLN A CG  1 
ATOM   613  C CD  . GLN A 1 98  ? -18.647 6.550   20.372  1.00 37.28 ? 100  GLN A CD  1 
ATOM   614  O OE1 . GLN A 1 98  ? -17.673 7.167   19.929  1.00 39.00 ? 100  GLN A OE1 1 
ATOM   615  N NE2 . GLN A 1 98  ? -19.787 7.164   20.733  1.00 45.03 ? 100  GLN A NE2 1 
ATOM   616  N N   . ALA A 1 99  ? -16.796 2.246   22.514  1.00 33.45 ? 101  ALA A N   1 
ATOM   617  C CA  . ALA A 1 99  ? -17.160 1.980   23.894  1.00 33.92 ? 101  ALA A CA  1 
ATOM   618  C C   . ALA A 1 99  ? -17.812 3.244   24.483  1.00 34.85 ? 101  ALA A C   1 
ATOM   619  O O   . ALA A 1 99  ? -17.301 4.378   24.336  1.00 32.03 ? 101  ALA A O   1 
ATOM   620  C CB  . ALA A 1 99  ? -15.979 1.599   24.733  1.00 33.99 ? 101  ALA A CB  1 
ATOM   621  N N   . GLU A 1 100 ? -18.919 2.983   25.181  1.00 34.43 ? 102  GLU A N   1 
ATOM   622  C CA  . GLU A 1 100 ? -19.823 3.974   25.770  1.00 36.83 ? 102  GLU A CA  1 
ATOM   623  C C   . GLU A 1 100 ? -20.319 5.049   24.826  1.00 38.02 ? 102  GLU A C   1 
ATOM   624  O O   . GLU A 1 100 ? -21.453 4.859   24.252  1.00 41.12 ? 102  GLU A O   1 
ATOM   625  C CB  . GLU A 1 100 ? -19.340 4.517   27.133  1.00 34.83 ? 102  GLU A CB  1 
ATOM   626  C CG  . GLU A 1 100 ? -19.524 6.005   27.192  1.00 36.41 ? 102  GLU A CG  1 
ATOM   627  C CD  . GLU A 1 100 ? -19.475 6.624   28.530  1.00 39.47 ? 102  GLU A CD  1 
ATOM   628  O OE1 . GLU A 1 100 ? -18.658 7.585   28.652  1.00 40.72 ? 102  GLU A OE1 1 
ATOM   629  O OE2 . GLU A 1 100 ? -20.325 6.265   29.416  1.00 45.93 ? 102  GLU A OE2 1 
ATOM   630  N N   . SER B 1 14  ? -8.033  -9.614  0.030   1.00 47.29 ? 16   SER B N   1 
ATOM   631  C CA  . SER B 1 14  ? -9.052  -10.507 0.675   1.00 46.65 ? 16   SER B CA  1 
ATOM   632  C C   . SER B 1 14  ? -10.498 -9.988  0.725   1.00 45.66 ? 16   SER B C   1 
ATOM   633  O O   . SER B 1 14  ? -11.459 -10.777 0.708   1.00 45.44 ? 16   SER B O   1 
ATOM   634  C CB  . SER B 1 14  ? -8.628  -10.806 2.113   1.00 47.00 ? 16   SER B CB  1 
ATOM   635  O OG  . SER B 1 14  ? -9.678  -11.437 2.821   1.00 46.82 ? 16   SER B OG  1 
ATOM   636  N N   . GLY B 1 15  ? -10.665 -8.680  0.823   1.00 43.85 ? 17   GLY B N   1 
ATOM   637  C CA  . GLY B 1 15  ? -11.985 -8.118  1.002   1.00 42.67 ? 17   GLY B CA  1 
ATOM   638  C C   . GLY B 1 15  ? -12.317 -8.031  2.480   1.00 41.51 ? 17   GLY B C   1 
ATOM   639  O O   . GLY B 1 15  ? -11.606 -7.384  3.217   1.00 39.02 ? 17   GLY B O   1 
ATOM   640  N N   . LYS B 1 16  ? -13.385 -8.706  2.907   1.00 41.32 ? 18   LYS B N   1 
ATOM   641  C CA  . LYS B 1 16  ? -13.919 -8.500  4.264   1.00 41.72 ? 18   LYS B CA  1 
ATOM   642  C C   . LYS B 1 16  ? -13.050 -9.125  5.336   1.00 40.50 ? 18   LYS B C   1 
ATOM   643  O O   . LYS B 1 16  ? -12.673 -10.278 5.233   1.00 40.15 ? 18   LYS B O   1 
ATOM   644  C CB  . LYS B 1 16  ? -15.318 -9.069  4.379   1.00 42.33 ? 18   LYS B CB  1 
ATOM   645  C CG  . LYS B 1 16  ? -16.100 -8.512  5.550   1.00 44.31 ? 18   LYS B CG  1 
ATOM   646  C CD  . LYS B 1 16  ? -17.555 -9.012  5.518   1.00 45.50 ? 18   LYS B CD  1 
ATOM   647  C CE  . LYS B 1 16  ? -18.487 -8.194  6.401   1.00 46.54 ? 18   LYS B CE  1 
ATOM   648  N NZ  . LYS B 1 16  ? -19.895 -8.762  6.376   1.00 47.86 ? 18   LYS B NZ  1 
ATOM   649  N N   . MET B 1 17  ? -12.736 -8.366  6.383   1.00 38.99 ? 19   MET B N   1 
ATOM   650  C CA  . MET B 1 17  ? -11.928 -8.869  7.474   1.00 38.84 ? 19   MET B CA  1 
ATOM   651  C C   . MET B 1 17  ? -12.622 -8.488  8.767   1.00 36.72 ? 19   MET B C   1 
ATOM   652  O O   . MET B 1 17  ? -12.677 -7.337  9.099   1.00 36.42 ? 19   MET B O   1 
ATOM   653  C CB  . MET B 1 17  ? -10.530 -8.258  7.432   1.00 39.14 ? 19   MET B CB  1 
ATOM   654  C CG  . MET B 1 17  ? -9.592  -8.765  8.502   1.00 40.97 ? 19   MET B CG  1 
ATOM   655  S SD  . MET B 1 17  ? -8.021  -7.868  8.572   1.00 43.90 ? 19   MET B SD  1 
ATOM   656  C CE  . MET B 1 17  ? -8.459  -6.267  9.254   1.00 45.48 ? 19   MET B CE  1 
ATOM   657  N N   . THR B 1 18  ? -13.153 -9.467  9.485   1.00 34.73 ? 20   THR B N   1 
ATOM   658  C CA  . THR B 1 18  ? -13.744 -9.222  10.793  1.00 33.73 ? 20   THR B CA  1 
ATOM   659  C C   . THR B 1 18  ? -12.778 -9.772  11.800  1.00 31.61 ? 20   THR B C   1 
ATOM   660  O O   . THR B 1 18  ? -12.039 -10.689 11.511  1.00 29.63 ? 20   THR B O   1 
ATOM   661  C CB  . THR B 1 18  ? -15.053 -9.958  10.951  1.00 34.44 ? 20   THR B CB  1 
ATOM   662  O OG1 . THR B 1 18  ? -14.816 -11.337 10.651  1.00 35.88 ? 20   THR B OG1 1 
ATOM   663  C CG2 . THR B 1 18  ? -16.076 -9.392  9.972   1.00 36.23 ? 20   THR B CG2 1 
ATOM   664  N N   . GLY B 1 19  ? -12.764 -9.200  12.994  1.00 30.01 ? 21   GLY B N   1 
ATOM   665  C CA  . GLY B 1 19  ? -11.856 -9.691  13.996  1.00 29.19 ? 21   GLY B CA  1 
ATOM   666  C C   . GLY B 1 19  ? -12.226 -9.103  15.309  1.00 28.30 ? 21   GLY B C   1 
ATOM   667  O O   . GLY B 1 19  ? -13.368 -8.619  15.466  1.00 27.90 ? 21   GLY B O   1 
ATOM   668  N N   . ILE B 1 20  ? -11.282 -9.185  16.248  1.00 27.91 ? 22   ILE B N   1 
ATOM   669  C CA  . ILE B 1 20  ? -11.474 -8.596  17.570  1.00 27.87 ? 22   ILE B CA  1 
ATOM   670  C C   . ILE B 1 20  ? -10.296 -7.709  17.930  1.00 26.52 ? 22   ILE B C   1 
ATOM   671  O O   . ILE B 1 20  ? -9.118  -7.968  17.535  1.00 24.62 ? 22   ILE B O   1 
ATOM   672  C CB  . ILE B 1 20  ? -11.734 -9.611  18.727  1.00 28.88 ? 22   ILE B CB  1 
ATOM   673  C CG1 . ILE B 1 20  ? -10.473 -10.338 19.142  1.00 31.17 ? 22   ILE B CG1 1 
ATOM   674  C CG2 . ILE B 1 20  ? -12.963 -10.547 18.422  1.00 27.67 ? 22   ILE B CG2 1 
ATOM   675  C CD1 . ILE B 1 20  ? -10.612 -11.062 20.446  1.00 32.49 ? 22   ILE B CD1 1 
ATOM   676  N N   . VAL B 1 21  ? -10.616 -6.673  18.711  1.00 24.34 ? 23   VAL B N   1 
ATOM   677  C CA  . VAL B 1 21  ? -9.631  -5.653  19.073  1.00 24.50 ? 23   VAL B CA  1 
ATOM   678  C C   . VAL B 1 21  ? -8.683  -6.155  20.165  1.00 24.96 ? 23   VAL B C   1 
ATOM   679  O O   . VAL B 1 21  ? -9.141  -6.598  21.219  1.00 24.66 ? 23   VAL B O   1 
ATOM   680  C CB  . VAL B 1 21  ? -10.339 -4.351  19.578  1.00 24.35 ? 23   VAL B CB  1 
ATOM   681  C CG1 . VAL B 1 21  ? -9.344  -3.337  20.041  1.00 26.40 ? 23   VAL B CG1 1 
ATOM   682  C CG2 . VAL B 1 21  ? -11.244 -3.784  18.462  1.00 25.34 ? 23   VAL B CG2 1 
ATOM   683  N N   . LYS B 1 22  ? -7.376  -6.098  19.919  1.00 23.84 ? 24   LYS B N   1 
ATOM   684  C CA  . LYS B 1 22  ? -6.375  -6.264  20.986  1.00 26.01 ? 24   LYS B CA  1 
ATOM   685  C C   . LYS B 1 22  ? -6.046  -4.941  21.676  1.00 25.39 ? 24   LYS B C   1 
ATOM   686  O O   . LYS B 1 22  ? -5.889  -4.906  22.893  1.00 26.73 ? 24   LYS B O   1 
ATOM   687  C CB  . LYS B 1 22  ? -5.082  -6.890  20.462  1.00 25.58 ? 24   LYS B CB  1 
ATOM   688  C CG  . LYS B 1 22  ? -5.257  -8.200  19.687  1.00 28.21 ? 24   LYS B CG  1 
ATOM   689  C CD  . LYS B 1 22  ? -3.911  -8.855  19.318  1.00 30.44 ? 24   LYS B CD  1 
ATOM   690  C CE  . LYS B 1 22  ? -3.375  -9.713  20.462  1.00 35.80 ? 24   LYS B CE  1 
ATOM   691  N NZ  . LYS B 1 22  ? -2.381  -8.946  21.280  1.00 41.20 ? 24   LYS B NZ  1 
ATOM   692  N N   . TRP B 1 23  ? -5.938  -3.866  20.910  1.00 25.64 ? 25   TRP B N   1 
ATOM   693  C CA  . TRP B 1 23  ? -5.600  -2.538  21.424  1.00 24.80 ? 25   TRP B CA  1 
ATOM   694  C C   . TRP B 1 23  ? -5.980  -1.537  20.359  1.00 24.30 ? 25   TRP B C   1 
ATOM   695  O O   . TRP B 1 23  ? -5.997  -1.870  19.162  1.00 21.74 ? 25   TRP B O   1 
ATOM   696  C CB  . TRP B 1 23  ? -4.100  -2.480  21.798  1.00 27.08 ? 25   TRP B CB  1 
ATOM   697  C CG  . TRP B 1 23  ? -3.497  -1.081  21.988  1.00 28.90 ? 25   TRP B CG  1 
ATOM   698  C CD1 . TRP B 1 23  ? -3.163  -0.478  23.173  1.00 30.87 ? 25   TRP B CD1 1 
ATOM   699  C CD2 . TRP B 1 23  ? -3.089  -0.161  20.948  1.00 30.97 ? 25   TRP B CD2 1 
ATOM   700  N NE1 . TRP B 1 23  ? -2.626  0.753   22.941  1.00 31.07 ? 25   TRP B NE1 1 
ATOM   701  C CE2 . TRP B 1 23  ? -2.542  0.971   21.586  1.00 30.24 ? 25   TRP B CE2 1 
ATOM   702  C CE3 . TRP B 1 23  ? -3.142  -0.190  19.545  1.00 31.50 ? 25   TRP B CE3 1 
ATOM   703  C CZ2 . TRP B 1 23  ? -2.100  2.104   20.882  1.00 30.57 ? 25   TRP B CZ2 1 
ATOM   704  C CZ3 . TRP B 1 23  ? -2.687  0.955   18.823  1.00 30.76 ? 25   TRP B CZ3 1 
ATOM   705  C CH2 . TRP B 1 23  ? -2.169  2.071   19.500  1.00 32.05 ? 25   TRP B CH2 1 
ATOM   706  N N   . PHE B 1 24  ? -6.262  -0.295  20.758  1.00 21.91 ? 26   PHE B N   1 
ATOM   707  C CA  . PHE B 1 24  ? -6.733  0.688   19.831  1.00 21.32 ? 26   PHE B CA  1 
ATOM   708  C C   . PHE B 1 24  ? -6.410  2.089   20.288  1.00 22.00 ? 26   PHE B C   1 
ATOM   709  O O   . PHE B 1 24  ? -6.378  2.392   21.521  1.00 23.03 ? 26   PHE B O   1 
ATOM   710  C CB  . PHE B 1 24  ? -8.246  0.529   19.581  1.00 21.26 ? 26   PHE B CB  1 
ATOM   711  C CG  . PHE B 1 24  ? -8.664  0.576   18.133  1.00 19.69 ? 26   PHE B CG  1 
ATOM   712  C CD1 . PHE B 1 24  ? -8.527  -0.542  17.330  1.00 19.45 ? 26   PHE B CD1 1 
ATOM   713  C CD2 . PHE B 1 24  ? -9.325  1.695   17.607  1.00 20.91 ? 26   PHE B CD2 1 
ATOM   714  C CE1 . PHE B 1 24  ? -8.982  -0.527  15.998  1.00 20.59 ? 26   PHE B CE1 1 
ATOM   715  C CE2 . PHE B 1 24  ? -9.764  1.734   16.244  1.00 21.08 ? 26   PHE B CE2 1 
ATOM   716  C CZ  . PHE B 1 24  ? -9.595  0.649   15.467  1.00 21.58 ? 26   PHE B CZ  1 
ATOM   717  N N   . ASN B 1 25  ? -6.144  2.947   19.312  1.00 21.86 ? 27   ASN B N   1 
ATOM   718  C CA  . ASN B 1 25  ? -5.938  4.387   19.541  1.00 23.32 ? 27   ASN B CA  1 
ATOM   719  C C   . ASN B 1 25  ? -6.602  5.143   18.409  1.00 22.97 ? 27   ASN B C   1 
ATOM   720  O O   . ASN B 1 25  ? -5.981  5.500   17.445  1.00 23.63 ? 27   ASN B O   1 
ATOM   721  C CB  . ASN B 1 25  ? -4.493  4.793   19.719  1.00 22.68 ? 27   ASN B CB  1 
ATOM   722  C CG  . ASN B 1 25  ? -4.358  6.276   20.121  1.00 21.99 ? 27   ASN B CG  1 
ATOM   723  O OD1 . ASN B 1 25  ? -5.301  7.062   19.955  1.00 20.68 ? 27   ASN B OD1 1 
ATOM   724  N ND2 . ASN B 1 25  ? -3.204  6.653   20.654  1.00 21.67 ? 27   ASN B ND2 1 
ATOM   725  N N   . ALA B 1 26  ? -7.905  5.374   18.552  1.00 23.80 ? 28   ALA B N   1 
ATOM   726  C CA  . ALA B 1 26  ? -8.714  5.913   17.456  1.00 24.68 ? 28   ALA B CA  1 
ATOM   727  C C   . ALA B 1 26  ? -8.381  7.393   17.289  1.00 25.78 ? 28   ALA B C   1 
ATOM   728  O O   . ALA B 1 26  ? -8.492  7.930   16.202  1.00 28.25 ? 28   ALA B O   1 
ATOM   729  C CB  . ALA B 1 26  ? -10.190 5.731   17.764  1.00 25.87 ? 28   ALA B CB  1 
ATOM   730  N N   . ASP B 1 27  ? -7.916  8.045   18.347  1.00 25.99 ? 29   ASP B N   1 
ATOM   731  C CA  . ASP B 1 27  ? -7.525  9.450   18.253  1.00 26.45 ? 29   ASP B CA  1 
ATOM   732  C C   . ASP B 1 27  ? -6.384  9.663   17.254  1.00 26.17 ? 29   ASP B C   1 
ATOM   733  O O   . ASP B 1 27  ? -6.370  10.661  16.499  1.00 26.60 ? 29   ASP B O   1 
ATOM   734  C CB  . ASP B 1 27  ? -7.052  9.989   19.587  1.00 25.65 ? 29   ASP B CB  1 
ATOM   735  C CG  . ASP B 1 27  ? -6.715  11.464  19.500  1.00 29.69 ? 29   ASP B CG  1 
ATOM   736  O OD1 . ASP B 1 27  ? -7.471  12.186  18.829  1.00 30.87 ? 29   ASP B OD1 1 
ATOM   737  O OD2 . ASP B 1 27  ? -5.687  11.881  20.030  1.00 26.90 ? 29   ASP B OD2 1 
ATOM   738  N N   . LYS B 1 28  ? -5.447  8.729   17.257  1.00 24.33 ? 30   LYS B N   1 
ATOM   739  C CA  . LYS B 1 28  ? -4.264  8.779   16.387  1.00 24.43 ? 30   LYS B CA  1 
ATOM   740  C C   . LYS B 1 28  ? -4.320  7.843   15.169  1.00 23.49 ? 30   LYS B C   1 
ATOM   741  O O   . LYS B 1 28  ? -3.404  7.837   14.365  1.00 24.15 ? 30   LYS B O   1 
ATOM   742  C CB  . LYS B 1 28  ? -3.029  8.480   17.224  1.00 24.05 ? 30   LYS B CB  1 
ATOM   743  C CG  . LYS B 1 28  ? -2.786  9.544   18.317  1.00 25.87 ? 30   LYS B CG  1 
ATOM   744  C CD  . LYS B 1 28  ? -2.846  10.909  17.642  1.00 29.11 ? 30   LYS B CD  1 
ATOM   745  C CE  . LYS B 1 28  ? -2.359  12.067  18.392  1.00 36.41 ? 30   LYS B CE  1 
ATOM   746  N NZ  . LYS B 1 28  ? -2.249  13.172  17.349  1.00 36.99 ? 30   LYS B NZ  1 
ATOM   747  N N   . GLY B 1 29  ? -5.381  7.058   15.045  1.00 23.51 ? 31   GLY B N   1 
ATOM   748  C CA  . GLY B 1 29  ? -5.608  6.309   13.846  1.00 22.99 ? 31   GLY B CA  1 
ATOM   749  C C   . GLY B 1 29  ? -4.793  5.026   13.754  1.00 22.40 ? 31   GLY B C   1 
ATOM   750  O O   . GLY B 1 29  ? -4.414  4.655   12.672  1.00 22.44 ? 31   GLY B O   1 
ATOM   751  N N   . PHE B 1 30  ? -4.519  4.367   14.882  1.00 22.62 ? 32   PHE B N   1 
ATOM   752  C CA  . PHE B 1 30  ? -3.758  3.100   14.921  1.00 22.98 ? 32   PHE B CA  1 
ATOM   753  C C   . PHE B 1 30  ? -4.562  2.077   15.737  1.00 21.80 ? 32   PHE B C   1 
ATOM   754  O O   . PHE B 1 30  ? -5.291  2.444   16.681  1.00 21.76 ? 32   PHE B O   1 
ATOM   755  C CB  . PHE B 1 30  ? -2.403  3.284   15.647  1.00 24.92 ? 32   PHE B CB  1 
ATOM   756  C CG  . PHE B 1 30  ? -1.352  3.857   14.798  1.00 28.02 ? 32   PHE B CG  1 
ATOM   757  C CD1 . PHE B 1 30  ? -1.060  5.209   14.847  1.00 28.92 ? 32   PHE B CD1 1 
ATOM   758  C CD2 . PHE B 1 30  ? -0.633  3.039   13.929  1.00 29.38 ? 32   PHE B CD2 1 
ATOM   759  C CE1 . PHE B 1 30  ? -0.066  5.753   14.013  1.00 30.91 ? 32   PHE B CE1 1 
ATOM   760  C CE2 . PHE B 1 30  ? 0.350   3.545   13.120  1.00 29.38 ? 32   PHE B CE2 1 
ATOM   761  C CZ  . PHE B 1 30  ? 0.659   4.921   13.161  1.00 29.97 ? 32   PHE B CZ  1 
ATOM   762  N N   . GLY B 1 31  ? -4.392  0.815   15.410  1.00 20.93 ? 33   GLY B N   1 
ATOM   763  C CA  . GLY B 1 31  ? -5.034  -0.289  16.130  1.00 21.41 ? 33   GLY B CA  1 
ATOM   764  C C   . GLY B 1 31  ? -4.355  -1.607  15.876  1.00 21.79 ? 33   GLY B C   1 
ATOM   765  O O   . GLY B 1 31  ? -3.532  -1.749  14.957  1.00 19.73 ? 33   GLY B O   1 
ATOM   766  N N   . PHE B 1 32  ? -4.713  -2.574  16.687  1.00 21.22 ? 34   PHE B N   1 
ATOM   767  C CA  . PHE B 1 32  ? -4.150  -3.904  16.622  1.00 22.65 ? 34   PHE B CA  1 
ATOM   768  C C   . PHE B 1 32  ? -5.286  -4.875  16.816  1.00 23.03 ? 34   PHE B C   1 
ATOM   769  O O   . PHE B 1 32  ? -6.028  -4.841  17.812  1.00 21.97 ? 34   PHE B O   1 
ATOM   770  C CB  . PHE B 1 32  ? -3.096  -4.012  17.738  1.00 24.45 ? 34   PHE B CB  1 
ATOM   771  C CG  . PHE B 1 32  ? -2.232  -5.217  17.686  1.00 24.63 ? 34   PHE B CG  1 
ATOM   772  C CD1 . PHE B 1 32  ? -1.885  -5.832  16.515  1.00 28.55 ? 34   PHE B CD1 1 
ATOM   773  C CD2 . PHE B 1 32  ? -1.703  -5.704  18.871  1.00 27.69 ? 34   PHE B CD2 1 
ATOM   774  C CE1 . PHE B 1 32  ? -1.038  -6.951  16.522  1.00 30.45 ? 34   PHE B CE1 1 
ATOM   775  C CE2 . PHE B 1 32  ? -0.832  -6.799  18.876  1.00 29.49 ? 34   PHE B CE2 1 
ATOM   776  C CZ  . PHE B 1 32  ? -0.527  -7.411  17.717  1.00 26.75 ? 34   PHE B CZ  1 
ATOM   777  N N   . ILE B 1 33  ? -5.399  -5.773  15.855  1.00 23.63 ? 35   ILE B N   1 
ATOM   778  C CA  . ILE B 1 33  ? -6.533  -6.629  15.690  1.00 25.47 ? 35   ILE B CA  1 
ATOM   779  C C   . ILE B 1 33  ? -6.129  -8.125  15.490  1.00 25.48 ? 35   ILE B C   1 
ATOM   780  O O   . ILE B 1 33  ? -5.137  -8.425  14.833  1.00 24.31 ? 35   ILE B O   1 
ATOM   781  C CB  . ILE B 1 33  ? -7.313  -6.145  14.459  1.00 25.72 ? 35   ILE B CB  1 
ATOM   782  C CG1 . ILE B 1 33  ? -7.954  -4.758  14.741  1.00 27.05 ? 35   ILE B CG1 1 
ATOM   783  C CG2 . ILE B 1 33  ? -8.372  -7.178  14.045  1.00 28.01 ? 35   ILE B CG2 1 
ATOM   784  C CD1 . ILE B 1 33  ? -8.258  -3.982  13.462  1.00 26.69 ? 35   ILE B CD1 1 
ATOM   785  N N   . THR B 1 34  ? -6.927  -9.035  16.072  1.00 26.47 ? 36   THR B N   1 
ATOM   786  C CA  . THR B 1 34  ? -6.857  -10.488 15.803  1.00 26.67 ? 36   THR B CA  1 
ATOM   787  C C   . THR B 1 34  ? -7.984  -10.847 14.841  1.00 27.05 ? 36   THR B C   1 
ATOM   788  O O   . THR B 1 34  ? -9.155  -10.865 15.255  1.00 25.80 ? 36   THR B O   1 
ATOM   789  C CB  . THR B 1 34  ? -7.046  -11.322 17.054  1.00 28.14 ? 36   THR B CB  1 
ATOM   790  O OG1 . THR B 1 34  ? -6.077  -10.954 18.032  1.00 30.40 ? 36   THR B OG1 1 
ATOM   791  C CG2 . THR B 1 34  ? -6.879  -12.830 16.739  1.00 27.35 ? 36   THR B CG2 1 
ATOM   792  N N   . PRO B 1 35  ? -7.648  -11.067 13.536  1.00 27.65 ? 37   PRO B N   1 
ATOM   793  C CA  . PRO B 1 35  ? -8.624  -11.479 12.525  1.00 28.89 ? 37   PRO B CA  1 
ATOM   794  C C   . PRO B 1 35  ? -9.252  -12.802 12.913  1.00 30.87 ? 37   PRO B C   1 
ATOM   795  O O   . PRO B 1 35  ? -8.637  -13.582 13.617  1.00 30.89 ? 37   PRO B O   1 
ATOM   796  C CB  . PRO B 1 35  ? -7.792  -11.644 11.253  1.00 28.33 ? 37   PRO B CB  1 
ATOM   797  C CG  . PRO B 1 35  ? -6.624  -10.736 11.474  1.00 28.56 ? 37   PRO B CG  1 
ATOM   798  C CD  . PRO B 1 35  ? -6.316  -10.930 12.929  1.00 28.11 ? 37   PRO B CD  1 
ATOM   799  N N   . ASP B 1 36  ? -10.493 -13.006 12.525  1.00 33.20 ? 38   ASP B N   1 
ATOM   800  C CA  . ASP B 1 36  ? -11.156 -14.269 12.841  1.00 35.37 ? 38   ASP B CA  1 
ATOM   801  C C   . ASP B 1 36  ? -10.462 -15.353 11.987  1.00 36.07 ? 38   ASP B C   1 
ATOM   802  O O   . ASP B 1 36  ? -10.276 -16.487 12.430  1.00 36.55 ? 38   ASP B O   1 
ATOM   803  C CB  . ASP B 1 36  ? -12.648 -14.179 12.567  1.00 35.28 ? 38   ASP B CB  1 
ATOM   804  C CG  . ASP B 1 36  ? -13.394 -13.261 13.543  1.00 37.04 ? 38   ASP B CG  1 
ATOM   805  O OD1 . ASP B 1 36  ? -12.944 -13.059 14.693  1.00 40.23 ? 38   ASP B OD1 1 
ATOM   806  O OD2 . ASP B 1 36  ? -14.478 -12.764 13.168  1.00 38.68 ? 38   ASP B OD2 1 
ATOM   807  N N   . ASP B 1 37  ? -10.001 -14.967 10.802  1.00 37.85 ? 39   ASP B N   1 
ATOM   808  C CA  . ASP B 1 37  ? -9.288  -15.902 9.909   1.00 38.88 ? 39   ASP B CA  1 
ATOM   809  C C   . ASP B 1 37  ? -7.765  -15.824 10.029  1.00 39.19 ? 39   ASP B C   1 
ATOM   810  O O   . ASP B 1 37  ? -7.197  -14.760 10.303  1.00 39.13 ? 39   ASP B O   1 
ATOM   811  C CB  . ASP B 1 37  ? -9.708  -15.636 8.466   1.00 39.92 ? 39   ASP B CB  1 
ATOM   812  C CG  . ASP B 1 37  ? -11.183 -15.946 8.221   1.00 43.74 ? 39   ASP B CG  1 
ATOM   813  O OD1 . ASP B 1 37  ? -11.787 -16.691 9.035   1.00 45.89 ? 39   ASP B OD1 1 
ATOM   814  O OD2 . ASP B 1 37  ? -11.734 -15.436 7.210   1.00 48.67 ? 39   ASP B OD2 1 
ATOM   815  N N   . GLY B 1 38  ? -7.107  -16.965 9.833   1.00 38.84 ? 40   GLY B N   1 
ATOM   816  C CA  . GLY B 1 38  ? -5.652  -17.030 9.822   1.00 38.50 ? 40   GLY B CA  1 
ATOM   817  C C   . GLY B 1 38  ? -5.009  -16.911 11.202  1.00 38.04 ? 40   GLY B C   1 
ATOM   818  O O   . GLY B 1 38  ? -5.697  -16.707 12.190  1.00 37.32 ? 40   GLY B O   1 
ATOM   819  N N   . SER B 1 39  ? -3.677  -17.010 11.237  1.00 37.42 ? 41   SER B N   1 
ATOM   820  C CA  . SER B 1 39  ? -2.899  -17.061 12.474  1.00 36.96 ? 41   SER B CA  1 
ATOM   821  C C   . SER B 1 39  ? -2.111  -15.790 12.751  1.00 36.20 ? 41   SER B C   1 
ATOM   822  O O   . SER B 1 39  ? -1.257  -15.785 13.651  1.00 36.82 ? 41   SER B O   1 
ATOM   823  C CB  . SER B 1 39  ? -1.894  -18.201 12.372  1.00 37.50 ? 41   SER B CB  1 
ATOM   824  O OG  . SER B 1 39  ? -0.901  -17.922 11.386  1.00 39.11 ? 41   SER B OG  1 
ATOM   825  N N   . LYS B 1 40  ? -2.367  -14.733 11.972  1.00 34.14 ? 42   LYS B N   1 
ATOM   826  C CA  . LYS B 1 40  ? -1.562  -13.531 12.013  1.00 32.54 ? 42   LYS B CA  1 
ATOM   827  C C   . LYS B 1 40  ? -2.381  -12.343 12.476  1.00 30.31 ? 42   LYS B C   1 
ATOM   828  O O   . LYS B 1 40  ? -3.418  -12.041 11.898  1.00 28.79 ? 42   LYS B O   1 
ATOM   829  C CB  . LYS B 1 40  ? -0.989  -13.249 10.643  1.00 32.42 ? 42   LYS B CB  1 
ATOM   830  C CG  . LYS B 1 40  ? -0.084  -14.385 10.155  1.00 34.04 ? 42   LYS B CG  1 
ATOM   831  C CD  . LYS B 1 40  ? 0.288   -14.207 8.707   1.00 36.29 ? 42   LYS B CD  1 
ATOM   832  C CE  . LYS B 1 40  ? 0.627   -15.561 8.035   1.00 37.98 ? 42   LYS B CE  1 
ATOM   833  N NZ  . LYS B 1 40  ? 1.976   -15.967 8.437   1.00 39.71 ? 42   LYS B NZ  1 
ATOM   834  N N   . ASP B 1 41  ? -1.883  -11.656 13.492  1.00 27.71 ? 43   ASP B N   1 
ATOM   835  C CA  . ASP B 1 41  ? -2.514  -10.387 13.931  1.00 27.34 ? 43   ASP B CA  1 
ATOM   836  C C   . ASP B 1 41  ? -2.214  -9.297  12.917  1.00 25.01 ? 43   ASP B C   1 
ATOM   837  O O   . ASP B 1 41  ? -1.342  -9.478  12.092  1.00 24.89 ? 43   ASP B O   1 
ATOM   838  C CB  . ASP B 1 41  ? -1.988  -9.955  15.289  1.00 27.32 ? 43   ASP B CB  1 
ATOM   839  C CG  . ASP B 1 41  ? -2.331  -10.942 16.396  1.00 31.48 ? 43   ASP B CG  1 
ATOM   840  O OD1 . ASP B 1 41  ? -3.389  -11.614 16.277  1.00 29.81 ? 43   ASP B OD1 1 
ATOM   841  O OD2 . ASP B 1 41  ? -1.514  -11.012 17.368  1.00 34.42 ? 43   ASP B OD2 1 
ATOM   842  N N   . VAL B 1 42  ? -2.949  -8.190  12.984  1.00 23.90 ? 44   VAL B N   1 
ATOM   843  C CA  . VAL B 1 42  ? -2.791  -7.072  12.065  1.00 23.23 ? 44   VAL B CA  1 
ATOM   844  C C   . VAL B 1 42  ? -2.750  -5.739  12.773  1.00 22.23 ? 44   VAL B C   1 
ATOM   845  O O   . VAL B 1 42  ? -3.665  -5.404  13.524  1.00 21.29 ? 44   VAL B O   1 
ATOM   846  C CB  . VAL B 1 42  ? -3.853  -7.067  10.949  1.00 23.54 ? 44   VAL B CB  1 
ATOM   847  C CG1 . VAL B 1 42  ? -5.225  -6.854  11.455  1.00 28.18 ? 44   VAL B CG1 1 
ATOM   848  C CG2 . VAL B 1 42  ? -3.561  -6.024  9.847   1.00 24.26 ? 44   VAL B CG2 1 
ATOM   849  N N   . PHE B 1 43  ? -1.694  -4.976  12.539  1.00 21.80 ? 45   PHE B N   1 
ATOM   850  C CA  . PHE B 1 43  ? -1.695  -3.536  12.914  1.00 22.20 ? 45   PHE B CA  1 
ATOM   851  C C   . PHE B 1 43  ? -2.328  -2.703  11.800  1.00 20.92 ? 45   PHE B C   1 
ATOM   852  O O   . PHE B 1 43  ? -1.933  -2.839  10.651  1.00 20.70 ? 45   PHE B O   1 
ATOM   853  C CB  . PHE B 1 43  ? -0.275  -2.970  13.137  1.00 24.41 ? 45   PHE B CB  1 
ATOM   854  C CG  . PHE B 1 43  ? 0.318   -3.399  14.412  1.00 27.50 ? 45   PHE B CG  1 
ATOM   855  C CD1 . PHE B 1 43  ? 0.010   -2.741  15.622  1.00 27.05 ? 45   PHE B CD1 1 
ATOM   856  C CD2 . PHE B 1 43  ? 1.160   -4.477  14.441  1.00 27.76 ? 45   PHE B CD2 1 
ATOM   857  C CE1 . PHE B 1 43  ? 0.565   -3.190  16.838  1.00 29.53 ? 45   PHE B CE1 1 
ATOM   858  C CE2 . PHE B 1 43  ? 1.712   -4.928  15.653  1.00 31.08 ? 45   PHE B CE2 1 
ATOM   859  C CZ  . PHE B 1 43  ? 1.428   -4.284  16.851  1.00 29.14 ? 45   PHE B CZ  1 
ATOM   860  N N   . VAL B 1 44  ? -3.243  -1.827  12.154  1.00 20.30 ? 46   VAL B N   1 
ATOM   861  C CA  . VAL B 1 44  ? -3.914  -0.949  11.185  1.00 20.81 ? 46   VAL B CA  1 
ATOM   862  C C   . VAL B 1 44  ? -3.550  0.507   11.480  1.00 21.02 ? 46   VAL B C   1 
ATOM   863  O O   . VAL B 1 44  ? -3.352  0.894   12.637  1.00 21.45 ? 46   VAL B O   1 
ATOM   864  C CB  . VAL B 1 44  ? -5.417  -1.181  11.166  1.00 21.00 ? 46   VAL B CB  1 
ATOM   865  C CG1 . VAL B 1 44  ? -5.709  -2.553  10.676  1.00 21.86 ? 46   VAL B CG1 1 
ATOM   866  C CG2 . VAL B 1 44  ? -6.010  -0.938  12.639  1.00 22.74 ? 46   VAL B CG2 1 
ATOM   867  N N   . HIS B 1 45  ? -3.408  1.270   10.417  1.00 20.39 ? 47   HIS B N   1 
ATOM   868  C CA  . HIS B 1 45  ? -3.206  2.685   10.417  1.00 19.20 ? 47   HIS B CA  1 
ATOM   869  C C   . HIS B 1 45  ? -4.264  3.236   9.476   1.00 20.24 ? 47   HIS B C   1 
ATOM   870  O O   . HIS B 1 45  ? -4.439  2.745   8.336   1.00 20.79 ? 47   HIS B O   1 
ATOM   871  C CB  . HIS B 1 45  ? -1.814  3.049   9.973   1.00 20.45 ? 47   HIS B CB  1 
ATOM   872  C CG  . HIS B 1 45  ? -1.531  4.518   9.936   1.00 21.91 ? 47   HIS B CG  1 
ATOM   873  N ND1 . HIS B 1 45  ? -1.523  5.318   11.058  1.00 30.35 ? 47   HIS B ND1 1 
ATOM   874  C CD2 . HIS B 1 45  ? -1.174  5.320   8.907   1.00 23.98 ? 47   HIS B CD2 1 
ATOM   875  C CE1 . HIS B 1 45  ? -1.215  6.555   10.712  1.00 28.46 ? 47   HIS B CE1 1 
ATOM   876  N NE2 . HIS B 1 45  ? -1.020  6.587   9.408   1.00 29.91 ? 47   HIS B NE2 1 
ATOM   877  N N   . PHE B 1 46  ? -5.060  4.163   9.986   1.00 21.40 ? 48   PHE B N   1 
ATOM   878  C CA  . PHE B 1 46  ? -6.188  4.654   9.227   1.00 23.72 ? 48   PHE B CA  1 
ATOM   879  C C   . PHE B 1 46  ? -6.381  6.136   9.433   1.00 23.78 ? 48   PHE B C   1 
ATOM   880  O O   . PHE B 1 46  ? -5.997  6.696   10.466  1.00 24.70 ? 48   PHE B O   1 
ATOM   881  C CB  . PHE B 1 46  ? -7.509  3.893   9.568   1.00 24.77 ? 48   PHE B CB  1 
ATOM   882  C CG  . PHE B 1 46  ? -7.848  3.873   11.025  1.00 26.14 ? 48   PHE B CG  1 
ATOM   883  C CD1 . PHE B 1 46  ? -8.602  4.892   11.613  1.00 27.71 ? 48   PHE B CD1 1 
ATOM   884  C CD2 . PHE B 1 46  ? -7.365  2.863   11.832  1.00 26.65 ? 48   PHE B CD2 1 
ATOM   885  C CE1 . PHE B 1 46  ? -8.891  4.860   12.989  1.00 26.05 ? 48   PHE B CE1 1 
ATOM   886  C CE2 . PHE B 1 46  ? -7.620  2.850   13.201  1.00 25.40 ? 48   PHE B CE2 1 
ATOM   887  C CZ  . PHE B 1 46  ? -8.407  3.833   13.771  1.00 27.37 ? 48   PHE B CZ  1 
ATOM   888  N N   . SER B 1 47  ? -6.982  6.735   8.429   1.00 26.49 ? 49   SER B N   1 
ATOM   889  C CA  . SER B 1 47  ? -7.396  8.120   8.429   1.00 28.38 ? 49   SER B CA  1 
ATOM   890  C C   . SER B 1 47  ? -8.905  8.142   8.180   1.00 30.42 ? 49   SER B C   1 
ATOM   891  O O   . SER B 1 47  ? -9.575  7.100   8.153   1.00 30.72 ? 49   SER B O   1 
ATOM   892  C CB  . SER B 1 47  ? -6.650  8.856   7.330   1.00 27.94 ? 49   SER B CB  1 
ATOM   893  O OG  . SER B 1 47  ? -7.046  8.424   6.028   1.00 29.61 ? 49   SER B OG  1 
ATOM   894  N N   . ALA B 1 48  ? -9.448  9.328   7.927   1.00 32.70 ? 50   ALA B N   1 
ATOM   895  C CA  . ALA B 1 48  ? -10.892 9.473   7.625   1.00 33.57 ? 50   ALA B CA  1 
ATOM   896  C C   . ALA B 1 48  ? -11.258 8.742   6.340   1.00 34.40 ? 50   ALA B C   1 
ATOM   897  O O   . ALA B 1 48  ? -12.427 8.409   6.115   1.00 34.99 ? 50   ALA B O   1 
ATOM   898  C CB  . ALA B 1 48  ? -11.256 10.954  7.496   1.00 33.64 ? 50   ALA B CB  1 
ATOM   899  N N   . GLY B 1 49  ? -10.259 8.514   5.491   1.00 34.83 ? 51   GLY B N   1 
ATOM   900  C CA  . GLY B 1 49  ? -10.451 7.769   4.241   1.00 35.30 ? 51   GLY B CA  1 
ATOM   901  C C   . GLY B 1 49  ? -11.070 6.386   4.435   1.00 34.92 ? 51   GLY B C   1 
ATOM   902  O O   . GLY B 1 49  ? -11.941 5.973   3.663   1.00 36.34 ? 51   GLY B O   1 
ATOM   903  N N   . SER B 1 50  ? -10.618 5.668   5.462   1.00 34.03 ? 52   SER B N   1 
ATOM   904  C CA  . SER B 1 50  ? -11.147 4.351   5.752   1.00 33.27 ? 52   SER B CA  1 
ATOM   905  C C   . SER B 1 50  ? -12.079 4.332   6.949   1.00 33.61 ? 52   SER B C   1 
ATOM   906  O O   . SER B 1 50  ? -12.982 3.501   6.994   1.00 34.29 ? 52   SER B O   1 
ATOM   907  C CB  . SER B 1 50  ? -10.002 3.310   5.868   1.00 33.55 ? 52   SER B CB  1 
ATOM   908  O OG  . SER B 1 50  ? -9.230  3.438   7.036   1.00 32.95 ? 52   SER B OG  1 
ATOM   909  N N   . SER B 1 51  ? -11.959 5.292   7.865   1.00 33.94 ? 53   SER B N   1 
ATOM   910  C CA  . SER B 1 51  ? -12.773 5.258   9.071   1.00 34.54 ? 53   SER B CA  1 
ATOM   911  C C   . SER B 1 51  ? -13.989 6.202   9.115   1.00 35.60 ? 53   SER B C   1 
ATOM   912  O O   . SER B 1 51  ? -14.827 6.064   10.019  1.00 36.83 ? 53   SER B O   1 
ATOM   913  C CB  . SER B 1 51  ? -11.901 5.533   10.296  1.00 34.40 ? 53   SER B CB  1 
ATOM   914  O OG  . SER B 1 51  ? -11.549 6.909   10.393  1.00 35.19 ? 53   SER B OG  1 
ATOM   915  N N   . GLY B 1 52  ? -14.094 7.151   8.176   1.00 36.13 ? 54   GLY B N   1 
ATOM   916  C CA  . GLY B 1 52  ? -15.199 8.105   8.156   1.00 35.88 ? 54   GLY B CA  1 
ATOM   917  C C   . GLY B 1 52  ? -14.792 9.367   8.896   1.00 36.54 ? 54   GLY B C   1 
ATOM   918  O O   . GLY B 1 52  ? -13.807 9.399   9.675   1.00 36.35 ? 54   GLY B O   1 
ATOM   919  N N   . ALA B 1 53  ? -15.561 10.422  8.654   1.00 37.07 ? 55   ALA B N   1 
ATOM   920  C CA  . ALA B 1 53  ? -15.303 11.727  9.271   1.00 37.51 ? 55   ALA B CA  1 
ATOM   921  C C   . ALA B 1 53  ? -15.644 11.788  10.767  1.00 37.83 ? 55   ALA B C   1 
ATOM   922  O O   . ALA B 1 53  ? -14.919 12.425  11.544  1.00 38.48 ? 55   ALA B O   1 
ATOM   923  C CB  . ALA B 1 53  ? -16.082 12.804  8.529   1.00 37.69 ? 55   ALA B CB  1 
ATOM   924  N N   . ALA B 1 54  ? -16.762 11.179  11.159  1.00 38.41 ? 56   ALA B N   1 
ATOM   925  C CA  . ALA B 1 54  ? -17.255 11.278  12.541  1.00 38.50 ? 56   ALA B CA  1 
ATOM   926  C C   . ALA B 1 54  ? -16.172 10.919  13.557  1.00 38.20 ? 56   ALA B C   1 
ATOM   927  O O   . ALA B 1 54  ? -15.445 9.930   13.374  1.00 37.32 ? 56   ALA B O   1 
ATOM   928  C CB  . ALA B 1 54  ? -18.493 10.394  12.736  1.00 39.15 ? 56   ALA B CB  1 
ATOM   929  N N   . VAL B 1 55  ? -16.055 11.740  14.608  1.00 38.06 ? 57   VAL B N   1 
ATOM   930  C CA  . VAL B 1 55  ? -15.169 11.421  15.749  1.00 37.40 ? 57   VAL B CA  1 
ATOM   931  C C   . VAL B 1 55  ? -15.766 10.216  16.391  1.00 35.79 ? 57   VAL B C   1 
ATOM   932  O O   . VAL B 1 55  ? -16.964 10.206  16.671  1.00 37.15 ? 57   VAL B O   1 
ATOM   933  C CB  . VAL B 1 55  ? -15.144 12.557  16.794  1.00 37.80 ? 57   VAL B CB  1 
ATOM   934  C CG1 . VAL B 1 55  ? -14.516 12.085  18.120  1.00 38.58 ? 57   VAL B CG1 1 
ATOM   935  C CG2 . VAL B 1 55  ? -14.408 13.778  16.234  1.00 38.75 ? 57   VAL B CG2 1 
ATOM   936  N N   . ARG B 1 56  ? -14.983 9.164   16.529  1.00 33.51 ? 58   ARG B N   1 
ATOM   937  C CA  . ARG B 1 56  ? -15.436 7.953   17.171  1.00 32.24 ? 58   ARG B CA  1 
ATOM   938  C C   . ARG B 1 56  ? -14.412 7.601   18.233  1.00 30.99 ? 58   ARG B C   1 
ATOM   939  O O   . ARG B 1 56  ? -13.204 7.642   17.959  1.00 31.49 ? 58   ARG B O   1 
ATOM   940  C CB  . ARG B 1 56  ? -15.523 6.804   16.150  1.00 32.55 ? 58   ARG B CB  1 
ATOM   941  N N   . GLY B 1 57  ? -14.860 7.227   19.421  1.00 28.06 ? 59   GLY B N   1 
ATOM   942  C CA  . GLY B 1 57  ? -13.938 6.783   20.440  1.00 26.65 ? 59   GLY B CA  1 
ATOM   943  C C   . GLY B 1 57  ? -13.530 5.332   20.209  1.00 25.69 ? 59   GLY B C   1 
ATOM   944  O O   . GLY B 1 57  ? -14.115 4.666   19.335  1.00 26.17 ? 59   GLY B O   1 
ATOM   945  N N   . ASN B 1 58  ? -12.540 4.858   20.968  1.00 24.41 ? 60   ASN B N   1 
ATOM   946  C CA  . ASN B 1 58  ? -12.056 3.478   20.874  1.00 23.43 ? 60   ASN B CA  1 
ATOM   947  C C   . ASN B 1 58  ? -13.200 2.452   21.087  1.00 23.14 ? 60   ASN B C   1 
ATOM   948  O O   . ASN B 1 58  ? -14.122 2.685   21.887  1.00 23.71 ? 60   ASN B O   1 
ATOM   949  C CB  . ASN B 1 58  ? -11.022 3.177   21.962  1.00 23.27 ? 60   ASN B CB  1 
ATOM   950  C CG  . ASN B 1 58  ? -9.687  3.891   21.754  1.00 21.79 ? 60   ASN B CG  1 
ATOM   951  O OD1 . ASN B 1 58  ? -9.019  4.310   22.725  1.00 25.45 ? 60   ASN B OD1 1 
ATOM   952  N ND2 . ASN B 1 58  ? -9.277  3.998   20.494  1.00 20.14 ? 60   ASN B ND2 1 
ATOM   953  N N   . PRO B 1 59  ? -13.064 1.282   20.475  1.00 24.24 ? 61   PRO B N   1 
ATOM   954  C CA  . PRO B 1 59  ? -13.874 0.151   20.883  1.00 25.35 ? 61   PRO B CA  1 
ATOM   955  C C   . PRO B 1 59  ? -13.246 -0.426  22.130  1.00 26.57 ? 61   PRO B C   1 
ATOM   956  O O   . PRO B 1 59  ? -12.092 -0.143  22.394  1.00 25.22 ? 61   PRO B O   1 
ATOM   957  C CB  . PRO B 1 59  ? -13.682 -0.837  19.753  1.00 24.91 ? 61   PRO B CB  1 
ATOM   958  C CG  . PRO B 1 59  ? -12.312 -0.505  19.209  1.00 25.37 ? 61   PRO B CG  1 
ATOM   959  C CD  . PRO B 1 59  ? -12.115 0.945   19.391  1.00 23.67 ? 61   PRO B CD  1 
ATOM   960  N N   . GLN B 1 60  ? -13.980 -1.278  22.836  1.00 27.73 ? 62   GLN B N   1 
ATOM   961  C CA  . GLN B 1 60  ? -13.430 -2.001  23.966  1.00 29.49 ? 62   GLN B CA  1 
ATOM   962  C C   . GLN B 1 60  ? -12.519 -3.102  23.486  1.00 29.71 ? 62   GLN B C   1 
ATOM   963  O O   . GLN B 1 60  ? -12.824 -3.804  22.469  1.00 29.62 ? 62   GLN B O   1 
ATOM   964  C CB  . GLN B 1 60  ? -14.541 -2.688  24.797  1.00 29.36 ? 62   GLN B CB  1 
ATOM   965  C CG  . GLN B 1 60  ? -14.013 -3.324  26.092  1.00 30.67 ? 62   GLN B CG  1 
ATOM   966  C CD  . GLN B 1 60  ? -15.103 -3.956  26.958  1.00 33.13 ? 62   GLN B CD  1 
ATOM   967  O OE1 . GLN B 1 60  ? -16.111 -4.475  26.442  1.00 38.29 ? 62   GLN B OE1 1 
ATOM   968  N NE2 . GLN B 1 60  ? -14.903 -3.918  28.282  1.00 39.62 ? 62   GLN B NE2 1 
ATOM   969  N N   . GLN B 1 61  ? -11.455 -3.340  24.252  1.00 29.53 ? 63   GLN B N   1 
ATOM   970  C CA  . GLN B 1 61  ? -10.606 -4.485  23.986  1.00 31.13 ? 63   GLN B CA  1 
ATOM   971  C C   . GLN B 1 61  ? -11.481 -5.720  24.002  1.00 30.67 ? 63   GLN B C   1 
ATOM   972  O O   . GLN B 1 61  ? -12.363 -5.859  24.856  1.00 29.77 ? 63   GLN B O   1 
ATOM   973  C CB  . GLN B 1 61  ? -9.430  -4.571  24.964  1.00 31.55 ? 63   GLN B CB  1 
ATOM   974  C CG  . GLN B 1 61  ? -8.430  -3.472  24.673  1.00 33.68 ? 63   GLN B CG  1 
ATOM   975  C CD  . GLN B 1 61  ? -7.206  -3.432  25.598  1.00 34.95 ? 63   GLN B CD  1 
ATOM   976  O OE1 . GLN B 1 61  ? -7.137  -4.143  26.611  1.00 38.00 ? 63   GLN B OE1 1 
ATOM   977  N NE2 . GLN B 1 61  ? -6.229  -2.571  25.244  1.00 35.84 ? 63   GLN B NE2 1 
ATOM   978  N N   . GLY B 1 62  ? -11.287 -6.578  23.003  1.00 29.54 ? 64   GLY B N   1 
ATOM   979  C CA  . GLY B 1 62  ? -12.060 -7.790  22.864  1.00 29.50 ? 64   GLY B CA  1 
ATOM   980  C C   . GLY B 1 62  ? -13.352 -7.650  22.090  1.00 28.50 ? 64   GLY B C   1 
ATOM   981  O O   . GLY B 1 62  ? -13.965 -8.653  21.756  1.00 28.66 ? 64   GLY B O   1 
ATOM   982  N N   . ASP B 1 63  ? -13.767 -6.427  21.756  1.00 27.66 ? 65   ASP B N   1 
ATOM   983  C CA  . ASP B 1 63  ? -14.950 -6.276  20.916  1.00 27.41 ? 65   ASP B CA  1 
ATOM   984  C C   . ASP B 1 63  ? -14.634 -6.517  19.449  1.00 27.30 ? 65   ASP B C   1 
ATOM   985  O O   . ASP B 1 63  ? -13.485 -6.629  19.054  1.00 24.80 ? 65   ASP B O   1 
ATOM   986  C CB  . ASP B 1 63  ? -15.545 -4.902  21.062  1.00 28.57 ? 65   ASP B CB  1 
ATOM   987  C CG  . ASP B 1 63  ? -17.088 -4.860  20.760  1.00 33.41 ? 65   ASP B CG  1 
ATOM   988  O OD1 . ASP B 1 63  ? -17.749 -5.903  20.322  1.00 34.88 ? 65   ASP B OD1 1 
ATOM   989  O OD2 . ASP B 1 63  ? -17.624 -3.732  20.978  1.00 37.52 ? 65   ASP B OD2 1 
ATOM   990  N N   . ARG B 1 64  ? -15.694 -6.540  18.654  1.00 27.05 ? 66   ARG B N   1 
ATOM   991  C CA  . ARG B 1 64  ? -15.604 -6.778  17.225  1.00 27.14 ? 66   ARG B CA  1 
ATOM   992  C C   . ARG B 1 64  ? -15.138 -5.574  16.494  1.00 26.57 ? 66   ARG B C   1 
ATOM   993  O O   . ARG B 1 64  ? -15.424 -4.434  16.882  1.00 25.90 ? 66   ARG B O   1 
ATOM   994  C CB  . ARG B 1 64  ? -16.990 -7.083  16.669  1.00 27.34 ? 66   ARG B CB  1 
ATOM   995  C CG  . ARG B 1 64  ? -17.736 -8.150  17.392  1.00 32.46 ? 66   ARG B CG  1 
ATOM   996  C CD  . ARG B 1 64  ? -17.213 -9.498  17.053  1.00 38.06 ? 66   ARG B CD  1 
ATOM   997  N NE  . ARG B 1 64  ? -17.500 -10.423 18.146  1.00 40.84 ? 66   ARG B NE  1 
ATOM   998  C CZ  . ARG B 1 64  ? -17.227 -11.724 18.112  1.00 43.08 ? 66   ARG B CZ  1 
ATOM   999  N NH1 . ARG B 1 64  ? -16.674 -12.274 17.030  1.00 43.75 ? 66   ARG B NH1 1 
ATOM   1000 N NH2 . ARG B 1 64  ? -17.514 -12.477 19.168  1.00 42.80 ? 66   ARG B NH2 1 
ATOM   1001 N N   . VAL B 1 65  ? -14.463 -5.828  15.382  1.00 27.12 ? 67   VAL B N   1 
ATOM   1002 C CA  . VAL B 1 65  ? -14.046 -4.792  14.480  1.00 27.20 ? 67   VAL B CA  1 
ATOM   1003 C C   . VAL B 1 65  ? -14.135 -5.394  13.079  1.00 28.45 ? 67   VAL B C   1 
ATOM   1004 O O   . VAL B 1 65  ? -13.942 -6.617  12.897  1.00 28.33 ? 67   VAL B O   1 
ATOM   1005 C CB  . VAL B 1 65  ? -12.627 -4.276  14.807  1.00 27.49 ? 67   VAL B CB  1 
ATOM   1006 C CG1 . VAL B 1 65  ? -11.661 -5.402  14.856  1.00 29.33 ? 67   VAL B CG1 1 
ATOM   1007 C CG2 . VAL B 1 65  ? -12.177 -3.263  13.753  1.00 27.49 ? 67   VAL B CG2 1 
ATOM   1008 N N   . GLU B 1 66  ? -14.527 -4.579  12.116  1.00 29.24 ? 68   GLU B N   1 
ATOM   1009 C CA  . GLU B 1 66  ? -14.574 -5.051  10.721  1.00 31.55 ? 68   GLU B CA  1 
ATOM   1010 C C   . GLU B 1 66  ? -13.812 -4.129  9.840   1.00 30.04 ? 68   GLU B C   1 
ATOM   1011 O O   . GLU B 1 66  ? -13.777 -2.924  10.063  1.00 30.25 ? 68   GLU B O   1 
ATOM   1012 C CB  . GLU B 1 66  ? -15.974 -5.075  10.138  1.00 31.40 ? 68   GLU B CB  1 
ATOM   1013 C CG  . GLU B 1 66  ? -17.091 -5.543  11.007  1.00 35.94 ? 68   GLU B CG  1 
ATOM   1014 C CD  . GLU B 1 66  ? -18.352 -5.771  10.164  1.00 35.48 ? 68   GLU B CD  1 
ATOM   1015 O OE1 . GLU B 1 66  ? -18.315 -5.451  8.947   1.00 42.98 ? 68   GLU B OE1 1 
ATOM   1016 O OE2 . GLU B 1 66  ? -19.365 -6.258  10.706  1.00 44.12 ? 68   GLU B OE2 1 
ATOM   1017 N N   . GLY B 1 67  ? -13.262 -4.683  8.770   1.00 30.45 ? 69   GLY B N   1 
ATOM   1018 C CA  . GLY B 1 67  ? -12.655 -3.852  7.739   1.00 30.16 ? 69   GLY B CA  1 
ATOM   1019 C C   . GLY B 1 67  ? -12.787 -4.427  6.341   1.00 29.64 ? 69   GLY B C   1 
ATOM   1020 O O   . GLY B 1 67  ? -13.363 -5.517  6.142   1.00 29.66 ? 69   GLY B O   1 
ATOM   1021 N N   . LYS B 1 68  ? -12.307 -3.659  5.371   1.00 27.44 ? 70   LYS B N   1 
ATOM   1022 C CA  . LYS B 1 68  ? -12.160 -4.170  4.046   1.00 27.84 ? 70   LYS B CA  1 
ATOM   1023 C C   . LYS B 1 68  ? -10.731 -3.944  3.655   1.00 25.77 ? 70   LYS B C   1 
ATOM   1024 O O   . LYS B 1 68  ? -10.240 -2.817  3.766   1.00 25.04 ? 70   LYS B O   1 
ATOM   1025 C CB  . LYS B 1 68  ? -13.115 -3.457  3.097   1.00 27.90 ? 70   LYS B CB  1 
ATOM   1026 C CG  . LYS B 1 68  ? -13.091 -3.944  1.667   1.00 30.99 ? 70   LYS B CG  1 
ATOM   1027 C CD  . LYS B 1 68  ? -14.209 -3.328  0.851   1.00 31.64 ? 70   LYS B CD  1 
ATOM   1028 C CE  . LYS B 1 68  ? -14.052 -3.707  -0.643  1.00 34.60 ? 70   LYS B CE  1 
ATOM   1029 N NZ  . LYS B 1 68  ? -15.233 -3.353  -1.493  1.00 36.31 ? 70   LYS B NZ  1 
ATOM   1030 N N   . ILE B 1 69  ? -10.082 -5.019  3.216   1.00 25.37 ? 71   ILE B N   1 
ATOM   1031 C CA  . ILE B 1 69  ? -8.700  -4.923  2.783   1.00 25.59 ? 71   ILE B CA  1 
ATOM   1032 C C   . ILE B 1 69  ? -8.526  -5.241  1.303   1.00 24.91 ? 71   ILE B C   1 
ATOM   1033 O O   . ILE B 1 69  ? -9.346  -5.967  0.713   1.00 24.87 ? 71   ILE B O   1 
ATOM   1034 C CB  . ILE B 1 69  ? -7.769  -5.748  3.649   1.00 24.42 ? 71   ILE B CB  1 
ATOM   1035 C CG1 . ILE B 1 69  ? -8.157  -7.223  3.663   1.00 27.80 ? 71   ILE B CG1 1 
ATOM   1036 C CG2 . ILE B 1 69  ? -7.698  -5.129  5.072   1.00 26.85 ? 71   ILE B CG2 1 
ATOM   1037 C CD1 . ILE B 1 69  ? -7.136  -8.152  4.305   1.00 27.59 ? 71   ILE B CD1 1 
ATOM   1038 N N   . LYS B 1 70  ? -7.475  -4.683  0.716   1.00 24.26 ? 72   LYS B N   1 
ATOM   1039 C CA  . LYS B 1 70  ? -7.105  -4.969  -0.672  1.00 25.63 ? 72   LYS B CA  1 
ATOM   1040 C C   . LYS B 1 70  ? -5.598  -5.201  -0.765  1.00 23.56 ? 72   LYS B C   1 
ATOM   1041 O O   . LYS B 1 70  ? -4.796  -4.506  -0.103  1.00 24.17 ? 72   LYS B O   1 
ATOM   1042 C CB  . LYS B 1 70  ? -7.542  -3.845  -1.609  1.00 26.47 ? 72   LYS B CB  1 
ATOM   1043 C CG  . LYS B 1 70  ? -9.032  -3.606  -1.585  1.00 30.94 ? 72   LYS B CG  1 
ATOM   1044 C CD  . LYS B 1 70  ? -9.519  -2.580  -2.619  1.00 31.41 ? 72   LYS B CD  1 
ATOM   1045 C CE  . LYS B 1 70  ? -11.040 -2.331  -2.438  1.00 35.34 ? 72   LYS B CE  1 
ATOM   1046 N NZ  . LYS B 1 70  ? -11.720 -1.559  -3.576  1.00 36.71 ? 72   LYS B NZ  1 
ATOM   1047 N N   . SER B 1 71  ? -5.180  -6.179  -1.580  1.00 22.40 ? 73   SER B N   1 
ATOM   1048 C CA  . SER B 1 71  ? -3.741  -6.350  -1.815  1.00 21.21 ? 73   SER B CA  1 
ATOM   1049 C C   . SER B 1 71  ? -3.186  -5.089  -2.472  1.00 21.12 ? 73   SER B C   1 
ATOM   1050 O O   . SER B 1 71  ? -3.895  -4.437  -3.254  1.00 22.88 ? 73   SER B O   1 
ATOM   1051 C CB  . SER B 1 71  ? -3.485  -7.552  -2.732  1.00 22.21 ? 73   SER B CB  1 
ATOM   1052 O OG  . SER B 1 71  ? -3.889  -8.730  -2.042  1.00 23.61 ? 73   SER B OG  1 
ATOM   1053 N N   . ILE B 1 72  ? -1.971  -4.719  -2.101  1.00 18.14 ? 74   ILE B N   1 
ATOM   1054 C CA  . ILE B 1 72  ? -1.196  -3.698  -2.746  1.00 18.88 ? 74   ILE B CA  1 
ATOM   1055 C C   . ILE B 1 72  ? -0.324  -4.330  -3.828  1.00 18.54 ? 74   ILE B C   1 
ATOM   1056 O O   . ILE B 1 72  ? 0.702   -4.920  -3.561  1.00 19.83 ? 74   ILE B O   1 
ATOM   1057 C CB  . ILE B 1 72  ? -0.349  -2.929  -1.713  1.00 18.19 ? 74   ILE B CB  1 
ATOM   1058 C CG1 . ILE B 1 72  ? -1.269  -2.373  -0.643  1.00 19.93 ? 74   ILE B CG1 1 
ATOM   1059 C CG2 . ILE B 1 72  ? 0.499   -1.846  -2.415  1.00 20.60 ? 74   ILE B CG2 1 
ATOM   1060 C CD1 . ILE B 1 72  ? -0.618  -1.607  0.388   1.00 20.30 ? 74   ILE B CD1 1 
ATOM   1061 N N   . THR B 1 73  ? -0.776  -4.229  -5.083  1.00 21.19 ? 75   THR B N   1 
ATOM   1062 C CA  . THR B 1 73  ? -0.096  -4.865  -6.223  1.00 22.67 ? 75   THR B CA  1 
ATOM   1063 C C   . THR B 1 73  ? 0.755   -3.863  -6.995  1.00 23.56 ? 75   THR B C   1 
ATOM   1064 O O   . THR B 1 73  ? 1.799   -4.216  -7.548  1.00 22.42 ? 75   THR B O   1 
ATOM   1065 C CB  . THR B 1 73  ? -1.098  -5.469  -7.216  1.00 24.05 ? 75   THR B CB  1 
ATOM   1066 O OG1 . THR B 1 73  ? -1.915  -4.415  -7.784  1.00 23.64 ? 75   THR B OG1 1 
ATOM   1067 C CG2 . THR B 1 73  ? -1.961  -6.494  -6.511  1.00 24.31 ? 75   THR B CG2 1 
ATOM   1068 N N   . ASP B 1 74  ? 0.335   -2.605  -6.924  1.00 22.16 ? 76   ASP B N   1 
ATOM   1069 C CA  . ASP B 1 74  ? 0.942   -1.514  -7.637  1.00 22.64 ? 76   ASP B CA  1 
ATOM   1070 C C   . ASP B 1 74  ? 1.590   -0.559  -6.677  1.00 22.46 ? 76   ASP B C   1 
ATOM   1071 O O   . ASP B 1 74  ? 0.911   0.252   -6.042  1.00 22.64 ? 76   ASP B O   1 
ATOM   1072 C CB  . ASP B 1 74  ? -0.156  -0.804  -8.431  1.00 21.97 ? 76   ASP B CB  1 
ATOM   1073 C CG  . ASP B 1 74  ? -0.591  -1.578  -9.666  1.00 27.19 ? 76   ASP B CG  1 
ATOM   1074 O OD1 . ASP B 1 74  ? -0.602  -2.815  -9.706  1.00 27.80 ? 76   ASP B OD1 1 
ATOM   1075 O OD2 . ASP B 1 74  ? -0.880  -0.907  -10.665 1.00 32.77 ? 76   ASP B OD2 1 
ATOM   1076 N N   . PHE B 1 75  ? 2.911   -0.611  -6.597  1.00 21.22 ? 77   PHE B N   1 
ATOM   1077 C CA  . PHE B 1 75  ? 3.620   0.171   -5.619  1.00 21.80 ? 77   PHE B CA  1 
ATOM   1078 C C   . PHE B 1 75  ? 4.962   0.606   -6.081  1.00 21.29 ? 77   PHE B C   1 
ATOM   1079 O O   . PHE B 1 75  ? 5.486   0.047   -7.021  1.00 21.23 ? 77   PHE B O   1 
ATOM   1080 C CB  . PHE B 1 75  ? 3.699   -0.612  -4.281  1.00 22.39 ? 77   PHE B CB  1 
ATOM   1081 C CG  . PHE B 1 75  ? 4.397   -1.924  -4.353  1.00 20.00 ? 77   PHE B CG  1 
ATOM   1082 C CD1 . PHE B 1 75  ? 5.733   -2.014  -4.113  1.00 21.04 ? 77   PHE B CD1 1 
ATOM   1083 C CD2 . PHE B 1 75  ? 3.701   -3.089  -4.582  1.00 21.60 ? 77   PHE B CD2 1 
ATOM   1084 C CE1 . PHE B 1 75  ? 6.380   -3.264  -4.137  1.00 22.50 ? 77   PHE B CE1 1 
ATOM   1085 C CE2 . PHE B 1 75  ? 4.326   -4.310  -4.611  1.00 23.02 ? 77   PHE B CE2 1 
ATOM   1086 C CZ  . PHE B 1 75  ? 5.677   -4.395  -4.358  1.00 20.20 ? 77   PHE B CZ  1 
ATOM   1087 N N   . GLY B 1 76  ? 5.508   1.587   -5.383  1.00 21.31 ? 78   GLY B N   1 
ATOM   1088 C CA  . GLY B 1 76  ? 6.892   2.053   -5.525  1.00 22.33 ? 78   GLY B CA  1 
ATOM   1089 C C   . GLY B 1 76  ? 7.610   2.010   -4.214  1.00 22.83 ? 78   GLY B C   1 
ATOM   1090 O O   . GLY B 1 76  ? 7.045   2.370   -3.171  1.00 24.29 ? 78   GLY B O   1 
ATOM   1091 N N   . ILE B 1 77  ? 8.817   1.508   -4.255  1.00 23.11 ? 79   ILE B N   1 
ATOM   1092 C CA  . ILE B 1 77  ? 9.716   1.537   -3.150  1.00 23.42 ? 79   ILE B CA  1 
ATOM   1093 C C   . ILE B 1 77  ? 10.786  2.538   -3.512  1.00 23.97 ? 79   ILE B C   1 
ATOM   1094 O O   . ILE B 1 77  ? 11.549  2.340   -4.468  1.00 24.67 ? 79   ILE B O   1 
ATOM   1095 C CB  . ILE B 1 77  ? 10.375  0.187   -2.925  1.00 23.95 ? 79   ILE B CB  1 
ATOM   1096 C CG1 . ILE B 1 77  ? 9.321   -0.906  -2.886  1.00 25.90 ? 79   ILE B CG1 1 
ATOM   1097 C CG2 . ILE B 1 77  ? 11.245  0.213   -1.665  1.00 24.87 ? 79   ILE B CG2 1 
ATOM   1098 C CD1 . ILE B 1 77  ? 9.918   -2.284  -2.555  1.00 27.47 ? 79   ILE B CD1 1 
ATOM   1099 N N   . PHE B 1 78  ? 10.843  3.621   -2.757  1.00 23.56 ? 80   PHE B N   1 
ATOM   1100 C CA  . PHE B 1 78  ? 11.892  4.596   -2.894  1.00 25.32 ? 80   PHE B CA  1 
ATOM   1101 C C   . PHE B 1 78  ? 13.132  4.079   -2.218  1.00 25.72 ? 80   PHE B C   1 
ATOM   1102 O O   . PHE B 1 78  ? 13.069  3.536   -1.090  1.00 26.20 ? 80   PHE B O   1 
ATOM   1103 C CB  . PHE B 1 78  ? 11.465  5.946   -2.335  1.00 26.13 ? 80   PHE B CB  1 
ATOM   1104 C CG  . PHE B 1 78  ? 10.518  6.684   -3.238  1.00 27.48 ? 80   PHE B CG  1 
ATOM   1105 C CD1 . PHE B 1 78  ? 9.170   6.703   -2.965  1.00 30.50 ? 80   PHE B CD1 1 
ATOM   1106 C CD2 . PHE B 1 78  ? 10.990  7.368   -4.345  1.00 29.74 ? 80   PHE B CD2 1 
ATOM   1107 C CE1 . PHE B 1 78  ? 8.254   7.377   -3.807  1.00 31.89 ? 80   PHE B CE1 1 
ATOM   1108 C CE2 . PHE B 1 78  ? 10.097  8.045   -5.200  1.00 32.28 ? 80   PHE B CE2 1 
ATOM   1109 C CZ  . PHE B 1 78  ? 8.715   8.041   -4.924  1.00 29.84 ? 80   PHE B CZ  1 
ATOM   1110 N N   . ILE B 1 79  ? 14.259  4.196   -2.925  1.00 25.59 ? 81   ILE B N   1 
ATOM   1111 C CA  . ILE B 1 79  ? 15.514  3.662   -2.465  1.00 26.08 ? 81   ILE B CA  1 
ATOM   1112 C C   . ILE B 1 79  ? 16.416  4.848   -2.148  1.00 28.02 ? 81   ILE B C   1 
ATOM   1113 O O   . ILE B 1 79  ? 16.631  5.712   -2.995  1.00 28.88 ? 81   ILE B O   1 
ATOM   1114 C CB  . ILE B 1 79  ? 16.187  2.749   -3.553  1.00 26.27 ? 81   ILE B CB  1 
ATOM   1115 C CG1 . ILE B 1 79  ? 15.258  1.575   -3.934  1.00 27.45 ? 81   ILE B CG1 1 
ATOM   1116 C CG2 . ILE B 1 79  ? 17.548  2.199   -3.055  1.00 26.37 ? 81   ILE B CG2 1 
ATOM   1117 C CD1 . ILE B 1 79  ? 15.133  0.469   -2.934  1.00 26.62 ? 81   ILE B CD1 1 
ATOM   1118 N N   . GLY B 1 80  ? 16.962  4.863   -0.945  1.00 28.90 ? 82   GLY B N   1 
ATOM   1119 C CA  . GLY B 1 80  ? 17.748  5.986   -0.502  1.00 31.22 ? 82   GLY B CA  1 
ATOM   1120 C C   . GLY B 1 80  ? 19.146  5.961   -1.034  1.00 31.48 ? 82   GLY B C   1 
ATOM   1121 O O   . GLY B 1 80  ? 19.604  4.938   -1.542  1.00 30.51 ? 82   GLY B O   1 
ATOM   1122 N N   . LEU B 1 81  ? 19.830  7.100   -0.883  1.00 34.60 ? 83   LEU B N   1 
ATOM   1123 C CA  . LEU B 1 81  ? 21.250  7.222   -1.233  1.00 35.49 ? 83   LEU B CA  1 
ATOM   1124 C C   . LEU B 1 81  ? 22.037  6.087   -0.614  1.00 36.23 ? 83   LEU B C   1 
ATOM   1125 O O   . LEU B 1 81  ? 22.914  5.528   -1.254  1.00 37.37 ? 83   LEU B O   1 
ATOM   1126 C CB  . LEU B 1 81  ? 21.841  8.564   -0.738  1.00 36.83 ? 83   LEU B CB  1 
ATOM   1127 C CG  . LEU B 1 81  ? 21.175  9.888   -1.095  1.00 39.73 ? 83   LEU B CG  1 
ATOM   1128 C CD1 . LEU B 1 81  ? 22.142  11.052  -0.790  1.00 41.83 ? 83   LEU B CD1 1 
ATOM   1129 C CD2 . LEU B 1 81  ? 20.747  9.926   -2.559  1.00 41.24 ? 83   LEU B CD2 1 
ATOM   1130 N N   . ASP B 1 82  ? 21.715  5.731   0.629   1.00 35.83 ? 84   ASP B N   1 
ATOM   1131 C CA  . ASP B 1 82  ? 22.372  4.600   1.274   1.00 35.98 ? 84   ASP B CA  1 
ATOM   1132 C C   . ASP B 1 82  ? 21.851  3.196   0.867   1.00 35.26 ? 84   ASP B C   1 
ATOM   1133 O O   . ASP B 1 82  ? 22.354  2.183   1.357   1.00 35.37 ? 84   ASP B O   1 
ATOM   1134 C CB  . ASP B 1 82  ? 22.278  4.754   2.777   1.00 37.09 ? 84   ASP B CB  1 
ATOM   1135 C CG  . ASP B 1 82  ? 20.887  4.474   3.309   1.00 37.46 ? 84   ASP B CG  1 
ATOM   1136 O OD1 . ASP B 1 82  ? 19.938  4.321   2.514   1.00 39.27 ? 84   ASP B OD1 1 
ATOM   1137 O OD2 . ASP B 1 82  ? 20.765  4.424   4.530   1.00 40.81 ? 84   ASP B OD2 1 
ATOM   1138 N N   . GLY B 1 83  ? 20.865  3.138   -0.026  1.00 33.16 ? 85   GLY B N   1 
ATOM   1139 C CA  . GLY B 1 83  ? 20.329  1.888   -0.515  1.00 31.82 ? 85   GLY B CA  1 
ATOM   1140 C C   . GLY B 1 83  ? 19.175  1.330   0.309   1.00 30.57 ? 85   GLY B C   1 
ATOM   1141 O O   . GLY B 1 83  ? 18.708  0.223   0.044   1.00 30.54 ? 85   GLY B O   1 
ATOM   1142 N N   . GLY B 1 84  ? 18.707  2.075   1.304   1.00 29.64 ? 86   GLY B N   1 
ATOM   1143 C CA  . GLY B 1 84  ? 17.616  1.592   2.163   1.00 28.93 ? 86   GLY B CA  1 
ATOM   1144 C C   . GLY B 1 84  ? 16.233  1.822   1.572   1.00 28.07 ? 86   GLY B C   1 
ATOM   1145 O O   . GLY B 1 84  ? 16.089  2.410   0.485   1.00 26.52 ? 86   GLY B O   1 
ATOM   1146 N N   . ILE B 1 85  ? 15.209  1.426   2.344   1.00 28.14 ? 87   ILE B N   1 
ATOM   1147 C CA  . ILE B 1 85  ? 13.821  1.642   2.023   1.00 26.90 ? 87   ILE B CA  1 
ATOM   1148 C C   . ILE B 1 85  ? 13.388  3.024   2.561   1.00 27.68 ? 87   ILE B C   1 
ATOM   1149 O O   . ILE B 1 85  ? 13.092  3.220   3.760   1.00 27.49 ? 87   ILE B O   1 
ATOM   1150 C CB  . ILE B 1 85  ? 12.904  0.533   2.630   1.00 27.23 ? 87   ILE B CB  1 
ATOM   1151 C CG1 . ILE B 1 85  ? 13.350  -0.841  2.106   1.00 25.84 ? 87   ILE B CG1 1 
ATOM   1152 C CG2 . ILE B 1 85  ? 11.434  0.854   2.288   1.00 25.82 ? 87   ILE B CG2 1 
ATOM   1153 C CD1 . ILE B 1 85  ? 12.550  -2.068  2.631   1.00 26.77 ? 87   ILE B CD1 1 
ATOM   1154 N N   . ASP B 1 86  ? 13.349  3.985   1.668   1.00 27.53 ? 88   ASP B N   1 
ATOM   1155 C CA  . ASP B 1 86  ? 13.097  5.330   2.035   1.00 28.89 ? 88   ASP B CA  1 
ATOM   1156 C C   . ASP B 1 86  ? 11.648  5.748   1.838   1.00 28.54 ? 88   ASP B C   1 
ATOM   1157 O O   . ASP B 1 86  ? 11.297  6.890   2.082   1.00 31.43 ? 88   ASP B O   1 
ATOM   1158 C CB  . ASP B 1 86  ? 14.065  6.234   1.289   1.00 30.43 ? 88   ASP B CB  1 
ATOM   1159 C CG  . ASP B 1 86  ? 15.363  6.378   2.013   1.00 35.97 ? 88   ASP B CG  1 
ATOM   1160 O OD1 . ASP B 1 86  ? 15.684  5.522   2.888   1.00 42.08 ? 88   ASP B OD1 1 
ATOM   1161 O OD2 . ASP B 1 86  ? 16.052  7.392   1.740   1.00 43.87 ? 88   ASP B OD2 1 
ATOM   1162 N N   . GLY B 1 87  ? 10.782  4.835   1.472   1.00 26.80 ? 89   GLY B N   1 
ATOM   1163 C CA  . GLY B 1 87  ? 9.392   5.199   1.255   1.00 26.24 ? 89   GLY B CA  1 
ATOM   1164 C C   . GLY B 1 87  ? 8.706   4.127   0.461   1.00 26.14 ? 89   GLY B C   1 
ATOM   1165 O O   . GLY B 1 87  ? 9.344   3.435   -0.343  1.00 26.02 ? 89   GLY B O   1 
ATOM   1166 N N   . LEU B 1 88  ? 7.420   3.976   0.721   1.00 25.27 ? 90   LEU B N   1 
ATOM   1167 C CA  . LEU B 1 88  ? 6.599   3.015   0.062   1.00 25.34 ? 90   LEU B CA  1 
ATOM   1168 C C   . LEU B 1 88  ? 5.306   3.703   -0.313  1.00 24.41 ? 90   LEU B C   1 
ATOM   1169 O O   . LEU B 1 88  ? 4.599   4.218   0.546   1.00 22.76 ? 90   LEU B O   1 
ATOM   1170 C CB  . LEU B 1 88  ? 6.335   1.894   1.050   1.00 26.85 ? 90   LEU B CB  1 
ATOM   1171 C CG  . LEU B 1 88  ? 5.757   0.582   0.637   1.00 32.92 ? 90   LEU B CG  1 
ATOM   1172 C CD1 . LEU B 1 88  ? 6.340   0.090   -0.680  1.00 34.76 ? 90   LEU B CD1 1 
ATOM   1173 C CD2 . LEU B 1 88  ? 6.074   -0.362  1.810   1.00 38.23 ? 90   LEU B CD2 1 
ATOM   1174 N N   . VAL B 1 89  ? 4.991   3.690   -1.594  1.00 21.73 ? 91   VAL B N   1 
ATOM   1175 C CA  . VAL B 1 89  ? 3.840   4.414   -2.108  1.00 21.59 ? 91   VAL B CA  1 
ATOM   1176 C C   . VAL B 1 89  ? 2.952   3.560   -3.002  1.00 21.29 ? 91   VAL B C   1 
ATOM   1177 O O   . VAL B 1 89  ? 3.396   2.613   -3.598  1.00 21.06 ? 91   VAL B O   1 
ATOM   1178 C CB  . VAL B 1 89  ? 4.242   5.695   -2.899  1.00 21.74 ? 91   VAL B CB  1 
ATOM   1179 C CG1 . VAL B 1 89  ? 4.848   6.715   -1.982  1.00 23.20 ? 91   VAL B CG1 1 
ATOM   1180 C CG2 . VAL B 1 89  ? 5.177   5.348   -4.043  1.00 22.07 ? 91   VAL B CG2 1 
ATOM   1181 N N   . HIS B 1 90  ? 1.699   3.964   -3.117  1.00 21.82 ? 92   HIS B N   1 
ATOM   1182 C CA  . HIS B 1 90  ? 0.778   3.430   -4.110  1.00 24.01 ? 92   HIS B CA  1 
ATOM   1183 C C   . HIS B 1 90  ? 1.169   4.025   -5.473  1.00 24.76 ? 92   HIS B C   1 
ATOM   1184 O O   . HIS B 1 90  ? 1.495   5.199   -5.546  1.00 24.24 ? 92   HIS B O   1 
ATOM   1185 C CB  . HIS B 1 90  ? -0.658  3.866   -3.816  1.00 25.12 ? 92   HIS B CB  1 
ATOM   1186 C CG  . HIS B 1 90  ? -1.330  3.150   -2.697  1.00 26.80 ? 92   HIS B CG  1 
ATOM   1187 N ND1 . HIS B 1 90  ? -1.854  3.818   -1.607  1.00 33.13 ? 92   HIS B ND1 1 
ATOM   1188 C CD2 . HIS B 1 90  ? -1.671  1.850   -2.536  1.00 30.74 ? 92   HIS B CD2 1 
ATOM   1189 C CE1 . HIS B 1 90  ? -2.434  2.949   -0.797  1.00 30.63 ? 92   HIS B CE1 1 
ATOM   1190 N NE2 . HIS B 1 90  ? -2.352  1.752   -1.343  1.00 33.85 ? 92   HIS B NE2 1 
ATOM   1191 N N   . LEU B 1 91  ? 1.160   3.202   -6.514  1.00 26.76 ? 93   LEU B N   1 
ATOM   1192 C CA  . LEU B 1 91  ? 1.449   3.615   -7.906  1.00 28.20 ? 93   LEU B CA  1 
ATOM   1193 C C   . LEU B 1 91  ? 0.109   3.513   -8.600  1.00 29.75 ? 93   LEU B C   1 
ATOM   1194 O O   . LEU B 1 91  ? -0.406  2.427   -8.782  1.00 30.95 ? 93   LEU B O   1 
ATOM   1195 C CB  . LEU B 1 91  ? 2.434   2.649   -8.539  1.00 29.08 ? 93   LEU B CB  1 
ATOM   1196 C CG  . LEU B 1 91  ? 2.895   2.905   -9.976  1.00 28.45 ? 93   LEU B CG  1 
ATOM   1197 C CD1 . LEU B 1 91  ? 3.607   4.279   -10.075 1.00 27.53 ? 93   LEU B CD1 1 
ATOM   1198 C CD2 . LEU B 1 91  ? 3.819   1.773   -10.384 1.00 28.36 ? 93   LEU B CD2 1 
ATOM   1199 N N   . SER B 1 92  ? -0.507  4.656   -8.911  1.00 31.94 ? 94   SER B N   1 
ATOM   1200 C CA  . SER B 1 92  ? -1.931  4.704   -9.270  1.00 32.66 ? 94   SER B CA  1 
ATOM   1201 C C   . SER B 1 92  ? -2.068  4.424   -10.724 1.00 32.48 ? 94   SER B C   1 
ATOM   1202 O O   . SER B 1 92  ? -3.118  3.942   -11.192 1.00 34.37 ? 94   SER B O   1 
ATOM   1203 C CB  . SER B 1 92  ? -2.491  6.091   -8.983  1.00 32.91 ? 94   SER B CB  1 
ATOM   1204 O OG  . SER B 1 92  ? -2.105  6.449   -7.627  1.00 38.47 ? 94   SER B OG  1 
ATOM   1205 N N   . ASP B 1 93  ? -1.020  4.761   -11.475 1.00 31.76 ? 95   ASP B N   1 
ATOM   1206 C CA  . ASP B 1 93  ? -1.069  4.599   -12.886 1.00 31.56 ? 95   ASP B CA  1 
ATOM   1207 C C   . ASP B 1 93  ? 0.421   4.675   -13.228 1.00 30.50 ? 95   ASP B C   1 
ATOM   1208 O O   . ASP B 1 93  ? 1.176   5.311   -12.486 1.00 31.26 ? 95   ASP B O   1 
ATOM   1209 C CB  . ASP B 1 93  ? -1.909  5.720   -13.561 1.00 32.31 ? 95   ASP B CB  1 
ATOM   1210 C CG  . ASP B 1 93  ? -2.322  5.386   -15.002 1.00 37.40 ? 95   ASP B CG  1 
ATOM   1211 O OD1 . ASP B 1 93  ? -2.061  4.272   -15.461 1.00 45.88 ? 95   ASP B OD1 1 
ATOM   1212 O OD2 . ASP B 1 93  ? -2.891  6.243   -15.711 1.00 44.25 ? 95   ASP B OD2 1 
ATOM   1213 N N   . ILE B 1 94  ? 0.801   3.960   -14.284 1.00 26.87 ? 96   ILE B N   1 
ATOM   1214 C CA  . ILE B 1 94  ? 2.153   3.964   -14.847 1.00 25.41 ? 96   ILE B CA  1 
ATOM   1215 C C   . ILE B 1 94  ? 2.046   3.843   -16.355 1.00 24.78 ? 96   ILE B C   1 
ATOM   1216 O O   . ILE B 1 94  ? 1.215   3.074   -16.884 1.00 22.18 ? 96   ILE B O   1 
ATOM   1217 C CB  . ILE B 1 94  ? 3.093   2.895   -14.205 1.00 25.45 ? 96   ILE B CB  1 
ATOM   1218 C CG1 . ILE B 1 94  ? 4.538   3.127   -14.687 1.00 26.32 ? 96   ILE B CG1 1 
ATOM   1219 C CG2 . ILE B 1 94  ? 2.626   1.478   -14.428 1.00 26.36 ? 96   ILE B CG2 1 
ATOM   1220 C CD1 . ILE B 1 94  ? 5.542   2.461   -13.887 1.00 28.46 ? 96   ILE B CD1 1 
ATOM   1221 N N   . SER B 1 95  ? 2.887   4.595   -17.073 1.00 23.47 ? 97   SER B N   1 
ATOM   1222 C CA  . SER B 1 95  ? 2.891   4.554   -18.522 1.00 23.78 ? 97   SER B CA  1 
ATOM   1223 C C   . SER B 1 95  ? 4.297   4.803   -19.019 1.00 24.15 ? 97   SER B C   1 
ATOM   1224 O O   . SER B 1 95  ? 5.110   5.374   -18.284 1.00 23.61 ? 97   SER B O   1 
ATOM   1225 C CB  . SER B 1 95  ? 1.993   5.615   -19.138 1.00 25.52 ? 97   SER B CB  1 
ATOM   1226 O OG  . SER B 1 95  ? 2.280   6.906   -18.674 1.00 25.20 ? 97   SER B OG  1 
ATOM   1227 N N   . TRP B 1 96  ? 4.574   4.390   -20.242 1.00 22.95 ? 98   TRP B N   1 
ATOM   1228 C CA  . TRP B 1 96  ? 5.907   4.625   -20.798 1.00 23.42 ? 98   TRP B CA  1 
ATOM   1229 C C   . TRP B 1 96  ? 5.816   4.791   -22.272 1.00 25.31 ? 98   TRP B C   1 
ATOM   1230 O O   . TRP B 1 96  ? 4.776   4.537   -22.866 1.00 23.76 ? 98   TRP B O   1 
ATOM   1231 C CB  . TRP B 1 96  ? 6.858   3.490   -20.481 1.00 23.95 ? 98   TRP B CB  1 
ATOM   1232 C CG  . TRP B 1 96  ? 6.375   2.102   -20.815 1.00 22.61 ? 98   TRP B CG  1 
ATOM   1233 C CD1 . TRP B 1 96  ? 6.521   1.460   -21.983 1.00 21.47 ? 98   TRP B CD1 1 
ATOM   1234 C CD2 . TRP B 1 96  ? 5.725   1.187   -19.929 1.00 20.43 ? 98   TRP B CD2 1 
ATOM   1235 N NE1 . TRP B 1 96  ? 5.993   0.204   -21.911 1.00 21.97 ? 98   TRP B NE1 1 
ATOM   1236 C CE2 . TRP B 1 96  ? 5.529   -0.008  -20.645 1.00 22.49 ? 98   TRP B CE2 1 
ATOM   1237 C CE3 . TRP B 1 96  ? 5.325   1.251   -18.594 1.00 21.75 ? 98   TRP B CE3 1 
ATOM   1238 C CZ2 . TRP B 1 96  ? 4.885   -1.133  -20.082 1.00 24.46 ? 98   TRP B CZ2 1 
ATOM   1239 C CZ3 . TRP B 1 96  ? 4.696   0.159   -18.037 1.00 23.18 ? 98   TRP B CZ3 1 
ATOM   1240 C CH2 . TRP B 1 96  ? 4.486   -1.026  -18.779 1.00 20.70 ? 98   TRP B CH2 1 
ATOM   1241 N N   . ALA B 1 97  ? 6.919   5.263   -22.842 1.00 26.90 ? 99   ALA B N   1 
ATOM   1242 C CA  . ALA B 1 97  ? 6.995   5.581   -24.218 1.00 28.82 ? 99   ALA B CA  1 
ATOM   1243 C C   . ALA B 1 97  ? 6.914   4.316   -25.062 1.00 30.64 ? 99   ALA B C   1 
ATOM   1244 O O   . ALA B 1 97  ? 7.361   3.262   -24.653 1.00 30.65 ? 99   ALA B O   1 
ATOM   1245 C CB  . ALA B 1 97  ? 8.325   6.296   -24.483 1.00 29.44 ? 99   ALA B CB  1 
ATOM   1246 N N   . GLN B 1 98  ? 6.364   4.452   -26.253 1.00 33.46 ? 100  GLN B N   1 
ATOM   1247 C CA  . GLN B 1 98  ? 6.144   3.315   -27.129 1.00 36.24 ? 100  GLN B CA  1 
ATOM   1248 C C   . GLN B 1 98  ? 7.297   3.120   -28.079 1.00 36.90 ? 100  GLN B C   1 
ATOM   1249 O O   . GLN B 1 98  ? 7.932   4.108   -28.534 1.00 36.94 ? 100  GLN B O   1 
ATOM   1250 C CB  . GLN B 1 98  ? 4.850   3.530   -27.884 1.00 37.33 ? 100  GLN B CB  1 
ATOM   1251 C CG  . GLN B 1 98  ? 4.622   2.617   -29.113 1.00 39.00 ? 100  GLN B CG  1 
ATOM   1252 C CD  . GLN B 1 98  ? 3.177   2.696   -29.558 1.00 40.30 ? 100  GLN B CD  1 
ATOM   1253 O OE1 . GLN B 1 98  ? 2.367   3.375   -28.904 1.00 46.49 ? 100  GLN B OE1 1 
ATOM   1254 N NE2 . GLN B 1 98  ? 2.831   2.016   -30.674 1.00 44.94 ? 100  GLN B NE2 1 
ATOM   1255 N N   . ALA B 1 99  ? 7.551   1.849   -28.393 1.00 37.07 ? 101  ALA B N   1 
ATOM   1256 C CA  . ALA B 1 99  ? 8.782   1.443   -29.068 1.00 38.12 ? 101  ALA B CA  1 
ATOM   1257 C C   . ALA B 1 99  ? 8.601   1.363   -30.591 1.00 38.36 ? 101  ALA B C   1 
ATOM   1258 O O   . ALA B 1 99  ? 9.348   1.981   -31.369 1.00 38.88 ? 101  ALA B O   1 
ATOM   1259 C CB  . ALA B 1 99  ? 9.251   0.100   -28.508 1.00 38.14 ? 101  ALA B CB  1 
HETATM 1260 O O   . HOH C 2 .   ? 4.448   16.033  -8.459  1.00 54.33 ? 2001 HOH A O   1 
HETATM 1261 O O   . HOH C 2 .   ? 1.455   12.961  -6.894  1.00 45.89 ? 2002 HOH A O   1 
HETATM 1262 O O   . HOH C 2 .   ? 3.856   15.304  -14.205 1.00 61.44 ? 2003 HOH A O   1 
HETATM 1263 O O   . HOH C 2 .   ? 8.390   9.160   -11.839 1.00 50.88 ? 2004 HOH A O   1 
HETATM 1264 O O   . HOH C 2 .   ? 9.503   13.265  -10.634 1.00 40.83 ? 2005 HOH A O   1 
HETATM 1265 O O   . HOH C 2 .   ? 20.515  1.476   -16.421 1.00 42.65 ? 2006 HOH A O   1 
HETATM 1266 O O   . HOH C 2 .   ? 23.081  4.151   -13.725 1.00 55.89 ? 2007 HOH A O   1 
HETATM 1267 O O   . HOH C 2 .   ? 18.881  -0.014  -9.788  1.00 32.91 ? 2008 HOH A O   1 
HETATM 1268 O O   . HOH C 2 .   ? 16.031  -3.232  -18.572 1.00 35.71 ? 2009 HOH A O   1 
HETATM 1269 O O   . HOH C 2 .   ? 13.648  -7.204  -18.868 1.00 33.17 ? 2010 HOH A O   1 
HETATM 1270 O O   . HOH C 2 .   ? 11.782  -11.197 -13.444 1.00 61.56 ? 2011 HOH A O   1 
HETATM 1271 O O   . HOH C 2 .   ? 11.349  -11.996 -17.333 1.00 39.19 ? 2012 HOH A O   1 
HETATM 1272 O O   . HOH C 2 .   ? 19.912  1.568   -11.822 1.00 36.85 ? 2013 HOH A O   1 
HETATM 1273 O O   . HOH C 2 .   ? 3.448   -4.481  -18.883 1.00 36.78 ? 2014 HOH A O   1 
HETATM 1274 O O   . HOH C 2 .   ? 3.708   -5.598  -21.252 1.00 41.72 ? 2015 HOH A O   1 
HETATM 1275 O O   . HOH C 2 .   ? 2.973   -10.511 -14.935 1.00 33.27 ? 2016 HOH A O   1 
HETATM 1276 O O   . HOH C 2 .   ? 6.762   -10.229 -22.476 1.00 57.55 ? 2017 HOH A O   1 
HETATM 1277 O O   . HOH C 2 .   ? 2.286   -9.559  -18.872 1.00 45.75 ? 2018 HOH A O   1 
HETATM 1278 O O   . HOH C 2 .   ? 8.951   -7.240  -20.669 1.00 23.48 ? 2019 HOH A O   1 
HETATM 1279 O O   . HOH C 2 .   ? 8.348   -7.555  -23.374 1.00 54.87 ? 2020 HOH A O   1 
HETATM 1280 O O   . HOH C 2 .   ? 5.756   -10.760 -11.963 1.00 32.30 ? 2021 HOH A O   1 
HETATM 1281 O O   . HOH C 2 .   ? 17.737  11.208  -15.189 1.00 37.82 ? 2022 HOH A O   1 
HETATM 1282 O O   . HOH C 2 .   ? 14.530  -2.281  -8.483  1.00 50.40 ? 2023 HOH A O   1 
HETATM 1283 O O   . HOH C 2 .   ? 15.672  11.409  -8.634  1.00 35.08 ? 2024 HOH A O   1 
HETATM 1284 O O   . HOH C 2 .   ? 15.002  11.522  -14.350 1.00 29.67 ? 2025 HOH A O   1 
HETATM 1285 O O   . HOH C 2 .   ? 16.289  15.683  -8.883  1.00 48.52 ? 2026 HOH A O   1 
HETATM 1286 O O   . HOH C 2 .   ? 14.877  17.933  -6.893  1.00 47.64 ? 2027 HOH A O   1 
HETATM 1287 O O   . HOH C 2 .   ? 14.665  13.425  -2.170  1.00 52.54 ? 2028 HOH A O   1 
HETATM 1288 O O   . HOH C 2 .   ? 13.214  10.950  -5.955  1.00 33.49 ? 2029 HOH A O   1 
HETATM 1289 O O   . HOH C 2 .   ? 19.494  3.543   -6.242  1.00 39.21 ? 2030 HOH A O   1 
HETATM 1290 O O   . HOH C 2 .   ? 17.475  9.567   -7.930  1.00 44.11 ? 2031 HOH A O   1 
HETATM 1291 O O   . HOH C 2 .   ? 5.661   -10.105 -9.199  1.00 31.26 ? 2032 HOH A O   1 
HETATM 1292 O O   . HOH C 2 .   ? 2.252   -9.187  -9.749  1.00 40.06 ? 2033 HOH A O   1 
HETATM 1293 O O   . HOH C 2 .   ? 3.707   -7.742  -11.244 1.00 33.29 ? 2034 HOH A O   1 
HETATM 1294 O O   . HOH C 2 .   ? -0.288  -8.809  -10.339 1.00 45.78 ? 2035 HOH A O   1 
HETATM 1295 O O   . HOH C 2 .   ? -3.933  -6.641  -9.870  1.00 42.58 ? 2036 HOH A O   1 
HETATM 1296 O O   . HOH C 2 .   ? 2.098   -8.578  -13.199 1.00 31.11 ? 2037 HOH A O   1 
HETATM 1297 O O   . HOH C 2 .   ? -0.593  -9.059  -13.750 1.00 45.54 ? 2038 HOH A O   1 
HETATM 1298 O O   . HOH C 2 .   ? 0.186   -10.034 -16.310 1.00 55.21 ? 2039 HOH A O   1 
HETATM 1299 O O   . HOH C 2 .   ? -4.531  1.537   -21.217 1.00 34.98 ? 2040 HOH A O   1 
HETATM 1300 O O   . HOH C 2 .   ? -3.311  -1.285  -21.814 1.00 35.15 ? 2041 HOH A O   1 
HETATM 1301 O O   . HOH C 2 .   ? -4.371  0.427   -28.704 1.00 43.47 ? 2042 HOH A O   1 
HETATM 1302 O O   . HOH C 2 .   ? -0.215  1.763   -26.857 1.00 40.92 ? 2043 HOH A O   1 
HETATM 1303 O O   . HOH C 2 .   ? 13.899  -5.543  -23.438 1.00 48.12 ? 2044 HOH A O   1 
HETATM 1304 O O   . HOH C 2 .   ? 9.117   -6.036  -25.197 1.00 50.32 ? 2045 HOH A O   1 
HETATM 1305 O O   . HOH C 2 .   ? 16.273  -5.502  -24.440 0.50 52.40 ? 2046 HOH A O   1 
HETATM 1306 O O   . HOH C 2 .   ? 21.384  3.936   -17.647 1.00 48.05 ? 2047 HOH A O   1 
HETATM 1307 O O   . HOH C 2 .   ? 18.608  2.442   -24.404 1.00 20.51 ? 2048 HOH A O   1 
HETATM 1308 O O   . HOH C 2 .   ? 23.865  2.076   -17.911 1.00 51.24 ? 2049 HOH A O   1 
HETATM 1309 O O   . HOH C 2 .   ? 17.359  -1.143  -21.710 1.00 36.61 ? 2050 HOH A O   1 
HETATM 1310 O O   . HOH C 2 .   ? 7.814   12.253  -17.803 1.00 71.23 ? 2051 HOH A O   1 
HETATM 1311 O O   . HOH C 2 .   ? 6.504   11.673  -20.945 1.00 41.43 ? 2052 HOH A O   1 
HETATM 1312 O O   . HOH C 2 .   ? 4.194   8.718   1.222   1.00 33.92 ? 2053 HOH A O   1 
HETATM 1313 O O   . HOH C 2 .   ? -0.800  11.155  -1.522  1.00 34.30 ? 2054 HOH A O   1 
HETATM 1314 O O   . HOH C 2 .   ? -3.631  4.175   1.617   1.00 25.82 ? 2055 HOH A O   1 
HETATM 1315 O O   . HOH C 2 .   ? -3.232  8.190   7.636   1.00 38.70 ? 2056 HOH A O   1 
HETATM 1316 O O   . HOH C 2 .   ? 0.526   -12.364 14.780  1.00 32.92 ? 2057 HOH A O   1 
HETATM 1317 O O   . HOH C 2 .   ? 4.013   -11.515 17.325  1.00 37.79 ? 2058 HOH A O   1 
HETATM 1318 O O   . HOH C 2 .   ? 7.010   -13.560 18.761  1.00 42.41 ? 2059 HOH A O   1 
HETATM 1319 O O   . HOH C 2 .   ? 2.386   -16.725 11.487  1.00 40.94 ? 2060 HOH A O   1 
HETATM 1320 O O   . HOH C 2 .   ? 11.048  -14.226 16.535  1.00 44.62 ? 2061 HOH A O   1 
HETATM 1321 O O   . HOH C 2 .   ? 11.754  -16.674 12.704  1.00 45.57 ? 2062 HOH A O   1 
HETATM 1322 O O   . HOH C 2 .   ? 8.445   -17.327 9.904   1.00 42.28 ? 2063 HOH A O   1 
HETATM 1323 O O   . HOH C 2 .   ? 7.561   -12.483 5.710   1.00 34.08 ? 2064 HOH A O   1 
HETATM 1324 O O   . HOH C 2 .   ? 7.096   -13.862 9.839   1.00 33.28 ? 2065 HOH A O   1 
HETATM 1325 O O   . HOH C 2 .   ? -0.724  -6.738  -0.394  1.00 19.36 ? 2066 HOH A O   1 
HETATM 1326 O O   . HOH C 2 .   ? -6.016  1.113   -3.889  1.00 67.04 ? 2067 HOH A O   1 
HETATM 1327 O O   . HOH C 2 .   ? -8.652  4.041   2.551   1.00 31.54 ? 2068 HOH A O   1 
HETATM 1328 O O   . HOH C 2 .   ? -10.714 1.805   -1.832  1.00 42.53 ? 2069 HOH A O   1 
HETATM 1329 O O   . HOH C 2 .   ? -15.707 -1.882  7.595   1.00 45.39 ? 2070 HOH A O   1 
HETATM 1330 O O   . HOH C 2 .   ? -17.360 4.296   15.328  1.00 52.01 ? 2071 HOH A O   1 
HETATM 1331 O O   . HOH C 2 .   ? -16.967 2.931   12.984  1.00 43.23 ? 2072 HOH A O   1 
HETATM 1332 O O   . HOH C 2 .   ? -16.742 -1.366  21.723  1.00 44.28 ? 2073 HOH A O   1 
HETATM 1333 O O   . HOH C 2 .   ? -20.541 10.037  19.888  1.00 52.87 ? 2074 HOH A O   1 
HETATM 1334 O O   . HOH C 2 .   ? -21.323 2.972   17.934  1.00 46.36 ? 2075 HOH A O   1 
HETATM 1335 O O   . HOH C 2 .   ? -19.179 3.850   17.311  1.00 47.03 ? 2076 HOH A O   1 
HETATM 1336 O O   . HOH C 2 .   ? -14.705 4.975   23.592  1.00 27.16 ? 2077 HOH A O   1 
HETATM 1337 O O   . HOH C 2 .   ? -20.275 0.404   25.298  1.00 45.69 ? 2078 HOH A O   1 
HETATM 1338 O O   . HOH D 2 .   ? -8.794  -13.650 1.209   1.00 56.86 ? 2001 HOH B O   1 
HETATM 1339 O O   . HOH D 2 .   ? -5.527  -9.475  0.945   1.00 61.44 ? 2002 HOH B O   1 
HETATM 1340 O O   . HOH D 2 .   ? -8.353  -14.113 3.592   1.00 50.34 ? 2003 HOH B O   1 
HETATM 1341 O O   . HOH D 2 .   ? -14.288 -10.808 1.187   1.00 54.63 ? 2004 HOH B O   1 
HETATM 1342 O O   . HOH D 2 .   ? -11.116 -12.239 9.295   1.00 37.64 ? 2005 HOH B O   1 
HETATM 1343 O O   . HOH D 2 .   ? -8.757  -9.134  22.231  1.00 44.32 ? 2006 HOH B O   1 
HETATM 1344 O O   . HOH D 2 .   ? 0.559   -9.672  20.941  1.00 38.76 ? 2007 HOH B O   1 
HETATM 1345 O O   . HOH D 2 .   ? -4.815  -9.440  23.580  1.00 61.16 ? 2008 HOH B O   1 
HETATM 1346 O O   . HOH D 2 .   ? -1.658  -10.784 22.984  1.00 57.28 ? 2009 HOH B O   1 
HETATM 1347 O O   . HOH D 2 .   ? -0.706  3.283   22.753  1.00 59.18 ? 2010 HOH B O   1 
HETATM 1348 O O   . HOH D 2 .   ? -2.539  4.687   23.256  1.00 32.87 ? 2011 HOH B O   1 
HETATM 1349 O O   . HOH D 2 .   ? 0.546   -10.944 24.208  1.00 81.39 ? 2012 HOH B O   1 
HETATM 1350 O O   . HOH D 2 .   ? -10.321 11.924  18.086  1.00 42.72 ? 2013 HOH B O   1 
HETATM 1351 O O   . HOH D 2 .   ? 0.185   8.834   12.416  1.00 46.66 ? 2014 HOH B O   1 
HETATM 1352 O O   . HOH D 2 .   ? -1.087  9.428   14.497  1.00 32.14 ? 2015 HOH B O   1 
HETATM 1353 O O   . HOH D 2 .   ? -4.050  13.396  15.451  1.00 56.89 ? 2016 HOH B O   1 
HETATM 1354 O O   . HOH D 2 .   ? -2.123  -16.519 6.452   1.00 59.21 ? 2017 HOH B O   1 
HETATM 1355 O O   . HOH D 2 .   ? -1.247  -1.525  18.658  1.00 46.80 ? 2018 HOH B O   1 
HETATM 1356 O O   . HOH D 2 .   ? -7.565  -11.011 20.519  1.00 53.70 ? 2019 HOH B O   1 
HETATM 1357 O O   . HOH D 2 .   ? -4.157  -12.293 18.741  1.00 37.94 ? 2020 HOH B O   1 
HETATM 1358 O O   . HOH D 2 .   ? -10.977 -12.824 16.180  1.00 34.17 ? 2021 HOH B O   1 
HETATM 1359 O O   . HOH D 2 .   ? -4.726  -13.830 10.249  1.00 31.93 ? 2022 HOH B O   1 
HETATM 1360 O O   . HOH D 2 .   ? -5.892  -14.603 13.399  1.00 37.53 ? 2023 HOH B O   1 
HETATM 1361 O O   . HOH D 2 .   ? -2.482  -17.262 8.582   1.00 42.45 ? 2024 HOH B O   1 
HETATM 1362 O O   . HOH D 2 .   ? 1.758   -10.332 16.724  1.00 34.35 ? 2025 HOH B O   1 
HETATM 1363 O O   . HOH D 2 .   ? -4.015  -14.058 14.958  1.00 45.98 ? 2026 HOH B O   1 
HETATM 1364 O O   . HOH D 2 .   ? 0.281   0.146   14.379  1.00 50.56 ? 2027 HOH B O   1 
HETATM 1365 O O   . HOH D 2 .   ? -7.613  8.569   12.170  1.00 51.93 ? 2028 HOH B O   1 
HETATM 1366 O O   . HOH D 2 .   ? -14.676 3.453   4.178   1.00 49.73 ? 2029 HOH B O   1 
HETATM 1367 O O   . HOH D 2 .   ? -10.090 8.551   11.669  1.00 50.28 ? 2030 HOH B O   1 
HETATM 1368 O O   . HOH D 2 .   ? -17.756 14.021  11.043  1.00 73.44 ? 2031 HOH B O   1 
HETATM 1369 O O   . HOH D 2 .   ? -10.929 8.568   19.116  1.00 44.19 ? 2032 HOH B O   1 
HETATM 1370 O O   . HOH D 2 .   ? -12.127 9.722   15.646  1.00 46.99 ? 2033 HOH B O   1 
HETATM 1371 O O   . HOH D 2 .   ? -9.280  -0.212  23.648  1.00 40.77 ? 2034 HOH B O   1 
HETATM 1372 O O   . HOH D 2 .   ? -6.778  -0.170  23.653  1.00 29.79 ? 2035 HOH B O   1 
HETATM 1373 O O   . HOH D 2 .   ? -13.335 -11.199 22.636  1.00 41.56 ? 2036 HOH B O   1 
HETATM 1374 O O   . HOH D 2 .   ? -15.339 -10.628 15.160  1.00 45.82 ? 2037 HOH B O   1 
HETATM 1375 O O   . HOH D 2 .   ? -19.130 -14.349 19.864  1.00 63.09 ? 2038 HOH B O   1 
HETATM 1376 O O   . HOH D 2 .   ? -17.221 -2.925  17.788  1.00 30.59 ? 2039 HOH B O   1 
HETATM 1377 O O   . HOH D 2 .   ? -16.902 -5.755  6.969   1.00 51.34 ? 2040 HOH B O   1 
HETATM 1378 O O   . HOH D 2 .   ? -11.485 -5.653  -0.792  1.00 45.05 ? 2041 HOH B O   1 
HETATM 1379 O O   . HOH D 2 .   ? -13.455 -2.424  -5.545  1.00 76.77 ? 2042 HOH B O   1 
HETATM 1380 O O   . HOH D 2 .   ? -5.206  -4.766  -5.475  1.00 42.55 ? 2043 HOH B O   1 
HETATM 1381 O O   . HOH D 2 .   ? -7.129  -7.667  -3.025  1.00 30.94 ? 2044 HOH B O   1 
HETATM 1382 O O   . HOH D 2 .   ? -1.512  -9.012  -0.129  1.00 32.40 ? 2045 HOH B O   1 
HETATM 1383 O O   . HOH D 2 .   ? -4.091  -1.555  -7.891  1.00 42.50 ? 2046 HOH B O   1 
HETATM 1384 O O   . HOH D 2 .   ? -2.363  -1.701  -5.747  1.00 26.15 ? 2047 HOH B O   1 
HETATM 1385 O O   . HOH D 2 .   ? -1.641  0.599   -5.004  1.00 34.28 ? 2048 HOH B O   1 
HETATM 1386 O O   . HOH D 2 .   ? -1.083  -1.722  -13.206 1.00 30.35 ? 2049 HOH B O   1 
HETATM 1387 O O   . HOH D 2 .   ? 18.302  6.067   -4.834  1.00 34.74 ? 2050 HOH B O   1 
HETATM 1388 O O   . HOH D 2 .   ? 23.586  -0.791  0.013   1.00 45.87 ? 2051 HOH B O   1 
HETATM 1389 O O   . HOH D 2 .   ? 16.778  -1.358  0.305   1.00 36.38 ? 2052 HOH B O   1 
HETATM 1390 O O   . HOH D 2 .   ? 13.779  5.247   5.838   1.00 43.83 ? 2053 HOH B O   1 
HETATM 1391 O O   . HOH D 2 .   ? 18.573  8.705   1.727   1.00 39.85 ? 2054 HOH B O   1 
HETATM 1392 O O   . HOH D 2 .   ? 9.468   8.996   1.600   1.00 46.35 ? 2055 HOH B O   1 
HETATM 1393 O O   . HOH D 2 .   ? 3.293   6.162   1.592   1.00 21.18 ? 2056 HOH B O   1 
HETATM 1394 O O   . HOH D 2 .   ? -2.903  2.261   -6.356  1.00 40.95 ? 2057 HOH B O   1 
HETATM 1395 O O   . HOH D 2 .   ? 0.291   5.952   -15.138 1.00 51.85 ? 2058 HOH B O   1 
HETATM 1396 O O   . HOH D 2 .   ? 0.741   1.525   -18.610 1.00 47.88 ? 2059 HOH B O   1 
HETATM 1397 O O   . HOH D 2 .   ? 1.006   7.974   -16.127 1.00 37.22 ? 2060 HOH B O   1 
HETATM 1398 O O   . HOH D 2 .   ? 1.770   5.032   -24.736 1.00 52.05 ? 2061 HOH B O   1 
HETATM 1399 O O   . HOH D 2 .   ? 2.858   2.513   -25.018 1.00 50.68 ? 2062 HOH B O   1 
HETATM 1400 O O   . HOH D 2 .   ? 8.800   1.185   -24.883 1.00 40.18 ? 2063 HOH B O   1 
HETATM 1401 O O   . HOH D 2 .   ? 10.678  4.582   -27.640 1.00 50.83 ? 2064 HOH B O   1 
HETATM 1402 O O   . HOH D 2 .   ? 11.478  3.015   -29.790 1.00 38.60 ? 2065 HOH B O   1 
HETATM 1403 O O   . HOH D 2 .   ? 5.847   -0.372  -29.321 1.00 45.84 ? 2066 HOH B O   1 
# 
